data_9DED
# 
_entry.id   9DED 
# 
_audit_conform.dict_name       mmcif_pdbx.dic 
_audit_conform.dict_version    5.403 
_audit_conform.dict_location   http://mmcif.pdb.org/dictionaries/ascii/mmcif_pdbx.dic 
# 
loop_
_database_2.database_id 
_database_2.database_code 
_database_2.pdbx_database_accession 
_database_2.pdbx_DOI 
PDB   9DED         pdb_00009ded 10.2210/pdb9ded/pdb 
WWPDB D_1000287828 ?            ?                   
# 
loop_
_pdbx_audit_revision_history.ordinal 
_pdbx_audit_revision_history.data_content_type 
_pdbx_audit_revision_history.major_revision 
_pdbx_audit_revision_history.minor_revision 
_pdbx_audit_revision_history.revision_date 
_pdbx_audit_revision_history.part_number 
1 'Structure model' 1 0 2025-02-19 ? 
2 'Structure model' 1 1 2025-02-26 ? 
3 'Structure model' 1 2 2025-04-30 ? 
# 
_pdbx_audit_revision_details.ordinal             1 
_pdbx_audit_revision_details.revision_ordinal    1 
_pdbx_audit_revision_details.data_content_type   'Structure model' 
_pdbx_audit_revision_details.provider            repository 
_pdbx_audit_revision_details.type                'Initial release' 
_pdbx_audit_revision_details.description         ? 
_pdbx_audit_revision_details.details             ? 
# 
loop_
_pdbx_audit_revision_group.ordinal 
_pdbx_audit_revision_group.revision_ordinal 
_pdbx_audit_revision_group.data_content_type 
_pdbx_audit_revision_group.group 
1 2 'Structure model' 'Database references' 
2 3 'Structure model' 'Database references' 
# 
loop_
_pdbx_audit_revision_category.ordinal 
_pdbx_audit_revision_category.revision_ordinal 
_pdbx_audit_revision_category.data_content_type 
_pdbx_audit_revision_category.category 
1 2 'Structure model' citation        
2 2 'Structure model' citation_author 
3 3 'Structure model' citation        
4 3 'Structure model' citation_author 
# 
loop_
_pdbx_audit_revision_item.ordinal 
_pdbx_audit_revision_item.revision_ordinal 
_pdbx_audit_revision_item.data_content_type 
_pdbx_audit_revision_item.item 
1  2 'Structure model' '_citation.country'                 
2  2 'Structure model' '_citation.journal_abbrev'          
3  2 'Structure model' '_citation.journal_id_ASTM'         
4  2 'Structure model' '_citation.journal_id_CSD'          
5  2 'Structure model' '_citation.journal_id_ISSN'         
6  2 'Structure model' '_citation.page_first'              
7  2 'Structure model' '_citation.page_last'               
8  2 'Structure model' '_citation.pdbx_database_id_DOI'    
9  2 'Structure model' '_citation.pdbx_database_id_PubMed' 
10 2 'Structure model' '_citation.title'                   
11 2 'Structure model' '_citation.year'                    
12 3 'Structure model' '_citation.journal_volume'          
13 3 'Structure model' '_citation_author.name'             
# 
_pdbx_database_status.status_code                     REL 
_pdbx_database_status.status_code_sf                  REL 
_pdbx_database_status.status_code_mr                  ? 
_pdbx_database_status.entry_id                        9DED 
_pdbx_database_status.recvd_initial_deposition_date   2024-08-28 
_pdbx_database_status.SG_entry                        N 
_pdbx_database_status.deposit_site                    RCSB 
_pdbx_database_status.process_site                    RCSB 
_pdbx_database_status.status_code_cs                  ? 
_pdbx_database_status.status_code_nmr_data            ? 
_pdbx_database_status.methods_development_category    ? 
_pdbx_database_status.pdb_format_compatible           Y 
# 
_pdbx_contact_author.id                 2 
_pdbx_contact_author.email              dabaker@uw.edu 
_pdbx_contact_author.name_first         David 
_pdbx_contact_author.name_last          Baker 
_pdbx_contact_author.name_mi            ? 
_pdbx_contact_author.role               'principal investigator/group leader' 
_pdbx_contact_author.identifier_ORCID   0000-0001-7896-6217 
# 
loop_
_audit_author.name 
_audit_author.pdbx_ordinal 
_audit_author.identifier_ORCID 
'Pellock, S.J.' 1 0000-0002-7557-7985 
'Lauko, A.'     2 ?                   
'Bera, A.'      3 0000-0001-9473-2912 
# 
_citation.abstract                  ? 
_citation.abstract_id_CAS           ? 
_citation.book_id_ISBN              ? 
_citation.book_publisher            ? 
_citation.book_publisher_city       ? 
_citation.book_title                ? 
_citation.coordinate_linkage        ? 
_citation.country                   US 
_citation.database_id_Medline       ? 
_citation.details                   ? 
_citation.id                        primary 
_citation.journal_abbrev            Science 
_citation.journal_id_ASTM           SCIEAS 
_citation.journal_id_CSD            0038 
_citation.journal_id_ISSN           1095-9203 
_citation.journal_full              ? 
_citation.journal_issue             ? 
_citation.journal_volume            388 
_citation.language                  ? 
_citation.page_first                eadu2454 
_citation.page_last                 eadu2454 
_citation.title                     'Computational design of serine hydrolases.' 
_citation.year                      2025 
_citation.database_id_CSD           ? 
_citation.pdbx_database_id_DOI      10.1126/science.adu2454 
_citation.pdbx_database_id_PubMed   39946508 
_citation.pdbx_database_id_patent   ? 
_citation.unpublished_flag          ? 
# 
loop_
_citation_author.citation_id 
_citation_author.name 
_citation_author.ordinal 
_citation_author.identifier_ORCID 
primary 'Lauko, A.'         1  0000-0001-5903-3518 
primary 'Pellock, S.J.'     2  0000-0002-7557-7985 
primary 'Sumida, K.H.'      3  0000-0003-2773-9676 
primary 'Anishchenko, I.'   4  0000-0003-3645-2044 
primary 'Juergens, D.'      5  0000-0001-6425-8391 
primary 'Ahern, W.'         6  0009-0006-1247-8847 
primary 'Jeung, J.'         7  0009-0004-8604-908X 
primary 'Shida, A.F.'       8  0000-0003-4140-6085 
primary 'Hunt, A.'          9  0000-0001-9620-593X 
primary 'Kalvet, I.'        10 0000-0002-6610-2857 
primary 'Norn, C.'          11 0000-0002-1450-4651 
primary 'Humphreys, I.R.'   12 ?                   
primary 'Jamieson, C.'      13 ?                   
primary 'Krishna, R.'       14 0009-0003-6387-9622 
primary 'Kipnis, Y.'        15 0000-0002-3057-4916 
primary 'Kang, A.'          16 0000-0001-5487-0499 
primary 'Brackenbrough, E.' 17 0009-0004-1476-0219 
primary 'Bera, A.K.'        18 0000-0001-9473-2912 
primary 'Sankaran, B.'      19 0000-0002-3266-8131 
primary 'Houk, K.N.'        20 0000-0002-8387-5261 
primary 'Baker, D.'         21 0000-0001-7896-6217 
# 
loop_
_entity.id 
_entity.type 
_entity.src_method 
_entity.pdbx_description 
_entity.formula_weight 
_entity.pdbx_number_of_molecules 
_entity.pdbx_ec 
_entity.pdbx_mutation 
_entity.pdbx_fragment 
_entity.details 
1 polymer man 'Design protein n8' 13692.180 1  ? ? ? ? 
2 water   nat water               18.015    72 ? ? ? ? 
# 
_entity_poly.entity_id                      1 
_entity_poly.type                           'polypeptide(L)' 
_entity_poly.nstd_linkage                   no 
_entity_poly.nstd_monomer                   no 
_entity_poly.pdbx_seq_one_letter_code       
;MSGEEERFRAYYERYFAALAARDYETLLEILREFGVAKLVLNGREFASPEEAVQWARDTGLRFLRLIRERYEDGVYTVED
IVSRDDGRYYRHTSTLRRQPDGSYVQYSQLELLGSG
;
_entity_poly.pdbx_seq_one_letter_code_can   
;MSGEEERFRAYYERYFAALAARDYETLLEILREFGVAKLVLNGREFASPEEAVQWARDTGLRFLRLIRERYEDGVYTVED
IVSRDDGRYYRHTSTLRRQPDGSYVQYSQLELLGSG
;
_entity_poly.pdbx_strand_id                 A 
_entity_poly.pdbx_target_identifier         ? 
# 
_pdbx_entity_nonpoly.entity_id   2 
_pdbx_entity_nonpoly.name        water 
_pdbx_entity_nonpoly.comp_id     HOH 
# 
loop_
_entity_poly_seq.entity_id 
_entity_poly_seq.num 
_entity_poly_seq.mon_id 
_entity_poly_seq.hetero 
1 1   MET n 
1 2   SER n 
1 3   GLY n 
1 4   GLU n 
1 5   GLU n 
1 6   GLU n 
1 7   ARG n 
1 8   PHE n 
1 9   ARG n 
1 10  ALA n 
1 11  TYR n 
1 12  TYR n 
1 13  GLU n 
1 14  ARG n 
1 15  TYR n 
1 16  PHE n 
1 17  ALA n 
1 18  ALA n 
1 19  LEU n 
1 20  ALA n 
1 21  ALA n 
1 22  ARG n 
1 23  ASP n 
1 24  TYR n 
1 25  GLU n 
1 26  THR n 
1 27  LEU n 
1 28  LEU n 
1 29  GLU n 
1 30  ILE n 
1 31  LEU n 
1 32  ARG n 
1 33  GLU n 
1 34  PHE n 
1 35  GLY n 
1 36  VAL n 
1 37  ALA n 
1 38  LYS n 
1 39  LEU n 
1 40  VAL n 
1 41  LEU n 
1 42  ASN n 
1 43  GLY n 
1 44  ARG n 
1 45  GLU n 
1 46  PHE n 
1 47  ALA n 
1 48  SER n 
1 49  PRO n 
1 50  GLU n 
1 51  GLU n 
1 52  ALA n 
1 53  VAL n 
1 54  GLN n 
1 55  TRP n 
1 56  ALA n 
1 57  ARG n 
1 58  ASP n 
1 59  THR n 
1 60  GLY n 
1 61  LEU n 
1 62  ARG n 
1 63  PHE n 
1 64  LEU n 
1 65  ARG n 
1 66  LEU n 
1 67  ILE n 
1 68  ARG n 
1 69  GLU n 
1 70  ARG n 
1 71  TYR n 
1 72  GLU n 
1 73  ASP n 
1 74  GLY n 
1 75  VAL n 
1 76  TYR n 
1 77  THR n 
1 78  VAL n 
1 79  GLU n 
1 80  ASP n 
1 81  ILE n 
1 82  VAL n 
1 83  SER n 
1 84  ARG n 
1 85  ASP n 
1 86  ASP n 
1 87  GLY n 
1 88  ARG n 
1 89  TYR n 
1 90  TYR n 
1 91  ARG n 
1 92  HIS n 
1 93  THR n 
1 94  SER n 
1 95  THR n 
1 96  LEU n 
1 97  ARG n 
1 98  ARG n 
1 99  GLN n 
1 100 PRO n 
1 101 ASP n 
1 102 GLY n 
1 103 SER n 
1 104 TYR n 
1 105 VAL n 
1 106 GLN n 
1 107 TYR n 
1 108 SER n 
1 109 GLN n 
1 110 LEU n 
1 111 GLU n 
1 112 LEU n 
1 113 LEU n 
1 114 GLY n 
1 115 SER n 
1 116 GLY n 
# 
_entity_src_gen.entity_id                          1 
_entity_src_gen.pdbx_src_id                        1 
_entity_src_gen.pdbx_alt_source_flag               sample 
_entity_src_gen.pdbx_seq_type                      'Biological sequence' 
_entity_src_gen.pdbx_beg_seq_num                   1 
_entity_src_gen.pdbx_end_seq_num                   116 
_entity_src_gen.gene_src_common_name               ? 
_entity_src_gen.gene_src_genus                     ? 
_entity_src_gen.pdbx_gene_src_gene                 
'AX245_05475, DX05_04210, EN72_04240, RDF_0711, SA111_00802, TH70_0496, WA02_00660, WA04_01435, WA05_01900, WA34_15420' 
_entity_src_gen.gene_src_species                   ? 
_entity_src_gen.gene_src_strain                    ? 
_entity_src_gen.gene_src_tissue                    ? 
_entity_src_gen.gene_src_tissue_fraction           ? 
_entity_src_gen.gene_src_details                   ? 
_entity_src_gen.pdbx_gene_src_fragment             ? 
_entity_src_gen.pdbx_gene_src_scientific_name      'synthetic construct' 
_entity_src_gen.pdbx_gene_src_ncbi_taxonomy_id     32630 
_entity_src_gen.pdbx_gene_src_variant              ? 
_entity_src_gen.pdbx_gene_src_cell_line            ? 
_entity_src_gen.pdbx_gene_src_atcc                 ? 
_entity_src_gen.pdbx_gene_src_organ                ? 
_entity_src_gen.pdbx_gene_src_organelle            ? 
_entity_src_gen.pdbx_gene_src_cell                 ? 
_entity_src_gen.pdbx_gene_src_cellular_location    ? 
_entity_src_gen.host_org_common_name               ? 
_entity_src_gen.pdbx_host_org_scientific_name      'Escherichia coli' 
_entity_src_gen.pdbx_host_org_ncbi_taxonomy_id     562 
_entity_src_gen.host_org_genus                     ? 
_entity_src_gen.pdbx_host_org_gene                 ? 
_entity_src_gen.pdbx_host_org_organ                ? 
_entity_src_gen.host_org_species                   ? 
_entity_src_gen.pdbx_host_org_tissue               ? 
_entity_src_gen.pdbx_host_org_tissue_fraction      ? 
_entity_src_gen.pdbx_host_org_strain               ? 
_entity_src_gen.pdbx_host_org_variant              ? 
_entity_src_gen.pdbx_host_org_cell_line            ? 
_entity_src_gen.pdbx_host_org_atcc                 ? 
_entity_src_gen.pdbx_host_org_culture_collection   ? 
_entity_src_gen.pdbx_host_org_cell                 ? 
_entity_src_gen.pdbx_host_org_organelle            ? 
_entity_src_gen.pdbx_host_org_cellular_location    ? 
_entity_src_gen.pdbx_host_org_vector_type          ? 
_entity_src_gen.pdbx_host_org_vector               ? 
_entity_src_gen.host_org_details                   ? 
_entity_src_gen.expression_system_id               ? 
_entity_src_gen.plasmid_name                       ? 
_entity_src_gen.plasmid_details                    ? 
_entity_src_gen.pdbx_description                   ? 
# 
loop_
_chem_comp.id 
_chem_comp.type 
_chem_comp.mon_nstd_flag 
_chem_comp.name 
_chem_comp.pdbx_synonyms 
_chem_comp.formula 
_chem_comp.formula_weight 
ALA 'L-peptide linking' y ALANINE         ? 'C3 H7 N O2'     89.093  
ARG 'L-peptide linking' y ARGININE        ? 'C6 H15 N4 O2 1' 175.209 
ASN 'L-peptide linking' y ASPARAGINE      ? 'C4 H8 N2 O3'    132.118 
ASP 'L-peptide linking' y 'ASPARTIC ACID' ? 'C4 H7 N O4'     133.103 
GLN 'L-peptide linking' y GLUTAMINE       ? 'C5 H10 N2 O3'   146.144 
GLU 'L-peptide linking' y 'GLUTAMIC ACID' ? 'C5 H9 N O4'     147.129 
GLY 'peptide linking'   y GLYCINE         ? 'C2 H5 N O2'     75.067  
HIS 'L-peptide linking' y HISTIDINE       ? 'C6 H10 N3 O2 1' 156.162 
HOH non-polymer         . WATER           ? 'H2 O'           18.015  
ILE 'L-peptide linking' y ISOLEUCINE      ? 'C6 H13 N O2'    131.173 
LEU 'L-peptide linking' y LEUCINE         ? 'C6 H13 N O2'    131.173 
LYS 'L-peptide linking' y LYSINE          ? 'C6 H15 N2 O2 1' 147.195 
MET 'L-peptide linking' y METHIONINE      ? 'C5 H11 N O2 S'  149.211 
PHE 'L-peptide linking' y PHENYLALANINE   ? 'C9 H11 N O2'    165.189 
PRO 'L-peptide linking' y PROLINE         ? 'C5 H9 N O2'     115.130 
SER 'L-peptide linking' y SERINE          ? 'C3 H7 N O3'     105.093 
THR 'L-peptide linking' y THREONINE       ? 'C4 H9 N O3'     119.119 
TRP 'L-peptide linking' y TRYPTOPHAN      ? 'C11 H12 N2 O2'  204.225 
TYR 'L-peptide linking' y TYROSINE        ? 'C9 H11 N O3'    181.189 
VAL 'L-peptide linking' y VALINE          ? 'C5 H11 N O2'    117.146 
# 
loop_
_pdbx_poly_seq_scheme.asym_id 
_pdbx_poly_seq_scheme.entity_id 
_pdbx_poly_seq_scheme.seq_id 
_pdbx_poly_seq_scheme.mon_id 
_pdbx_poly_seq_scheme.ndb_seq_num 
_pdbx_poly_seq_scheme.pdb_seq_num 
_pdbx_poly_seq_scheme.auth_seq_num 
_pdbx_poly_seq_scheme.pdb_mon_id 
_pdbx_poly_seq_scheme.auth_mon_id 
_pdbx_poly_seq_scheme.pdb_strand_id 
_pdbx_poly_seq_scheme.pdb_ins_code 
_pdbx_poly_seq_scheme.hetero 
A 1 1   MET 1   -2  ?   ?   ?   A . n 
A 1 2   SER 2   -1  ?   ?   ?   A . n 
A 1 3   GLY 3   0   0   GLY GLY A . n 
A 1 4   GLU 4   1   1   GLU GLU A . n 
A 1 5   GLU 5   2   2   GLU GLU A . n 
A 1 6   GLU 6   3   3   GLU GLU A . n 
A 1 7   ARG 7   4   4   ARG ARG A . n 
A 1 8   PHE 8   5   5   PHE PHE A . n 
A 1 9   ARG 9   6   6   ARG ARG A . n 
A 1 10  ALA 10  7   7   ALA ALA A . n 
A 1 11  TYR 11  8   8   TYR TYR A . n 
A 1 12  TYR 12  9   9   TYR TYR A . n 
A 1 13  GLU 13  10  10  GLU GLU A . n 
A 1 14  ARG 14  11  11  ARG ARG A . n 
A 1 15  TYR 15  12  12  TYR TYR A . n 
A 1 16  PHE 16  13  13  PHE PHE A . n 
A 1 17  ALA 17  14  14  ALA ALA A . n 
A 1 18  ALA 18  15  15  ALA ALA A . n 
A 1 19  LEU 19  16  16  LEU LEU A . n 
A 1 20  ALA 20  17  17  ALA ALA A . n 
A 1 21  ALA 21  18  18  ALA ALA A . n 
A 1 22  ARG 22  19  19  ARG ARG A . n 
A 1 23  ASP 23  20  20  ASP ASP A . n 
A 1 24  TYR 24  21  21  TYR TYR A . n 
A 1 25  GLU 25  22  22  GLU GLU A . n 
A 1 26  THR 26  23  23  THR THR A . n 
A 1 27  LEU 27  24  24  LEU LEU A . n 
A 1 28  LEU 28  25  25  LEU LEU A . n 
A 1 29  GLU 29  26  26  GLU GLU A . n 
A 1 30  ILE 30  27  27  ILE ILE A . n 
A 1 31  LEU 31  28  28  LEU LEU A . n 
A 1 32  ARG 32  29  29  ARG ARG A . n 
A 1 33  GLU 33  30  30  GLU GLU A . n 
A 1 34  PHE 34  31  31  PHE PHE A . n 
A 1 35  GLY 35  32  32  GLY GLY A . n 
A 1 36  VAL 36  33  33  VAL VAL A . n 
A 1 37  ALA 37  34  34  ALA ALA A . n 
A 1 38  LYS 38  35  35  LYS LYS A . n 
A 1 39  LEU 39  36  36  LEU LEU A . n 
A 1 40  VAL 40  37  37  VAL VAL A . n 
A 1 41  LEU 41  38  38  LEU LEU A . n 
A 1 42  ASN 42  39  39  ASN ASN A . n 
A 1 43  GLY 43  40  40  GLY GLY A . n 
A 1 44  ARG 44  41  41  ARG ARG A . n 
A 1 45  GLU 45  42  42  GLU GLU A . n 
A 1 46  PHE 46  43  43  PHE PHE A . n 
A 1 47  ALA 47  44  44  ALA ALA A . n 
A 1 48  SER 48  45  45  SER SER A . n 
A 1 49  PRO 49  46  46  PRO PRO A . n 
A 1 50  GLU 50  47  47  GLU GLU A . n 
A 1 51  GLU 51  48  48  GLU GLU A . n 
A 1 52  ALA 52  49  49  ALA ALA A . n 
A 1 53  VAL 53  50  50  VAL VAL A . n 
A 1 54  GLN 54  51  51  GLN GLN A . n 
A 1 55  TRP 55  52  52  TRP TRP A . n 
A 1 56  ALA 56  53  53  ALA ALA A . n 
A 1 57  ARG 57  54  54  ARG ARG A . n 
A 1 58  ASP 58  55  55  ASP ASP A . n 
A 1 59  THR 59  56  56  THR THR A . n 
A 1 60  GLY 60  57  57  GLY GLY A . n 
A 1 61  LEU 61  58  58  LEU LEU A . n 
A 1 62  ARG 62  59  59  ARG ARG A . n 
A 1 63  PHE 63  60  60  PHE PHE A . n 
A 1 64  LEU 64  61  61  LEU LEU A . n 
A 1 65  ARG 65  62  62  ARG ARG A . n 
A 1 66  LEU 66  63  63  LEU LEU A . n 
A 1 67  ILE 67  64  64  ILE ILE A . n 
A 1 68  ARG 68  65  65  ARG ARG A . n 
A 1 69  GLU 69  66  66  GLU GLU A . n 
A 1 70  ARG 70  67  67  ARG ARG A . n 
A 1 71  TYR 71  68  68  TYR TYR A . n 
A 1 72  GLU 72  69  69  GLU GLU A . n 
A 1 73  ASP 73  70  70  ASP ASP A . n 
A 1 74  GLY 74  71  71  GLY GLY A . n 
A 1 75  VAL 75  72  72  VAL VAL A . n 
A 1 76  TYR 76  73  73  TYR TYR A . n 
A 1 77  THR 77  74  74  THR THR A . n 
A 1 78  VAL 78  75  75  VAL VAL A . n 
A 1 79  GLU 79  76  76  GLU GLU A . n 
A 1 80  ASP 80  77  77  ASP ASP A . n 
A 1 81  ILE 81  78  78  ILE ILE A . n 
A 1 82  VAL 82  79  79  VAL VAL A . n 
A 1 83  SER 83  80  80  SER SER A . n 
A 1 84  ARG 84  81  81  ARG ARG A . n 
A 1 85  ASP 85  82  82  ASP ASP A . n 
A 1 86  ASP 86  83  83  ASP ASP A . n 
A 1 87  GLY 87  84  84  GLY GLY A . n 
A 1 88  ARG 88  85  85  ARG ARG A . n 
A 1 89  TYR 89  86  86  TYR TYR A . n 
A 1 90  TYR 90  87  87  TYR TYR A . n 
A 1 91  ARG 91  88  88  ARG ARG A . n 
A 1 92  HIS 92  89  89  HIS HIS A . n 
A 1 93  THR 93  90  90  THR THR A . n 
A 1 94  SER 94  91  91  SER SER A . n 
A 1 95  THR 95  92  92  THR THR A . n 
A 1 96  LEU 96  93  93  LEU LEU A . n 
A 1 97  ARG 97  94  94  ARG ARG A . n 
A 1 98  ARG 98  95  95  ARG ARG A . n 
A 1 99  GLN 99  96  96  GLN GLN A . n 
A 1 100 PRO 100 97  97  PRO PRO A . n 
A 1 101 ASP 101 98  98  ASP ASP A . n 
A 1 102 GLY 102 99  99  GLY GLY A . n 
A 1 103 SER 103 100 100 SER SER A . n 
A 1 104 TYR 104 101 101 TYR TYR A . n 
A 1 105 VAL 105 102 102 VAL VAL A . n 
A 1 106 GLN 106 103 103 GLN GLN A . n 
A 1 107 TYR 107 104 104 TYR TYR A . n 
A 1 108 SER 108 105 105 SER SER A . n 
A 1 109 GLN 109 106 106 GLN GLN A . n 
A 1 110 LEU 110 107 107 LEU LEU A . n 
A 1 111 GLU 111 108 108 GLU GLU A . n 
A 1 112 LEU 112 109 109 LEU LEU A . n 
A 1 113 LEU 113 110 110 LEU LEU A . n 
A 1 114 GLY 114 111 111 GLY GLY A . n 
A 1 115 SER 115 112 112 SER SER A . n 
A 1 116 GLY 116 113 113 GLY GLY A . n 
# 
loop_
_pdbx_nonpoly_scheme.asym_id 
_pdbx_nonpoly_scheme.entity_id 
_pdbx_nonpoly_scheme.mon_id 
_pdbx_nonpoly_scheme.ndb_seq_num 
_pdbx_nonpoly_scheme.pdb_seq_num 
_pdbx_nonpoly_scheme.auth_seq_num 
_pdbx_nonpoly_scheme.pdb_mon_id 
_pdbx_nonpoly_scheme.auth_mon_id 
_pdbx_nonpoly_scheme.pdb_strand_id 
_pdbx_nonpoly_scheme.pdb_ins_code 
B 2 HOH 1  201 56 HOH HOH A . 
B 2 HOH 2  202 80 HOH HOH A . 
B 2 HOH 3  203 68 HOH HOH A . 
B 2 HOH 4  204 67 HOH HOH A . 
B 2 HOH 5  205 73 HOH HOH A . 
B 2 HOH 6  206 75 HOH HOH A . 
B 2 HOH 7  207 45 HOH HOH A . 
B 2 HOH 8  208 13 HOH HOH A . 
B 2 HOH 9  209 36 HOH HOH A . 
B 2 HOH 10 210 43 HOH HOH A . 
B 2 HOH 11 211 41 HOH HOH A . 
B 2 HOH 12 212 74 HOH HOH A . 
B 2 HOH 13 213 51 HOH HOH A . 
B 2 HOH 14 214 38 HOH HOH A . 
B 2 HOH 15 215 10 HOH HOH A . 
B 2 HOH 16 216 8  HOH HOH A . 
B 2 HOH 17 217 2  HOH HOH A . 
B 2 HOH 18 218 18 HOH HOH A . 
B 2 HOH 19 219 5  HOH HOH A . 
B 2 HOH 20 220 34 HOH HOH A . 
B 2 HOH 21 221 17 HOH HOH A . 
B 2 HOH 22 222 23 HOH HOH A . 
B 2 HOH 23 223 1  HOH HOH A . 
B 2 HOH 24 224 57 HOH HOH A . 
B 2 HOH 25 225 3  HOH HOH A . 
B 2 HOH 26 226 4  HOH HOH A . 
B 2 HOH 27 227 33 HOH HOH A . 
B 2 HOH 28 228 81 HOH HOH A . 
B 2 HOH 29 229 26 HOH HOH A . 
B 2 HOH 30 230 64 HOH HOH A . 
B 2 HOH 31 231 76 HOH HOH A . 
B 2 HOH 32 232 9  HOH HOH A . 
B 2 HOH 33 233 19 HOH HOH A . 
B 2 HOH 34 234 11 HOH HOH A . 
B 2 HOH 35 235 70 HOH HOH A . 
B 2 HOH 36 236 15 HOH HOH A . 
B 2 HOH 37 237 39 HOH HOH A . 
B 2 HOH 38 238 12 HOH HOH A . 
B 2 HOH 39 239 72 HOH HOH A . 
B 2 HOH 40 240 32 HOH HOH A . 
B 2 HOH 41 241 6  HOH HOH A . 
B 2 HOH 42 242 42 HOH HOH A . 
B 2 HOH 43 243 55 HOH HOH A . 
B 2 HOH 44 244 40 HOH HOH A . 
B 2 HOH 45 245 16 HOH HOH A . 
B 2 HOH 46 246 46 HOH HOH A . 
B 2 HOH 47 247 7  HOH HOH A . 
B 2 HOH 48 248 65 HOH HOH A . 
B 2 HOH 49 249 28 HOH HOH A . 
B 2 HOH 50 250 25 HOH HOH A . 
B 2 HOH 51 251 24 HOH HOH A . 
B 2 HOH 52 252 44 HOH HOH A . 
B 2 HOH 53 253 69 HOH HOH A . 
B 2 HOH 54 254 71 HOH HOH A . 
B 2 HOH 55 255 79 HOH HOH A . 
B 2 HOH 56 256 14 HOH HOH A . 
B 2 HOH 57 257 77 HOH HOH A . 
B 2 HOH 58 258 52 HOH HOH A . 
B 2 HOH 59 259 20 HOH HOH A . 
B 2 HOH 60 260 63 HOH HOH A . 
B 2 HOH 61 261 50 HOH HOH A . 
B 2 HOH 62 262 30 HOH HOH A . 
B 2 HOH 63 263 59 HOH HOH A . 
B 2 HOH 64 264 53 HOH HOH A . 
B 2 HOH 65 265 49 HOH HOH A . 
B 2 HOH 66 266 31 HOH HOH A . 
B 2 HOH 67 267 66 HOH HOH A . 
B 2 HOH 68 268 78 HOH HOH A . 
B 2 HOH 69 269 22 HOH HOH A . 
B 2 HOH 70 270 82 HOH HOH A . 
B 2 HOH 71 271 58 HOH HOH A . 
B 2 HOH 72 272 54 HOH HOH A . 
# 
loop_
_software.citation_id 
_software.classification 
_software.compiler_name 
_software.compiler_version 
_software.contact_author 
_software.contact_author_email 
_software.date 
_software.description 
_software.dependencies 
_software.hardware 
_software.language 
_software.location 
_software.mods 
_software.name 
_software.os 
_software.os_version 
_software.type 
_software.version 
_software.pdbx_ordinal 
? refinement       ? ? ? ? ? ? ? ? ? ? ? PHENIX ? ? ? 1.21_5207 1 
? 'data reduction' ? ? ? ? ? ? ? ? ? ? ? XDS    ? ? ? .         2 
? phasing          ? ? ? ? ? ? ? ? ? ? ? PHENIX ? ? ? 1.21_5207 3 
# 
_cell.angle_alpha                  90.000 
_cell.angle_alpha_esd              ? 
_cell.angle_beta                   101.322 
_cell.angle_beta_esd               ? 
_cell.angle_gamma                  90.000 
_cell.angle_gamma_esd              ? 
_cell.entry_id                     9DED 
_cell.details                      ? 
_cell.formula_units_Z              ? 
_cell.length_a                     38.556 
_cell.length_a_esd                 ? 
_cell.length_b                     31.558 
_cell.length_b_esd                 ? 
_cell.length_c                     40.794 
_cell.length_c_esd                 ? 
_cell.volume                       48670.159 
_cell.volume_esd                   ? 
_cell.Z_PDB                        2 
_cell.reciprocal_angle_alpha       ? 
_cell.reciprocal_angle_beta        ? 
_cell.reciprocal_angle_gamma       ? 
_cell.reciprocal_angle_alpha_esd   ? 
_cell.reciprocal_angle_beta_esd    ? 
_cell.reciprocal_angle_gamma_esd   ? 
_cell.reciprocal_length_a          ? 
_cell.reciprocal_length_b          ? 
_cell.reciprocal_length_c          ? 
_cell.reciprocal_length_a_esd      ? 
_cell.reciprocal_length_b_esd      ? 
_cell.reciprocal_length_c_esd      ? 
_cell.pdbx_unique_axis             ? 
_cell.pdbx_esd_method              ? 
# 
_symmetry.entry_id                         9DED 
_symmetry.cell_setting                     ? 
_symmetry.Int_Tables_number                4 
_symmetry.space_group_name_Hall            'P 2yb' 
_symmetry.space_group_name_H-M             'P 1 21 1' 
_symmetry.pdbx_full_space_group_name_H-M   ? 
# 
_exptl.absorpt_coefficient_mu     ? 
_exptl.absorpt_correction_T_max   ? 
_exptl.absorpt_correction_T_min   ? 
_exptl.absorpt_correction_type    ? 
_exptl.absorpt_process_details    ? 
_exptl.entry_id                   9DED 
_exptl.crystals_number            1 
_exptl.details                    ? 
_exptl.method                     'X-RAY DIFFRACTION' 
_exptl.method_details             ? 
# 
_exptl_crystal.colour                       ? 
_exptl_crystal.density_diffrn               ? 
_exptl_crystal.density_Matthews             1.78 
_exptl_crystal.density_method               ? 
_exptl_crystal.density_percent_sol          30.79 
_exptl_crystal.description                  ? 
_exptl_crystal.F_000                        ? 
_exptl_crystal.id                           1 
_exptl_crystal.preparation                  ? 
_exptl_crystal.size_max                     ? 
_exptl_crystal.size_mid                     ? 
_exptl_crystal.size_min                     ? 
_exptl_crystal.size_rad                     ? 
_exptl_crystal.colour_lustre                ? 
_exptl_crystal.colour_modifier              ? 
_exptl_crystal.colour_primary               ? 
_exptl_crystal.density_meas                 ? 
_exptl_crystal.density_meas_esd             ? 
_exptl_crystal.density_meas_gt              ? 
_exptl_crystal.density_meas_lt              ? 
_exptl_crystal.density_meas_temp            ? 
_exptl_crystal.density_meas_temp_esd        ? 
_exptl_crystal.density_meas_temp_gt         ? 
_exptl_crystal.density_meas_temp_lt         ? 
_exptl_crystal.pdbx_crystal_image_url       ? 
_exptl_crystal.pdbx_crystal_image_format    ? 
_exptl_crystal.pdbx_mosaicity               ? 
_exptl_crystal.pdbx_mosaicity_esd           ? 
_exptl_crystal.pdbx_mosaic_method           ? 
_exptl_crystal.pdbx_mosaic_block_size       ? 
_exptl_crystal.pdbx_mosaic_block_size_esd   ? 
# 
_exptl_crystal_grow.apparatus       ? 
_exptl_crystal_grow.atmosphere      ? 
_exptl_crystal_grow.crystal_id      1 
_exptl_crystal_grow.details         ? 
_exptl_crystal_grow.method          'VAPOR DIFFUSION, SITTING DROP' 
_exptl_crystal_grow.method_ref      ? 
_exptl_crystal_grow.pH              7.4 
_exptl_crystal_grow.pressure        ? 
_exptl_crystal_grow.pressure_esd    ? 
_exptl_crystal_grow.seeding         ? 
_exptl_crystal_grow.seeding_ref     ? 
_exptl_crystal_grow.temp_details    ? 
_exptl_crystal_grow.temp_esd        ? 
_exptl_crystal_grow.time            ? 
_exptl_crystal_grow.pdbx_details    '0.1 M Bis-Tris pH 5.5, 25% (w/v) PEG 3350' 
_exptl_crystal_grow.pdbx_pH_range   ? 
_exptl_crystal_grow.temp            293 
# 
_diffrn.ambient_environment              ? 
_diffrn.ambient_temp                     100 
_diffrn.ambient_temp_details             ? 
_diffrn.ambient_temp_esd                 ? 
_diffrn.crystal_id                       1 
_diffrn.crystal_support                  ? 
_diffrn.crystal_treatment                ? 
_diffrn.details                          ? 
_diffrn.id                               1 
_diffrn.ambient_pressure                 ? 
_diffrn.ambient_pressure_esd             ? 
_diffrn.ambient_pressure_gt              ? 
_diffrn.ambient_pressure_lt              ? 
_diffrn.ambient_temp_gt                  ? 
_diffrn.ambient_temp_lt                  ? 
_diffrn.pdbx_serial_crystal_experiment   N 
# 
_diffrn_detector.details                      ? 
_diffrn_detector.detector                     PIXEL 
_diffrn_detector.diffrn_id                    1 
_diffrn_detector.type                         'DECTRIS PILATUS3 2M' 
_diffrn_detector.area_resol_mean              ? 
_diffrn_detector.dtime                        ? 
_diffrn_detector.pdbx_frames_total            ? 
_diffrn_detector.pdbx_collection_time_total   ? 
_diffrn_detector.pdbx_collection_date         2022-12-20 
_diffrn_detector.pdbx_frequency               ? 
_diffrn_detector.id                           ? 
_diffrn_detector.number_of_axes               ? 
# 
_diffrn_radiation.collimation                      ? 
_diffrn_radiation.diffrn_id                        1 
_diffrn_radiation.filter_edge                      ? 
_diffrn_radiation.inhomogeneity                    ? 
_diffrn_radiation.monochromator                    ? 
_diffrn_radiation.polarisn_norm                    ? 
_diffrn_radiation.polarisn_ratio                   ? 
_diffrn_radiation.probe                            ? 
_diffrn_radiation.type                             ? 
_diffrn_radiation.xray_symbol                      ? 
_diffrn_radiation.wavelength_id                    1 
_diffrn_radiation.pdbx_monochromatic_or_laue_m_l   M 
_diffrn_radiation.pdbx_wavelength_list             ? 
_diffrn_radiation.pdbx_wavelength                  ? 
_diffrn_radiation.pdbx_diffrn_protocol             'SINGLE WAVELENGTH' 
_diffrn_radiation.pdbx_analyzer                    ? 
_diffrn_radiation.pdbx_scattering_type             x-ray 
# 
_diffrn_radiation_wavelength.id           1 
_diffrn_radiation_wavelength.wavelength   0.97648 
_diffrn_radiation_wavelength.wt           1.0 
# 
_diffrn_source.current                     ? 
_diffrn_source.details                     ? 
_diffrn_source.diffrn_id                   1 
_diffrn_source.power                       ? 
_diffrn_source.size                        ? 
_diffrn_source.source                      SYNCHROTRON 
_diffrn_source.target                      ? 
_diffrn_source.type                        'ALS BEAMLINE 5.0.3' 
_diffrn_source.voltage                     ? 
_diffrn_source.take-off_angle              ? 
_diffrn_source.pdbx_wavelength_list        0.97648 
_diffrn_source.pdbx_wavelength             ? 
_diffrn_source.pdbx_synchrotron_beamline   5.0.3 
_diffrn_source.pdbx_synchrotron_site       ALS 
# 
_reflns.B_iso_Wilson_estimate                          22 
_reflns.entry_id                                       9DED 
_reflns.data_reduction_details                         ? 
_reflns.data_reduction_method                          ? 
_reflns.d_resolution_high                              1.77 
_reflns.d_resolution_low                               40 
_reflns.details                                        ? 
_reflns.limit_h_max                                    ? 
_reflns.limit_h_min                                    ? 
_reflns.limit_k_max                                    ? 
_reflns.limit_k_min                                    ? 
_reflns.limit_l_max                                    ? 
_reflns.limit_l_min                                    ? 
_reflns.number_all                                     ? 
_reflns.number_obs                                     9440 
_reflns.observed_criterion                             ? 
_reflns.observed_criterion_F_max                       ? 
_reflns.observed_criterion_F_min                       ? 
_reflns.observed_criterion_I_max                       ? 
_reflns.observed_criterion_I_min                       ? 
_reflns.observed_criterion_sigma_F                     ? 
_reflns.observed_criterion_sigma_I                     ? 
_reflns.percent_possible_obs                           98.8 
_reflns.R_free_details                                 ? 
_reflns.Rmerge_F_all                                   ? 
_reflns.Rmerge_F_obs                                   ? 
_reflns.Friedel_coverage                               ? 
_reflns.number_gt                                      ? 
_reflns.threshold_expression                           ? 
_reflns.pdbx_redundancy                                6.7 
_reflns.pdbx_netI_over_av_sigmaI                       ? 
_reflns.pdbx_netI_over_sigmaI                          11.4 
_reflns.pdbx_res_netI_over_av_sigmaI_2                 ? 
_reflns.pdbx_res_netI_over_sigmaI_2                    ? 
_reflns.pdbx_chi_squared                               ? 
_reflns.pdbx_scaling_rejects                           ? 
_reflns.pdbx_d_res_high_opt                            ? 
_reflns.pdbx_d_res_low_opt                             ? 
_reflns.pdbx_d_res_opt_method                          ? 
_reflns.phase_calculation_details                      ? 
_reflns.pdbx_Rrim_I_all                                ? 
_reflns.pdbx_Rpim_I_all                                0.041 
_reflns.pdbx_d_opt                                     ? 
_reflns.pdbx_number_measured_all                       ? 
_reflns.pdbx_diffrn_id                                 1 
_reflns.pdbx_ordinal                                   1 
_reflns.pdbx_CC_half                                   0.997 
_reflns.pdbx_CC_star                                   ? 
_reflns.pdbx_R_split                                   ? 
_reflns.pdbx_Rmerge_I_obs                              0.090 
_reflns.pdbx_Rmerge_I_all                              ? 
_reflns.pdbx_Rsym_value                                ? 
_reflns.pdbx_CC_split_method                           ? 
_reflns.pdbx_aniso_diffraction_limit_axis_1_ortho[1]   ? 
_reflns.pdbx_aniso_diffraction_limit_axis_1_ortho[2]   ? 
_reflns.pdbx_aniso_diffraction_limit_axis_1_ortho[3]   ? 
_reflns.pdbx_aniso_diffraction_limit_axis_2_ortho[1]   ? 
_reflns.pdbx_aniso_diffraction_limit_axis_2_ortho[2]   ? 
_reflns.pdbx_aniso_diffraction_limit_axis_2_ortho[3]   ? 
_reflns.pdbx_aniso_diffraction_limit_axis_3_ortho[1]   ? 
_reflns.pdbx_aniso_diffraction_limit_axis_3_ortho[2]   ? 
_reflns.pdbx_aniso_diffraction_limit_axis_3_ortho[3]   ? 
_reflns.pdbx_aniso_diffraction_limit_1                 ? 
_reflns.pdbx_aniso_diffraction_limit_2                 ? 
_reflns.pdbx_aniso_diffraction_limit_3                 ? 
_reflns.pdbx_aniso_B_tensor_eigenvector_1_ortho[1]     ? 
_reflns.pdbx_aniso_B_tensor_eigenvector_1_ortho[2]     ? 
_reflns.pdbx_aniso_B_tensor_eigenvector_1_ortho[3]     ? 
_reflns.pdbx_aniso_B_tensor_eigenvector_2_ortho[1]     ? 
_reflns.pdbx_aniso_B_tensor_eigenvector_2_ortho[2]     ? 
_reflns.pdbx_aniso_B_tensor_eigenvector_2_ortho[3]     ? 
_reflns.pdbx_aniso_B_tensor_eigenvector_3_ortho[1]     ? 
_reflns.pdbx_aniso_B_tensor_eigenvector_3_ortho[2]     ? 
_reflns.pdbx_aniso_B_tensor_eigenvector_3_ortho[3]     ? 
_reflns.pdbx_aniso_B_tensor_eigenvalue_1               ? 
_reflns.pdbx_aniso_B_tensor_eigenvalue_2               ? 
_reflns.pdbx_aniso_B_tensor_eigenvalue_3               ? 
_reflns.pdbx_orthogonalization_convention              ? 
_reflns.pdbx_percent_possible_ellipsoidal              ? 
_reflns.pdbx_percent_possible_spherical                ? 
_reflns.pdbx_percent_possible_ellipsoidal_anomalous    ? 
_reflns.pdbx_percent_possible_spherical_anomalous      ? 
_reflns.pdbx_redundancy_anomalous                      ? 
_reflns.pdbx_CC_half_anomalous                         ? 
_reflns.pdbx_absDiff_over_sigma_anomalous              ? 
_reflns.pdbx_percent_possible_anomalous                ? 
_reflns.pdbx_observed_signal_threshold                 ? 
_reflns.pdbx_signal_type                               ? 
_reflns.pdbx_signal_details                            ? 
_reflns.pdbx_signal_software_id                        ? 
# 
_reflns_shell.d_res_high                                    1.77 
_reflns_shell.d_res_low                                     1.81 
_reflns_shell.meanI_over_sigI_all                           ? 
_reflns_shell.meanI_over_sigI_obs                           2.4 
_reflns_shell.number_measured_all                           ? 
_reflns_shell.number_measured_obs                           ? 
_reflns_shell.number_possible                               ? 
_reflns_shell.number_unique_all                             ? 
_reflns_shell.number_unique_obs                             526 
_reflns_shell.percent_possible_obs                          ? 
_reflns_shell.Rmerge_F_all                                  ? 
_reflns_shell.Rmerge_F_obs                                  ? 
_reflns_shell.meanI_over_sigI_gt                            ? 
_reflns_shell.meanI_over_uI_all                             ? 
_reflns_shell.meanI_over_uI_gt                              ? 
_reflns_shell.number_measured_gt                            ? 
_reflns_shell.number_unique_gt                              ? 
_reflns_shell.percent_possible_gt                           ? 
_reflns_shell.Rmerge_F_gt                                   ? 
_reflns_shell.Rmerge_I_gt                                   ? 
_reflns_shell.pdbx_redundancy                               6.8 
_reflns_shell.pdbx_chi_squared                              ? 
_reflns_shell.pdbx_netI_over_sigmaI_all                     ? 
_reflns_shell.pdbx_netI_over_sigmaI_obs                     ? 
_reflns_shell.pdbx_Rrim_I_all                               ? 
_reflns_shell.pdbx_Rpim_I_all                               0.368 
_reflns_shell.pdbx_rejects                                  ? 
_reflns_shell.pdbx_ordinal                                  1 
_reflns_shell.pdbx_diffrn_id                                1 
_reflns_shell.pdbx_CC_half                                  0.798 
_reflns_shell.pdbx_CC_star                                  ? 
_reflns_shell.pdbx_R_split                                  ? 
_reflns_shell.percent_possible_all                          99.3 
_reflns_shell.Rmerge_I_all                                  ? 
_reflns_shell.Rmerge_I_obs                                  0.831 
_reflns_shell.pdbx_Rsym_value                               ? 
_reflns_shell.pdbx_percent_possible_ellipsoidal             ? 
_reflns_shell.pdbx_percent_possible_spherical               ? 
_reflns_shell.pdbx_percent_possible_ellipsoidal_anomalous   ? 
_reflns_shell.pdbx_percent_possible_spherical_anomalous     ? 
_reflns_shell.pdbx_redundancy_anomalous                     ? 
_reflns_shell.pdbx_CC_half_anomalous                        ? 
_reflns_shell.pdbx_absDiff_over_sigma_anomalous             ? 
_reflns_shell.pdbx_percent_possible_anomalous               ? 
# 
_refine.aniso_B[1][1]                            ? 
_refine.aniso_B[1][2]                            ? 
_refine.aniso_B[1][3]                            ? 
_refine.aniso_B[2][2]                            ? 
_refine.aniso_B[2][3]                            ? 
_refine.aniso_B[3][3]                            ? 
_refine.B_iso_max                                ? 
_refine.B_iso_mean                               25.99 
_refine.B_iso_min                                ? 
_refine.correlation_coeff_Fo_to_Fc               ? 
_refine.correlation_coeff_Fo_to_Fc_free          ? 
_refine.details                                  ? 
_refine.diff_density_max                         ? 
_refine.diff_density_max_esd                     ? 
_refine.diff_density_min                         ? 
_refine.diff_density_min_esd                     ? 
_refine.diff_density_rms                         ? 
_refine.diff_density_rms_esd                     ? 
_refine.entry_id                                 9DED 
_refine.pdbx_refine_id                           'X-RAY DIFFRACTION' 
_refine.ls_abs_structure_details                 ? 
_refine.ls_abs_structure_Flack                   ? 
_refine.ls_abs_structure_Flack_esd               ? 
_refine.ls_abs_structure_Rogers                  ? 
_refine.ls_abs_structure_Rogers_esd              ? 
_refine.ls_d_res_high                            1.77 
_refine.ls_d_res_low                             40.00 
_refine.ls_extinction_coef                       ? 
_refine.ls_extinction_coef_esd                   ? 
_refine.ls_extinction_expression                 ? 
_refine.ls_extinction_method                     ? 
_refine.ls_goodness_of_fit_all                   ? 
_refine.ls_goodness_of_fit_all_esd               ? 
_refine.ls_goodness_of_fit_obs                   ? 
_refine.ls_goodness_of_fit_obs_esd               ? 
_refine.ls_hydrogen_treatment                    ? 
_refine.ls_matrix_type                           ? 
_refine.ls_number_constraints                    ? 
_refine.ls_number_parameters                     ? 
_refine.ls_number_reflns_all                     ? 
_refine.ls_number_reflns_obs                     9422 
_refine.ls_number_reflns_R_free                  935 
_refine.ls_number_reflns_R_work                  8487 
_refine.ls_number_restraints                     ? 
_refine.ls_percent_reflns_obs                    98.43 
_refine.ls_percent_reflns_R_free                 9.92 
_refine.ls_R_factor_all                          ? 
_refine.ls_R_factor_obs                          0.1933 
_refine.ls_R_factor_R_free                       0.2369 
_refine.ls_R_factor_R_free_error                 ? 
_refine.ls_R_factor_R_free_error_details         ? 
_refine.ls_R_factor_R_work                       0.1883 
_refine.ls_R_Fsqd_factor_obs                     ? 
_refine.ls_R_I_factor_obs                        ? 
_refine.ls_redundancy_reflns_all                 ? 
_refine.ls_redundancy_reflns_obs                 ? 
_refine.ls_restrained_S_all                      ? 
_refine.ls_restrained_S_obs                      ? 
_refine.ls_shift_over_esd_max                    ? 
_refine.ls_shift_over_esd_mean                   ? 
_refine.ls_structure_factor_coef                 ? 
_refine.ls_weighting_details                     ? 
_refine.ls_weighting_scheme                      ? 
_refine.ls_wR_factor_all                         ? 
_refine.ls_wR_factor_obs                         ? 
_refine.ls_wR_factor_R_free                      ? 
_refine.ls_wR_factor_R_work                      ? 
_refine.occupancy_max                            ? 
_refine.occupancy_min                            ? 
_refine.solvent_model_details                    'FLAT BULK SOLVENT MODEL' 
_refine.solvent_model_param_bsol                 ? 
_refine.solvent_model_param_ksol                 ? 
_refine.pdbx_R_complete                          ? 
_refine.ls_R_factor_gt                           ? 
_refine.ls_goodness_of_fit_gt                    ? 
_refine.ls_goodness_of_fit_ref                   ? 
_refine.ls_shift_over_su_max                     ? 
_refine.ls_shift_over_su_max_lt                  ? 
_refine.ls_shift_over_su_mean                    ? 
_refine.ls_shift_over_su_mean_lt                 ? 
_refine.pdbx_ls_sigma_I                          ? 
_refine.pdbx_ls_sigma_F                          1.34 
_refine.pdbx_ls_sigma_Fsqd                       ? 
_refine.pdbx_data_cutoff_high_absF               ? 
_refine.pdbx_data_cutoff_high_rms_absF           ? 
_refine.pdbx_data_cutoff_low_absF                ? 
_refine.pdbx_isotropic_thermal_model             ? 
_refine.pdbx_ls_cross_valid_method               'FREE R-VALUE' 
_refine.pdbx_method_to_determine_struct          'MOLECULAR REPLACEMENT' 
_refine.pdbx_starting_model                      ? 
_refine.pdbx_stereochemistry_target_values       'GeoStd + Monomer Library + CDL v1.2' 
_refine.pdbx_R_Free_selection_details            ? 
_refine.pdbx_stereochem_target_val_spec_case     ? 
_refine.pdbx_overall_ESU_R                       ? 
_refine.pdbx_overall_ESU_R_Free                  ? 
_refine.pdbx_solvent_vdw_probe_radii             1.1000 
_refine.pdbx_solvent_ion_probe_radii             ? 
_refine.pdbx_solvent_shrinkage_radii             0.9000 
_refine.pdbx_real_space_R                        ? 
_refine.pdbx_density_correlation                 ? 
_refine.pdbx_pd_number_of_powder_patterns        ? 
_refine.pdbx_pd_number_of_points                 ? 
_refine.pdbx_pd_meas_number_of_points            ? 
_refine.pdbx_pd_proc_ls_prof_R_factor            ? 
_refine.pdbx_pd_proc_ls_prof_wR_factor           ? 
_refine.pdbx_pd_Marquardt_correlation_coeff      ? 
_refine.pdbx_pd_Fsqrd_R_factor                   ? 
_refine.pdbx_pd_ls_matrix_band_width             ? 
_refine.pdbx_overall_phase_error                 27.0264 
_refine.pdbx_overall_SU_R_free_Cruickshank_DPI   ? 
_refine.pdbx_overall_SU_R_free_Blow_DPI          ? 
_refine.pdbx_overall_SU_R_Blow_DPI               ? 
_refine.pdbx_TLS_residual_ADP_flag               ? 
_refine.pdbx_diffrn_id                           1 
_refine.overall_SU_B                             ? 
_refine.overall_SU_ML                            0.2285 
_refine.overall_SU_R_Cruickshank_DPI             ? 
_refine.overall_SU_R_free                        ? 
_refine.overall_FOM_free_R_set                   ? 
_refine.overall_FOM_work_R_set                   ? 
_refine.pdbx_average_fsc_overall                 ? 
_refine.pdbx_average_fsc_work                    ? 
_refine.pdbx_average_fsc_free                    ? 
# 
_refine_hist.pdbx_refine_id                   'X-RAY DIFFRACTION' 
_refine_hist.cycle_id                         LAST 
_refine_hist.details                          ? 
_refine_hist.d_res_high                       1.77 
_refine_hist.d_res_low                        40.00 
_refine_hist.number_atoms_solvent             72 
_refine_hist.number_atoms_total               1026 
_refine_hist.number_reflns_all                ? 
_refine_hist.number_reflns_obs                ? 
_refine_hist.number_reflns_R_free             ? 
_refine_hist.number_reflns_R_work             ? 
_refine_hist.R_factor_all                     ? 
_refine_hist.R_factor_obs                     ? 
_refine_hist.R_factor_R_free                  ? 
_refine_hist.R_factor_R_work                  ? 
_refine_hist.pdbx_number_residues_total       ? 
_refine_hist.pdbx_B_iso_mean_ligand           ? 
_refine_hist.pdbx_B_iso_mean_solvent          ? 
_refine_hist.pdbx_number_atoms_protein        954 
_refine_hist.pdbx_number_atoms_nucleic_acid   0 
_refine_hist.pdbx_number_atoms_ligand         0 
_refine_hist.pdbx_number_atoms_lipid          ? 
_refine_hist.pdbx_number_atoms_carb           ? 
_refine_hist.pdbx_pseudo_atom_details         ? 
# 
loop_
_refine_ls_restr.pdbx_refine_id 
_refine_ls_restr.criterion 
_refine_ls_restr.dev_ideal 
_refine_ls_restr.dev_ideal_target 
_refine_ls_restr.number 
_refine_ls_restr.rejects 
_refine_ls_restr.type 
_refine_ls_restr.weight 
_refine_ls_restr.pdbx_restraint_function 
'X-RAY DIFFRACTION' ? 0.0069  ? 992  ? f_bond_d           ? ? 
'X-RAY DIFFRACTION' ? 0.7978  ? 1343 ? f_angle_d          ? ? 
'X-RAY DIFFRACTION' ? 0.0595  ? 136  ? f_chiral_restr     ? ? 
'X-RAY DIFFRACTION' ? 0.0123  ? 179  ? f_plane_restr      ? ? 
'X-RAY DIFFRACTION' ? 15.0507 ? 379  ? f_dihedral_angle_d ? ? 
# 
loop_
_refine_ls_shell.pdbx_refine_id 
_refine_ls_shell.d_res_high 
_refine_ls_shell.d_res_low 
_refine_ls_shell.number_reflns_all 
_refine_ls_shell.number_reflns_obs 
_refine_ls_shell.number_reflns_R_free 
_refine_ls_shell.number_reflns_R_work 
_refine_ls_shell.percent_reflns_obs 
_refine_ls_shell.percent_reflns_R_free 
_refine_ls_shell.R_factor_all 
_refine_ls_shell.R_factor_obs 
_refine_ls_shell.R_factor_R_free_error 
_refine_ls_shell.R_factor_R_work 
_refine_ls_shell.redundancy_reflns_all 
_refine_ls_shell.redundancy_reflns_obs 
_refine_ls_shell.wR_factor_all 
_refine_ls_shell.wR_factor_obs 
_refine_ls_shell.wR_factor_R_free 
_refine_ls_shell.wR_factor_R_work 
_refine_ls_shell.pdbx_R_complete 
_refine_ls_shell.pdbx_total_number_of_bins_used 
_refine_ls_shell.pdbx_phase_error 
_refine_ls_shell.pdbx_fsc_work 
_refine_ls_shell.pdbx_fsc_free 
_refine_ls_shell.R_factor_R_free 
'X-RAY DIFFRACTION' 1.77 1.86  . . 138 1194 98.52 . . . . 0.2376 . . . . . . . . . . . 0.3088 
'X-RAY DIFFRACTION' 1.86 1.98  . . 126 1199 98.00 . . . . 0.2132 . . . . . . . . . . . 0.3163 
'X-RAY DIFFRACTION' 1.98 2.13  . . 131 1195 98.22 . . . . 0.1952 . . . . . . . . . . . 0.2650 
'X-RAY DIFFRACTION' 2.13 2.35  . . 134 1210 99.33 . . . . 0.1726 . . . . . . . . . . . 0.2408 
'X-RAY DIFFRACTION' 2.35 2.69  . . 134 1230 99.20 . . . . 0.1875 . . . . . . . . . . . 0.2379 
'X-RAY DIFFRACTION' 2.69 3.39  . . 131 1212 98.10 . . . . 0.1922 . . . . . . . . . . . 0.2309 
'X-RAY DIFFRACTION' 3.39 40.00 . . 141 1247 97.82 . . . . 0.1790 . . . . . . . . . . . 0.2100 
# 
_struct.entry_id                     9DED 
_struct.title                        'Designed protein n8' 
_struct.pdbx_model_details           ? 
_struct.pdbx_formula_weight          ? 
_struct.pdbx_formula_weight_method   ? 
_struct.pdbx_model_type_details      ? 
_struct.pdbx_CASP_flag               N 
# 
_struct_keywords.entry_id        9DED 
_struct_keywords.text            'NTF2, organophosphate reactive protein, DE NOVO PROTEIN' 
_struct_keywords.pdbx_keywords   'DE NOVO PROTEIN' 
# 
loop_
_struct_asym.id 
_struct_asym.pdbx_blank_PDB_chainid_flag 
_struct_asym.pdbx_modified 
_struct_asym.entity_id 
_struct_asym.details 
A N N 1 ? 
B N N 2 ? 
# 
_struct_ref.id                         1 
_struct_ref.db_name                    PDB 
_struct_ref.db_code                    9DED 
_struct_ref.pdbx_db_accession          9DED 
_struct_ref.pdbx_db_isoform            ? 
_struct_ref.entity_id                  1 
_struct_ref.pdbx_seq_one_letter_code   ? 
_struct_ref.pdbx_align_begin           1 
# 
_struct_ref_seq.align_id                      1 
_struct_ref_seq.ref_id                        1 
_struct_ref_seq.pdbx_PDB_id_code              9DED 
_struct_ref_seq.pdbx_strand_id                A 
_struct_ref_seq.seq_align_beg                 1 
_struct_ref_seq.pdbx_seq_align_beg_ins_code   ? 
_struct_ref_seq.seq_align_end                 116 
_struct_ref_seq.pdbx_seq_align_end_ins_code   ? 
_struct_ref_seq.pdbx_db_accession             9DED 
_struct_ref_seq.db_align_beg                  -2 
_struct_ref_seq.pdbx_db_align_beg_ins_code    ? 
_struct_ref_seq.db_align_end                  113 
_struct_ref_seq.pdbx_db_align_end_ins_code    ? 
_struct_ref_seq.pdbx_auth_seq_align_beg       -2 
_struct_ref_seq.pdbx_auth_seq_align_end       113 
# 
_pdbx_struct_assembly.id                   1 
_pdbx_struct_assembly.details              author_defined_assembly 
_pdbx_struct_assembly.method_details       ? 
_pdbx_struct_assembly.oligomeric_details   monomeric 
_pdbx_struct_assembly.oligomeric_count     1 
# 
_pdbx_struct_assembly_gen.assembly_id       1 
_pdbx_struct_assembly_gen.oper_expression   1 
_pdbx_struct_assembly_gen.asym_id_list      A,B 
# 
_pdbx_struct_assembly_auth_evidence.id                     1 
_pdbx_struct_assembly_auth_evidence.assembly_id            1 
_pdbx_struct_assembly_auth_evidence.experimental_support   'gel filtration' 
_pdbx_struct_assembly_auth_evidence.details                ? 
# 
_pdbx_struct_oper_list.id                   1 
_pdbx_struct_oper_list.type                 'identity operation' 
_pdbx_struct_oper_list.name                 1_555 
_pdbx_struct_oper_list.symmetry_operation   x,y,z 
_pdbx_struct_oper_list.matrix[1][1]         1.0000000000 
_pdbx_struct_oper_list.matrix[1][2]         0.0000000000 
_pdbx_struct_oper_list.matrix[1][3]         0.0000000000 
_pdbx_struct_oper_list.vector[1]            0.0000000000 
_pdbx_struct_oper_list.matrix[2][1]         0.0000000000 
_pdbx_struct_oper_list.matrix[2][2]         1.0000000000 
_pdbx_struct_oper_list.matrix[2][3]         0.0000000000 
_pdbx_struct_oper_list.vector[2]            0.0000000000 
_pdbx_struct_oper_list.matrix[3][1]         0.0000000000 
_pdbx_struct_oper_list.matrix[3][2]         0.0000000000 
_pdbx_struct_oper_list.matrix[3][3]         1.0000000000 
_pdbx_struct_oper_list.vector[3]            0.0000000000 
# 
loop_
_struct_conf.conf_type_id 
_struct_conf.id 
_struct_conf.pdbx_PDB_helix_id 
_struct_conf.beg_label_comp_id 
_struct_conf.beg_label_asym_id 
_struct_conf.beg_label_seq_id 
_struct_conf.pdbx_beg_PDB_ins_code 
_struct_conf.end_label_comp_id 
_struct_conf.end_label_asym_id 
_struct_conf.end_label_seq_id 
_struct_conf.pdbx_end_PDB_ins_code 
_struct_conf.beg_auth_comp_id 
_struct_conf.beg_auth_asym_id 
_struct_conf.beg_auth_seq_id 
_struct_conf.end_auth_comp_id 
_struct_conf.end_auth_asym_id 
_struct_conf.end_auth_seq_id 
_struct_conf.pdbx_PDB_helix_class 
_struct_conf.details 
_struct_conf.pdbx_PDB_helix_length 
HELX_P HELX_P1 AA1 GLY A 3  ? ALA A 21 ? GLY A 0  ALA A 18 1 ? 19 
HELX_P HELX_P2 AA2 ASP A 23 ? GLY A 35 ? ASP A 20 GLY A 32 1 ? 13 
HELX_P HELX_P3 AA3 SER A 48 ? GLY A 60 ? SER A 45 GLY A 57 1 ? 13 
# 
_struct_conf_type.id          HELX_P 
_struct_conf_type.criteria    ? 
_struct_conf_type.reference   ? 
# 
_struct_sheet.id               AA1 
_struct_sheet.type             ? 
_struct_sheet.number_strands   6 
_struct_sheet.details          ? 
# 
loop_
_struct_sheet_order.sheet_id 
_struct_sheet_order.range_id_1 
_struct_sheet_order.range_id_2 
_struct_sheet_order.offset 
_struct_sheet_order.sense 
AA1 1 2 ? anti-parallel 
AA1 2 3 ? parallel      
AA1 3 4 ? anti-parallel 
AA1 4 5 ? anti-parallel 
AA1 5 6 ? anti-parallel 
# 
loop_
_struct_sheet_range.sheet_id 
_struct_sheet_range.id 
_struct_sheet_range.beg_label_comp_id 
_struct_sheet_range.beg_label_asym_id 
_struct_sheet_range.beg_label_seq_id 
_struct_sheet_range.pdbx_beg_PDB_ins_code 
_struct_sheet_range.end_label_comp_id 
_struct_sheet_range.end_label_asym_id 
_struct_sheet_range.end_label_seq_id 
_struct_sheet_range.pdbx_end_PDB_ins_code 
_struct_sheet_range.beg_auth_comp_id 
_struct_sheet_range.beg_auth_asym_id 
_struct_sheet_range.beg_auth_seq_id 
_struct_sheet_range.end_auth_comp_id 
_struct_sheet_range.end_auth_asym_id 
_struct_sheet_range.end_auth_seq_id 
AA1 1 ARG A 44  ? PHE A 46  ? ARG A 41  PHE A 43  
AA1 2 VAL A 36  ? LEU A 41  ? VAL A 33  LEU A 38  
AA1 3 TYR A 104 ? GLY A 114 ? TYR A 101 GLY A 111 
AA1 4 TYR A 89  ? ARG A 98  ? TYR A 86  ARG A 95  
AA1 5 VAL A 75  ? SER A 83  ? VAL A 72  SER A 80  
AA1 6 ARG A 62  ? GLU A 72  ? ARG A 59  GLU A 69  
# 
loop_
_pdbx_struct_sheet_hbond.sheet_id 
_pdbx_struct_sheet_hbond.range_id_1 
_pdbx_struct_sheet_hbond.range_id_2 
_pdbx_struct_sheet_hbond.range_1_label_atom_id 
_pdbx_struct_sheet_hbond.range_1_label_comp_id 
_pdbx_struct_sheet_hbond.range_1_label_asym_id 
_pdbx_struct_sheet_hbond.range_1_label_seq_id 
_pdbx_struct_sheet_hbond.range_1_PDB_ins_code 
_pdbx_struct_sheet_hbond.range_1_auth_atom_id 
_pdbx_struct_sheet_hbond.range_1_auth_comp_id 
_pdbx_struct_sheet_hbond.range_1_auth_asym_id 
_pdbx_struct_sheet_hbond.range_1_auth_seq_id 
_pdbx_struct_sheet_hbond.range_2_label_atom_id 
_pdbx_struct_sheet_hbond.range_2_label_comp_id 
_pdbx_struct_sheet_hbond.range_2_label_asym_id 
_pdbx_struct_sheet_hbond.range_2_label_seq_id 
_pdbx_struct_sheet_hbond.range_2_PDB_ins_code 
_pdbx_struct_sheet_hbond.range_2_auth_atom_id 
_pdbx_struct_sheet_hbond.range_2_auth_comp_id 
_pdbx_struct_sheet_hbond.range_2_auth_asym_id 
_pdbx_struct_sheet_hbond.range_2_auth_seq_id 
AA1 1 2 O PHE A 46  ? O PHE A 43  N LEU A 39  ? N LEU A 36  
AA1 2 3 N ALA A 37  ? N ALA A 34  O TYR A 104 ? O TYR A 101 
AA1 3 4 O LEU A 113 ? O LEU A 110 N TYR A 89  ? N TYR A 86  
AA1 4 5 O HIS A 92  ? O HIS A 89  N ASP A 80  ? N ASP A 77  
AA1 5 6 O ILE A 81  ? O ILE A 78  N ARG A 65  ? N ARG A 62  
# 
_pdbx_entry_details.entry_id                   9DED 
_pdbx_entry_details.compound_details           ? 
_pdbx_entry_details.source_details             ? 
_pdbx_entry_details.nonpolymer_details         ? 
_pdbx_entry_details.sequence_details           ? 
_pdbx_entry_details.has_ligand_of_interest     ? 
_pdbx_entry_details.has_protein_modification   N 
# 
_pdbx_validate_torsion.id              1 
_pdbx_validate_torsion.PDB_model_num   1 
_pdbx_validate_torsion.auth_comp_id    ASP 
_pdbx_validate_torsion.auth_asym_id    A 
_pdbx_validate_torsion.auth_seq_id     70 
_pdbx_validate_torsion.PDB_ins_code    ? 
_pdbx_validate_torsion.label_alt_id    ? 
_pdbx_validate_torsion.phi             -51.79 
_pdbx_validate_torsion.psi             106.38 
# 
loop_
_space_group_symop.id 
_space_group_symop.operation_xyz 
1 x,y,z       
2 -x,y+1/2,-z 
# 
loop_
_pdbx_unobs_or_zero_occ_residues.id 
_pdbx_unobs_or_zero_occ_residues.PDB_model_num 
_pdbx_unobs_or_zero_occ_residues.polymer_flag 
_pdbx_unobs_or_zero_occ_residues.occupancy_flag 
_pdbx_unobs_or_zero_occ_residues.auth_asym_id 
_pdbx_unobs_or_zero_occ_residues.auth_comp_id 
_pdbx_unobs_or_zero_occ_residues.auth_seq_id 
_pdbx_unobs_or_zero_occ_residues.PDB_ins_code 
_pdbx_unobs_or_zero_occ_residues.label_asym_id 
_pdbx_unobs_or_zero_occ_residues.label_comp_id 
_pdbx_unobs_or_zero_occ_residues.label_seq_id 
1 1 Y 1 A MET -2 ? A MET 1 
2 1 Y 1 A SER -1 ? A SER 2 
# 
loop_
_chem_comp_atom.comp_id 
_chem_comp_atom.atom_id 
_chem_comp_atom.type_symbol 
_chem_comp_atom.pdbx_aromatic_flag 
_chem_comp_atom.pdbx_stereo_config 
_chem_comp_atom.pdbx_ordinal 
ALA N    N N N 1   
ALA CA   C N S 2   
ALA C    C N N 3   
ALA O    O N N 4   
ALA CB   C N N 5   
ALA OXT  O N N 6   
ALA H    H N N 7   
ALA H2   H N N 8   
ALA HA   H N N 9   
ALA HB1  H N N 10  
ALA HB2  H N N 11  
ALA HB3  H N N 12  
ALA HXT  H N N 13  
ARG N    N N N 14  
ARG CA   C N S 15  
ARG C    C N N 16  
ARG O    O N N 17  
ARG CB   C N N 18  
ARG CG   C N N 19  
ARG CD   C N N 20  
ARG NE   N N N 21  
ARG CZ   C N N 22  
ARG NH1  N N N 23  
ARG NH2  N N N 24  
ARG OXT  O N N 25  
ARG H    H N N 26  
ARG H2   H N N 27  
ARG HA   H N N 28  
ARG HB2  H N N 29  
ARG HB3  H N N 30  
ARG HG2  H N N 31  
ARG HG3  H N N 32  
ARG HD2  H N N 33  
ARG HD3  H N N 34  
ARG HE   H N N 35  
ARG HH11 H N N 36  
ARG HH12 H N N 37  
ARG HH21 H N N 38  
ARG HH22 H N N 39  
ARG HXT  H N N 40  
ASN N    N N N 41  
ASN CA   C N S 42  
ASN C    C N N 43  
ASN O    O N N 44  
ASN CB   C N N 45  
ASN CG   C N N 46  
ASN OD1  O N N 47  
ASN ND2  N N N 48  
ASN OXT  O N N 49  
ASN H    H N N 50  
ASN H2   H N N 51  
ASN HA   H N N 52  
ASN HB2  H N N 53  
ASN HB3  H N N 54  
ASN HD21 H N N 55  
ASN HD22 H N N 56  
ASN HXT  H N N 57  
ASP N    N N N 58  
ASP CA   C N S 59  
ASP C    C N N 60  
ASP O    O N N 61  
ASP CB   C N N 62  
ASP CG   C N N 63  
ASP OD1  O N N 64  
ASP OD2  O N N 65  
ASP OXT  O N N 66  
ASP H    H N N 67  
ASP H2   H N N 68  
ASP HA   H N N 69  
ASP HB2  H N N 70  
ASP HB3  H N N 71  
ASP HD2  H N N 72  
ASP HXT  H N N 73  
GLN N    N N N 74  
GLN CA   C N S 75  
GLN C    C N N 76  
GLN O    O N N 77  
GLN CB   C N N 78  
GLN CG   C N N 79  
GLN CD   C N N 80  
GLN OE1  O N N 81  
GLN NE2  N N N 82  
GLN OXT  O N N 83  
GLN H    H N N 84  
GLN H2   H N N 85  
GLN HA   H N N 86  
GLN HB2  H N N 87  
GLN HB3  H N N 88  
GLN HG2  H N N 89  
GLN HG3  H N N 90  
GLN HE21 H N N 91  
GLN HE22 H N N 92  
GLN HXT  H N N 93  
GLU N    N N N 94  
GLU CA   C N S 95  
GLU C    C N N 96  
GLU O    O N N 97  
GLU CB   C N N 98  
GLU CG   C N N 99  
GLU CD   C N N 100 
GLU OE1  O N N 101 
GLU OE2  O N N 102 
GLU OXT  O N N 103 
GLU H    H N N 104 
GLU H2   H N N 105 
GLU HA   H N N 106 
GLU HB2  H N N 107 
GLU HB3  H N N 108 
GLU HG2  H N N 109 
GLU HG3  H N N 110 
GLU HE2  H N N 111 
GLU HXT  H N N 112 
GLY N    N N N 113 
GLY CA   C N N 114 
GLY C    C N N 115 
GLY O    O N N 116 
GLY OXT  O N N 117 
GLY H    H N N 118 
GLY H2   H N N 119 
GLY HA2  H N N 120 
GLY HA3  H N N 121 
GLY HXT  H N N 122 
HIS N    N N N 123 
HIS CA   C N S 124 
HIS C    C N N 125 
HIS O    O N N 126 
HIS CB   C N N 127 
HIS CG   C Y N 128 
HIS ND1  N Y N 129 
HIS CD2  C Y N 130 
HIS CE1  C Y N 131 
HIS NE2  N Y N 132 
HIS OXT  O N N 133 
HIS H    H N N 134 
HIS H2   H N N 135 
HIS HA   H N N 136 
HIS HB2  H N N 137 
HIS HB3  H N N 138 
HIS HD1  H N N 139 
HIS HD2  H N N 140 
HIS HE1  H N N 141 
HIS HE2  H N N 142 
HIS HXT  H N N 143 
HOH O    O N N 144 
HOH H1   H N N 145 
HOH H2   H N N 146 
ILE N    N N N 147 
ILE CA   C N S 148 
ILE C    C N N 149 
ILE O    O N N 150 
ILE CB   C N S 151 
ILE CG1  C N N 152 
ILE CG2  C N N 153 
ILE CD1  C N N 154 
ILE OXT  O N N 155 
ILE H    H N N 156 
ILE H2   H N N 157 
ILE HA   H N N 158 
ILE HB   H N N 159 
ILE HG12 H N N 160 
ILE HG13 H N N 161 
ILE HG21 H N N 162 
ILE HG22 H N N 163 
ILE HG23 H N N 164 
ILE HD11 H N N 165 
ILE HD12 H N N 166 
ILE HD13 H N N 167 
ILE HXT  H N N 168 
LEU N    N N N 169 
LEU CA   C N S 170 
LEU C    C N N 171 
LEU O    O N N 172 
LEU CB   C N N 173 
LEU CG   C N N 174 
LEU CD1  C N N 175 
LEU CD2  C N N 176 
LEU OXT  O N N 177 
LEU H    H N N 178 
LEU H2   H N N 179 
LEU HA   H N N 180 
LEU HB2  H N N 181 
LEU HB3  H N N 182 
LEU HG   H N N 183 
LEU HD11 H N N 184 
LEU HD12 H N N 185 
LEU HD13 H N N 186 
LEU HD21 H N N 187 
LEU HD22 H N N 188 
LEU HD23 H N N 189 
LEU HXT  H N N 190 
LYS N    N N N 191 
LYS CA   C N S 192 
LYS C    C N N 193 
LYS O    O N N 194 
LYS CB   C N N 195 
LYS CG   C N N 196 
LYS CD   C N N 197 
LYS CE   C N N 198 
LYS NZ   N N N 199 
LYS OXT  O N N 200 
LYS H    H N N 201 
LYS H2   H N N 202 
LYS HA   H N N 203 
LYS HB2  H N N 204 
LYS HB3  H N N 205 
LYS HG2  H N N 206 
LYS HG3  H N N 207 
LYS HD2  H N N 208 
LYS HD3  H N N 209 
LYS HE2  H N N 210 
LYS HE3  H N N 211 
LYS HZ1  H N N 212 
LYS HZ2  H N N 213 
LYS HZ3  H N N 214 
LYS HXT  H N N 215 
MET N    N N N 216 
MET CA   C N S 217 
MET C    C N N 218 
MET O    O N N 219 
MET CB   C N N 220 
MET CG   C N N 221 
MET SD   S N N 222 
MET CE   C N N 223 
MET OXT  O N N 224 
MET H    H N N 225 
MET H2   H N N 226 
MET HA   H N N 227 
MET HB2  H N N 228 
MET HB3  H N N 229 
MET HG2  H N N 230 
MET HG3  H N N 231 
MET HE1  H N N 232 
MET HE2  H N N 233 
MET HE3  H N N 234 
MET HXT  H N N 235 
PHE N    N N N 236 
PHE CA   C N S 237 
PHE C    C N N 238 
PHE O    O N N 239 
PHE CB   C N N 240 
PHE CG   C Y N 241 
PHE CD1  C Y N 242 
PHE CD2  C Y N 243 
PHE CE1  C Y N 244 
PHE CE2  C Y N 245 
PHE CZ   C Y N 246 
PHE OXT  O N N 247 
PHE H    H N N 248 
PHE H2   H N N 249 
PHE HA   H N N 250 
PHE HB2  H N N 251 
PHE HB3  H N N 252 
PHE HD1  H N N 253 
PHE HD2  H N N 254 
PHE HE1  H N N 255 
PHE HE2  H N N 256 
PHE HZ   H N N 257 
PHE HXT  H N N 258 
PRO N    N N N 259 
PRO CA   C N S 260 
PRO C    C N N 261 
PRO O    O N N 262 
PRO CB   C N N 263 
PRO CG   C N N 264 
PRO CD   C N N 265 
PRO OXT  O N N 266 
PRO H    H N N 267 
PRO HA   H N N 268 
PRO HB2  H N N 269 
PRO HB3  H N N 270 
PRO HG2  H N N 271 
PRO HG3  H N N 272 
PRO HD2  H N N 273 
PRO HD3  H N N 274 
PRO HXT  H N N 275 
SER N    N N N 276 
SER CA   C N S 277 
SER C    C N N 278 
SER O    O N N 279 
SER CB   C N N 280 
SER OG   O N N 281 
SER OXT  O N N 282 
SER H    H N N 283 
SER H2   H N N 284 
SER HA   H N N 285 
SER HB2  H N N 286 
SER HB3  H N N 287 
SER HG   H N N 288 
SER HXT  H N N 289 
THR N    N N N 290 
THR CA   C N S 291 
THR C    C N N 292 
THR O    O N N 293 
THR CB   C N R 294 
THR OG1  O N N 295 
THR CG2  C N N 296 
THR OXT  O N N 297 
THR H    H N N 298 
THR H2   H N N 299 
THR HA   H N N 300 
THR HB   H N N 301 
THR HG1  H N N 302 
THR HG21 H N N 303 
THR HG22 H N N 304 
THR HG23 H N N 305 
THR HXT  H N N 306 
TRP N    N N N 307 
TRP CA   C N S 308 
TRP C    C N N 309 
TRP O    O N N 310 
TRP CB   C N N 311 
TRP CG   C Y N 312 
TRP CD1  C Y N 313 
TRP CD2  C Y N 314 
TRP NE1  N Y N 315 
TRP CE2  C Y N 316 
TRP CE3  C Y N 317 
TRP CZ2  C Y N 318 
TRP CZ3  C Y N 319 
TRP CH2  C Y N 320 
TRP OXT  O N N 321 
TRP H    H N N 322 
TRP H2   H N N 323 
TRP HA   H N N 324 
TRP HB2  H N N 325 
TRP HB3  H N N 326 
TRP HD1  H N N 327 
TRP HE1  H N N 328 
TRP HE3  H N N 329 
TRP HZ2  H N N 330 
TRP HZ3  H N N 331 
TRP HH2  H N N 332 
TRP HXT  H N N 333 
TYR N    N N N 334 
TYR CA   C N S 335 
TYR C    C N N 336 
TYR O    O N N 337 
TYR CB   C N N 338 
TYR CG   C Y N 339 
TYR CD1  C Y N 340 
TYR CD2  C Y N 341 
TYR CE1  C Y N 342 
TYR CE2  C Y N 343 
TYR CZ   C Y N 344 
TYR OH   O N N 345 
TYR OXT  O N N 346 
TYR H    H N N 347 
TYR H2   H N N 348 
TYR HA   H N N 349 
TYR HB2  H N N 350 
TYR HB3  H N N 351 
TYR HD1  H N N 352 
TYR HD2  H N N 353 
TYR HE1  H N N 354 
TYR HE2  H N N 355 
TYR HH   H N N 356 
TYR HXT  H N N 357 
VAL N    N N N 358 
VAL CA   C N S 359 
VAL C    C N N 360 
VAL O    O N N 361 
VAL CB   C N N 362 
VAL CG1  C N N 363 
VAL CG2  C N N 364 
VAL OXT  O N N 365 
VAL H    H N N 366 
VAL H2   H N N 367 
VAL HA   H N N 368 
VAL HB   H N N 369 
VAL HG11 H N N 370 
VAL HG12 H N N 371 
VAL HG13 H N N 372 
VAL HG21 H N N 373 
VAL HG22 H N N 374 
VAL HG23 H N N 375 
VAL HXT  H N N 376 
# 
loop_
_chem_comp_bond.comp_id 
_chem_comp_bond.atom_id_1 
_chem_comp_bond.atom_id_2 
_chem_comp_bond.value_order 
_chem_comp_bond.pdbx_aromatic_flag 
_chem_comp_bond.pdbx_stereo_config 
_chem_comp_bond.pdbx_ordinal 
ALA N   CA   sing N N 1   
ALA N   H    sing N N 2   
ALA N   H2   sing N N 3   
ALA CA  C    sing N N 4   
ALA CA  CB   sing N N 5   
ALA CA  HA   sing N N 6   
ALA C   O    doub N N 7   
ALA C   OXT  sing N N 8   
ALA CB  HB1  sing N N 9   
ALA CB  HB2  sing N N 10  
ALA CB  HB3  sing N N 11  
ALA OXT HXT  sing N N 12  
ARG N   CA   sing N N 13  
ARG N   H    sing N N 14  
ARG N   H2   sing N N 15  
ARG CA  C    sing N N 16  
ARG CA  CB   sing N N 17  
ARG CA  HA   sing N N 18  
ARG C   O    doub N N 19  
ARG C   OXT  sing N N 20  
ARG CB  CG   sing N N 21  
ARG CB  HB2  sing N N 22  
ARG CB  HB3  sing N N 23  
ARG CG  CD   sing N N 24  
ARG CG  HG2  sing N N 25  
ARG CG  HG3  sing N N 26  
ARG CD  NE   sing N N 27  
ARG CD  HD2  sing N N 28  
ARG CD  HD3  sing N N 29  
ARG NE  CZ   sing N N 30  
ARG NE  HE   sing N N 31  
ARG CZ  NH1  sing N N 32  
ARG CZ  NH2  doub N N 33  
ARG NH1 HH11 sing N N 34  
ARG NH1 HH12 sing N N 35  
ARG NH2 HH21 sing N N 36  
ARG NH2 HH22 sing N N 37  
ARG OXT HXT  sing N N 38  
ASN N   CA   sing N N 39  
ASN N   H    sing N N 40  
ASN N   H2   sing N N 41  
ASN CA  C    sing N N 42  
ASN CA  CB   sing N N 43  
ASN CA  HA   sing N N 44  
ASN C   O    doub N N 45  
ASN C   OXT  sing N N 46  
ASN CB  CG   sing N N 47  
ASN CB  HB2  sing N N 48  
ASN CB  HB3  sing N N 49  
ASN CG  OD1  doub N N 50  
ASN CG  ND2  sing N N 51  
ASN ND2 HD21 sing N N 52  
ASN ND2 HD22 sing N N 53  
ASN OXT HXT  sing N N 54  
ASP N   CA   sing N N 55  
ASP N   H    sing N N 56  
ASP N   H2   sing N N 57  
ASP CA  C    sing N N 58  
ASP CA  CB   sing N N 59  
ASP CA  HA   sing N N 60  
ASP C   O    doub N N 61  
ASP C   OXT  sing N N 62  
ASP CB  CG   sing N N 63  
ASP CB  HB2  sing N N 64  
ASP CB  HB3  sing N N 65  
ASP CG  OD1  doub N N 66  
ASP CG  OD2  sing N N 67  
ASP OD2 HD2  sing N N 68  
ASP OXT HXT  sing N N 69  
GLN N   CA   sing N N 70  
GLN N   H    sing N N 71  
GLN N   H2   sing N N 72  
GLN CA  C    sing N N 73  
GLN CA  CB   sing N N 74  
GLN CA  HA   sing N N 75  
GLN C   O    doub N N 76  
GLN C   OXT  sing N N 77  
GLN CB  CG   sing N N 78  
GLN CB  HB2  sing N N 79  
GLN CB  HB3  sing N N 80  
GLN CG  CD   sing N N 81  
GLN CG  HG2  sing N N 82  
GLN CG  HG3  sing N N 83  
GLN CD  OE1  doub N N 84  
GLN CD  NE2  sing N N 85  
GLN NE2 HE21 sing N N 86  
GLN NE2 HE22 sing N N 87  
GLN OXT HXT  sing N N 88  
GLU N   CA   sing N N 89  
GLU N   H    sing N N 90  
GLU N   H2   sing N N 91  
GLU CA  C    sing N N 92  
GLU CA  CB   sing N N 93  
GLU CA  HA   sing N N 94  
GLU C   O    doub N N 95  
GLU C   OXT  sing N N 96  
GLU CB  CG   sing N N 97  
GLU CB  HB2  sing N N 98  
GLU CB  HB3  sing N N 99  
GLU CG  CD   sing N N 100 
GLU CG  HG2  sing N N 101 
GLU CG  HG3  sing N N 102 
GLU CD  OE1  doub N N 103 
GLU CD  OE2  sing N N 104 
GLU OE2 HE2  sing N N 105 
GLU OXT HXT  sing N N 106 
GLY N   CA   sing N N 107 
GLY N   H    sing N N 108 
GLY N   H2   sing N N 109 
GLY CA  C    sing N N 110 
GLY CA  HA2  sing N N 111 
GLY CA  HA3  sing N N 112 
GLY C   O    doub N N 113 
GLY C   OXT  sing N N 114 
GLY OXT HXT  sing N N 115 
HIS N   CA   sing N N 116 
HIS N   H    sing N N 117 
HIS N   H2   sing N N 118 
HIS CA  C    sing N N 119 
HIS CA  CB   sing N N 120 
HIS CA  HA   sing N N 121 
HIS C   O    doub N N 122 
HIS C   OXT  sing N N 123 
HIS CB  CG   sing N N 124 
HIS CB  HB2  sing N N 125 
HIS CB  HB3  sing N N 126 
HIS CG  ND1  sing Y N 127 
HIS CG  CD2  doub Y N 128 
HIS ND1 CE1  doub Y N 129 
HIS ND1 HD1  sing N N 130 
HIS CD2 NE2  sing Y N 131 
HIS CD2 HD2  sing N N 132 
HIS CE1 NE2  sing Y N 133 
HIS CE1 HE1  sing N N 134 
HIS NE2 HE2  sing N N 135 
HIS OXT HXT  sing N N 136 
HOH O   H1   sing N N 137 
HOH O   H2   sing N N 138 
ILE N   CA   sing N N 139 
ILE N   H    sing N N 140 
ILE N   H2   sing N N 141 
ILE CA  C    sing N N 142 
ILE CA  CB   sing N N 143 
ILE CA  HA   sing N N 144 
ILE C   O    doub N N 145 
ILE C   OXT  sing N N 146 
ILE CB  CG1  sing N N 147 
ILE CB  CG2  sing N N 148 
ILE CB  HB   sing N N 149 
ILE CG1 CD1  sing N N 150 
ILE CG1 HG12 sing N N 151 
ILE CG1 HG13 sing N N 152 
ILE CG2 HG21 sing N N 153 
ILE CG2 HG22 sing N N 154 
ILE CG2 HG23 sing N N 155 
ILE CD1 HD11 sing N N 156 
ILE CD1 HD12 sing N N 157 
ILE CD1 HD13 sing N N 158 
ILE OXT HXT  sing N N 159 
LEU N   CA   sing N N 160 
LEU N   H    sing N N 161 
LEU N   H2   sing N N 162 
LEU CA  C    sing N N 163 
LEU CA  CB   sing N N 164 
LEU CA  HA   sing N N 165 
LEU C   O    doub N N 166 
LEU C   OXT  sing N N 167 
LEU CB  CG   sing N N 168 
LEU CB  HB2  sing N N 169 
LEU CB  HB3  sing N N 170 
LEU CG  CD1  sing N N 171 
LEU CG  CD2  sing N N 172 
LEU CG  HG   sing N N 173 
LEU CD1 HD11 sing N N 174 
LEU CD1 HD12 sing N N 175 
LEU CD1 HD13 sing N N 176 
LEU CD2 HD21 sing N N 177 
LEU CD2 HD22 sing N N 178 
LEU CD2 HD23 sing N N 179 
LEU OXT HXT  sing N N 180 
LYS N   CA   sing N N 181 
LYS N   H    sing N N 182 
LYS N   H2   sing N N 183 
LYS CA  C    sing N N 184 
LYS CA  CB   sing N N 185 
LYS CA  HA   sing N N 186 
LYS C   O    doub N N 187 
LYS C   OXT  sing N N 188 
LYS CB  CG   sing N N 189 
LYS CB  HB2  sing N N 190 
LYS CB  HB3  sing N N 191 
LYS CG  CD   sing N N 192 
LYS CG  HG2  sing N N 193 
LYS CG  HG3  sing N N 194 
LYS CD  CE   sing N N 195 
LYS CD  HD2  sing N N 196 
LYS CD  HD3  sing N N 197 
LYS CE  NZ   sing N N 198 
LYS CE  HE2  sing N N 199 
LYS CE  HE3  sing N N 200 
LYS NZ  HZ1  sing N N 201 
LYS NZ  HZ2  sing N N 202 
LYS NZ  HZ3  sing N N 203 
LYS OXT HXT  sing N N 204 
MET N   CA   sing N N 205 
MET N   H    sing N N 206 
MET N   H2   sing N N 207 
MET CA  C    sing N N 208 
MET CA  CB   sing N N 209 
MET CA  HA   sing N N 210 
MET C   O    doub N N 211 
MET C   OXT  sing N N 212 
MET CB  CG   sing N N 213 
MET CB  HB2  sing N N 214 
MET CB  HB3  sing N N 215 
MET CG  SD   sing N N 216 
MET CG  HG2  sing N N 217 
MET CG  HG3  sing N N 218 
MET SD  CE   sing N N 219 
MET CE  HE1  sing N N 220 
MET CE  HE2  sing N N 221 
MET CE  HE3  sing N N 222 
MET OXT HXT  sing N N 223 
PHE N   CA   sing N N 224 
PHE N   H    sing N N 225 
PHE N   H2   sing N N 226 
PHE CA  C    sing N N 227 
PHE CA  CB   sing N N 228 
PHE CA  HA   sing N N 229 
PHE C   O    doub N N 230 
PHE C   OXT  sing N N 231 
PHE CB  CG   sing N N 232 
PHE CB  HB2  sing N N 233 
PHE CB  HB3  sing N N 234 
PHE CG  CD1  doub Y N 235 
PHE CG  CD2  sing Y N 236 
PHE CD1 CE1  sing Y N 237 
PHE CD1 HD1  sing N N 238 
PHE CD2 CE2  doub Y N 239 
PHE CD2 HD2  sing N N 240 
PHE CE1 CZ   doub Y N 241 
PHE CE1 HE1  sing N N 242 
PHE CE2 CZ   sing Y N 243 
PHE CE2 HE2  sing N N 244 
PHE CZ  HZ   sing N N 245 
PHE OXT HXT  sing N N 246 
PRO N   CA   sing N N 247 
PRO N   CD   sing N N 248 
PRO N   H    sing N N 249 
PRO CA  C    sing N N 250 
PRO CA  CB   sing N N 251 
PRO CA  HA   sing N N 252 
PRO C   O    doub N N 253 
PRO C   OXT  sing N N 254 
PRO CB  CG   sing N N 255 
PRO CB  HB2  sing N N 256 
PRO CB  HB3  sing N N 257 
PRO CG  CD   sing N N 258 
PRO CG  HG2  sing N N 259 
PRO CG  HG3  sing N N 260 
PRO CD  HD2  sing N N 261 
PRO CD  HD3  sing N N 262 
PRO OXT HXT  sing N N 263 
SER N   CA   sing N N 264 
SER N   H    sing N N 265 
SER N   H2   sing N N 266 
SER CA  C    sing N N 267 
SER CA  CB   sing N N 268 
SER CA  HA   sing N N 269 
SER C   O    doub N N 270 
SER C   OXT  sing N N 271 
SER CB  OG   sing N N 272 
SER CB  HB2  sing N N 273 
SER CB  HB3  sing N N 274 
SER OG  HG   sing N N 275 
SER OXT HXT  sing N N 276 
THR N   CA   sing N N 277 
THR N   H    sing N N 278 
THR N   H2   sing N N 279 
THR CA  C    sing N N 280 
THR CA  CB   sing N N 281 
THR CA  HA   sing N N 282 
THR C   O    doub N N 283 
THR C   OXT  sing N N 284 
THR CB  OG1  sing N N 285 
THR CB  CG2  sing N N 286 
THR CB  HB   sing N N 287 
THR OG1 HG1  sing N N 288 
THR CG2 HG21 sing N N 289 
THR CG2 HG22 sing N N 290 
THR CG2 HG23 sing N N 291 
THR OXT HXT  sing N N 292 
TRP N   CA   sing N N 293 
TRP N   H    sing N N 294 
TRP N   H2   sing N N 295 
TRP CA  C    sing N N 296 
TRP CA  CB   sing N N 297 
TRP CA  HA   sing N N 298 
TRP C   O    doub N N 299 
TRP C   OXT  sing N N 300 
TRP CB  CG   sing N N 301 
TRP CB  HB2  sing N N 302 
TRP CB  HB3  sing N N 303 
TRP CG  CD1  doub Y N 304 
TRP CG  CD2  sing Y N 305 
TRP CD1 NE1  sing Y N 306 
TRP CD1 HD1  sing N N 307 
TRP CD2 CE2  doub Y N 308 
TRP CD2 CE3  sing Y N 309 
TRP NE1 CE2  sing Y N 310 
TRP NE1 HE1  sing N N 311 
TRP CE2 CZ2  sing Y N 312 
TRP CE3 CZ3  doub Y N 313 
TRP CE3 HE3  sing N N 314 
TRP CZ2 CH2  doub Y N 315 
TRP CZ2 HZ2  sing N N 316 
TRP CZ3 CH2  sing Y N 317 
TRP CZ3 HZ3  sing N N 318 
TRP CH2 HH2  sing N N 319 
TRP OXT HXT  sing N N 320 
TYR N   CA   sing N N 321 
TYR N   H    sing N N 322 
TYR N   H2   sing N N 323 
TYR CA  C    sing N N 324 
TYR CA  CB   sing N N 325 
TYR CA  HA   sing N N 326 
TYR C   O    doub N N 327 
TYR C   OXT  sing N N 328 
TYR CB  CG   sing N N 329 
TYR CB  HB2  sing N N 330 
TYR CB  HB3  sing N N 331 
TYR CG  CD1  doub Y N 332 
TYR CG  CD2  sing Y N 333 
TYR CD1 CE1  sing Y N 334 
TYR CD1 HD1  sing N N 335 
TYR CD2 CE2  doub Y N 336 
TYR CD2 HD2  sing N N 337 
TYR CE1 CZ   doub Y N 338 
TYR CE1 HE1  sing N N 339 
TYR CE2 CZ   sing Y N 340 
TYR CE2 HE2  sing N N 341 
TYR CZ  OH   sing N N 342 
TYR OH  HH   sing N N 343 
TYR OXT HXT  sing N N 344 
VAL N   CA   sing N N 345 
VAL N   H    sing N N 346 
VAL N   H2   sing N N 347 
VAL CA  C    sing N N 348 
VAL CA  CB   sing N N 349 
VAL CA  HA   sing N N 350 
VAL C   O    doub N N 351 
VAL C   OXT  sing N N 352 
VAL CB  CG1  sing N N 353 
VAL CB  CG2  sing N N 354 
VAL CB  HB   sing N N 355 
VAL CG1 HG11 sing N N 356 
VAL CG1 HG12 sing N N 357 
VAL CG1 HG13 sing N N 358 
VAL CG2 HG21 sing N N 359 
VAL CG2 HG22 sing N N 360 
VAL CG2 HG23 sing N N 361 
VAL OXT HXT  sing N N 362 
# 
loop_
_pdbx_audit_support.funding_organization 
_pdbx_audit_support.country 
_pdbx_audit_support.grant_number 
_pdbx_audit_support.ordinal 
'Howard Hughes Medical Institute (HHMI)'                                                   'United States' ? 1 
'Other private'                                                                            ?               ? 2 
'National Institutes of Health/National Institute of General Medical Sciences (NIH/NIGMS)' 'United States' ? 3 
'Defense Advanced Research Projects Agency (DARPA)'                                        'United States' ? 4 
'Defense Threat Reduction Agency (DTRA)'                                                   'United States' ? 5 
# 
_pdbx_initial_refinement_model.id               1 
_pdbx_initial_refinement_model.entity_id_list   ? 
_pdbx_initial_refinement_model.type             'in silico model' 
_pdbx_initial_refinement_model.source_name      AlphaFold 
_pdbx_initial_refinement_model.accession_code   ? 
_pdbx_initial_refinement_model.details          ? 
# 
_space_group.name_H-M_alt     'P 1 21 1' 
_space_group.name_Hall        'P 2yb' 
_space_group.IT_number        4 
_space_group.crystal_system   monoclinic 
_space_group.id               1 
# 
_atom_sites.entry_id                    9DED 
_atom_sites.Cartn_transf_matrix[1][1]   ? 
_atom_sites.Cartn_transf_matrix[1][2]   ? 
_atom_sites.Cartn_transf_matrix[1][3]   ? 
_atom_sites.Cartn_transf_matrix[2][1]   ? 
_atom_sites.Cartn_transf_matrix[2][2]   ? 
_atom_sites.Cartn_transf_matrix[2][3]   ? 
_atom_sites.Cartn_transf_matrix[3][1]   ? 
_atom_sites.Cartn_transf_matrix[3][2]   ? 
_atom_sites.Cartn_transf_matrix[3][3]   ? 
_atom_sites.Cartn_transf_vector[1]      ? 
_atom_sites.Cartn_transf_vector[2]      ? 
_atom_sites.Cartn_transf_vector[3]      ? 
_atom_sites.Cartn_transform_axes        ? 
_atom_sites.fract_transf_matrix[1][1]   0.00791395 
_atom_sites.fract_transf_matrix[1][2]   -0.02495305 
_atom_sites.fract_transf_matrix[1][3]   0.00378921 
_atom_sites.fract_transf_matrix[2][1]   -0.01424801 
_atom_sites.fract_transf_matrix[2][2]   -0.00861306 
_atom_sites.fract_transf_matrix[2][3]   -0.02696180 
_atom_sites.fract_transf_matrix[3][1]   0.02209933 
_atom_sites.fract_transf_matrix[3][2]   0.00003119 
_atom_sites.fract_transf_matrix[3][3]   -0.01168839 
_atom_sites.fract_transf_vector[1]      0.329152 
_atom_sites.fract_transf_vector[2]      -0.259231 
_atom_sites.fract_transf_vector[3]      0.210409 
_atom_sites.solution_primary            ? 
_atom_sites.solution_secondary          ? 
_atom_sites.solution_hydrogens          ? 
_atom_sites.special_details             ? 
# 
loop_
_atom_type.symbol 
_atom_type.scat_dispersion_real 
_atom_type.scat_dispersion_imag 
_atom_type.scat_Cromer_Mann_a1 
_atom_type.scat_Cromer_Mann_a2 
_atom_type.scat_Cromer_Mann_a3 
_atom_type.scat_Cromer_Mann_a4 
_atom_type.scat_Cromer_Mann_b1 
_atom_type.scat_Cromer_Mann_b2 
_atom_type.scat_Cromer_Mann_b3 
_atom_type.scat_Cromer_Mann_b4 
_atom_type.scat_Cromer_Mann_c 
_atom_type.scat_source 
_atom_type.scat_dispersion_source 
C   ? ? 3.54356 2.42580 ? ? 25.62398 1.50364  ? ? 0.0 
;2-Gaussian fit: Grosse-Kunstleve RW, Sauter NK, Adams PD: Newsletter of the IUCr Commission on Crystallographic Computing 2004, 3, 22-31.
;
? 
N   ? ? 4.01032 2.96436 ? ? 19.97189 1.75589  ? ? 0.0 
;2-Gaussian fit: Grosse-Kunstleve RW, Sauter NK, Adams PD: Newsletter of the IUCr Commission on Crystallographic Computing 2004, 3, 22-31.
;
? 
O   ? ? 4.49882 3.47563 ? ? 15.80542 1.70748  ? ? 0.0 
;2-Gaussian fit: Grosse-Kunstleve RW, Sauter NK, Adams PD: Newsletter of the IUCr Commission on Crystallographic Computing 2004, 3, 22-31.
;
? 
O1- ? ? 5.12366 3.84317 ? ? 3.49406  27.47979 ? ? 0.0 
;2-Gaussian fit: Grosse-Kunstleve RW, Sauter NK, Adams PD: Newsletter of the IUCr Commission on Crystallographic Computing 2004, 3, 22-31.
;
? 
# 
loop_
_atom_site.group_PDB 
_atom_site.id 
_atom_site.type_symbol 
_atom_site.label_atom_id 
_atom_site.label_alt_id 
_atom_site.label_comp_id 
_atom_site.label_asym_id 
_atom_site.label_entity_id 
_atom_site.label_seq_id 
_atom_site.pdbx_PDB_ins_code 
_atom_site.Cartn_x 
_atom_site.Cartn_y 
_atom_site.Cartn_z 
_atom_site.occupancy 
_atom_site.B_iso_or_equiv 
_atom_site.pdbx_formal_charge 
_atom_site.auth_seq_id 
_atom_site.auth_comp_id 
_atom_site.auth_asym_id 
_atom_site.auth_atom_id 
_atom_site.pdbx_PDB_model_num 
ATOM   1    N N   . GLY A 1 3   ? 5.61636   20.28461  4.66996   1.000 61.87133 ?  0   GLY A N   1 
ATOM   2    C CA  . GLY A 1 3   ? 6.39593   19.30726  3.92968   1.000 64.01262 ?  0   GLY A CA  1 
ATOM   3    C C   . GLY A 1 3   ? 5.71464   17.95504  3.83786   1.000 62.22888 ?  0   GLY A C   1 
ATOM   4    O O   . GLY A 1 3   ? 6.29050   16.93562  4.22237   1.000 56.07179 ?  0   GLY A O   1 
ATOM   5    N N   . GLU A 1 4   ? 4.47913   17.95353  3.32419   1.000 56.85252 ?  1   GLU A N   1 
ATOM   6    C CA  . GLU A 1 4   ? 3.71487   16.71319  3.21696   1.000 55.75904 ?  1   GLU A CA  1 
ATOM   7    C C   . GLU A 1 4   ? 4.36598   15.72796  2.25091   1.000 52.34174 ?  1   GLU A C   1 
ATOM   8    O O   . GLU A 1 4   ? 4.18909   14.51299  2.39874   1.000 46.38431 ?  1   GLU A O   1 
ATOM   9    C CB  . GLU A 1 4   ? 2.27606   17.01588  2.78171   1.000 55.83821 ?  1   GLU A CB  1 
ATOM   10   C CG  . GLU A 1 4   ? 1.31997   15.82803  2.90013   1.000 54.85863 ?  1   GLU A CG  1 
ATOM   11   C CD  . GLU A 1 4   ? -0.04479  16.07246  2.25396   1.000 57.34569 ?  1   GLU A CD  1 
ATOM   12   O OE1 . GLU A 1 4   ? -0.16761  17.00418  1.42535   1.000 48.45479 ?  1   GLU A OE1 1 
ATOM   13   O OE2 . GLU A 1 4   ? -0.99432  15.32075  2.57630   1.000 44.90592 -1 1   GLU A OE2 1 
ATOM   14   N N   . GLU A 1 5   ? 5.12310   16.22063  1.26679   1.000 53.00431 ?  2   GLU A N   1 
ATOM   15   C CA  . GLU A 1 5   ? 5.75902   15.32054  0.30860   1.000 52.60951 ?  2   GLU A CA  1 
ATOM   16   C C   . GLU A 1 5   ? 6.90352   14.54885  0.95400   1.000 50.09976 ?  2   GLU A C   1 
ATOM   17   O O   . GLU A 1 5   ? 7.08535   13.35421  0.68716   1.000 45.83148 ?  2   GLU A O   1 
ATOM   18   C CB  . GLU A 1 5   ? 6.25135   16.10346  -0.90803  1.000 50.74183 ?  2   GLU A CB  1 
ATOM   19   C CG  . GLU A 1 5   ? 7.05786   15.26850  -1.88786  1.000 54.39606 ?  2   GLU A CG  1 
ATOM   20   C CD  . GLU A 1 5   ? 7.21458   15.93687  -3.24312  1.000 55.88343 ?  2   GLU A CD  1 
ATOM   21   O OE1 . GLU A 1 5   ? 6.93804   17.15005  -3.34351  1.000 64.84819 ?  2   GLU A OE1 1 
ATOM   22   O OE2 . GLU A 1 5   ? 7.60383   15.24871  -4.21153  1.000 60.86676 -1 2   GLU A OE2 1 
ATOM   23   N N   . GLU A 1 6   ? 7.68706   15.21616  1.80411   1.000 54.34563 ?  3   GLU A N   1 
ATOM   24   C CA  . GLU A 1 6   ? 8.73288   14.52070  2.54548   1.000 48.36583 ?  3   GLU A CA  1 
ATOM   25   C C   . GLU A 1 6   ? 8.14597   13.46102  3.46917   1.000 45.53275 ?  3   GLU A C   1 
ATOM   26   O O   . GLU A 1 6   ? 8.66387   12.34139  3.54493   1.000 38.17643 ?  3   GLU A O   1 
ATOM   27   C CB  . GLU A 1 6   ? 9.55579   15.53021  3.33833   1.000 56.71601 ?  3   GLU A CB  1 
ATOM   28   C CG  . GLU A 1 6   ? 10.95561  15.74483  2.80505   1.000 65.58975 ?  3   GLU A CG  1 
ATOM   29   C CD  . GLU A 1 6   ? 11.93358  14.71671  3.33596   1.000 78.16709 ?  3   GLU A CD  1 
ATOM   30   O OE1 . GLU A 1 6   ? 11.65474  14.13117  4.40492   1.000 77.03348 ?  3   GLU A OE1 1 
ATOM   31   O OE2 . GLU A 1 6   ? 12.98101  14.49349  2.68921   1.000 80.64964 -1 3   GLU A OE2 1 
ATOM   32   N N   . ARG A 1 7   ? 7.05538   13.79672  4.16509   1.000 44.69222 ?  4   ARG A N   1 
ATOM   33   C CA  . ARG A 1 7   ? 6.38607   12.83709  5.03807   1.000 40.75952 ?  4   ARG A CA  1 
ATOM   34   C C   . ARG A 1 7   ? 5.90956   11.61811  4.25366   1.000 40.43487 ?  4   ARG A C   1 
ATOM   35   O O   . ARG A 1 7   ? 6.03437   10.47946  4.72187   1.000 34.45271 ?  4   ARG A O   1 
ATOM   36   C CB  . ARG A 1 7   ? 5.21958   13.53238  5.74972   1.000 38.03117 ?  4   ARG A CB  1 
ATOM   37   C CG  . ARG A 1 7   ? 4.36879   12.66411  6.67767   1.000 42.47447 ?  4   ARG A CG  1 
ATOM   38   C CD  . ARG A 1 7   ? 3.41970   13.53387  7.53132   1.000 43.63925 ?  4   ARG A CD  1 
ATOM   39   N NE  . ARG A 1 7   ? 2.29111   12.77507  8.06691   1.000 51.11667 ?  4   ARG A NE  1 
ATOM   40   C CZ  . ARG A 1 7   ? 1.04192   12.86934  7.62388   1.000 45.66775 ?  4   ARG A CZ  1 
ATOM   41   N NH1 . ARG A 1 7   ? 0.70716   13.73187  6.67669   1.000 44.05431 ?  4   ARG A NH1 1 
ATOM   42   N NH2 . ARG A 1 7   ? 0.10354   12.08181  8.14687   1.000 36.02265 ?  4   ARG A NH2 1 
ATOM   43   N N   . PHE A 1 8   ? 5.37257   11.84239  3.05074   1.000 38.94261 ?  5   PHE A N   1 
ATOM   44   C CA  . PHE A 1 8   ? 4.93540   10.74299  2.19558   1.000 37.09303 ?  5   PHE A CA  1 
ATOM   45   C C   . PHE A 1 8   ? 6.09064   9.80166   1.87053   1.000 32.12600 ?  5   PHE A C   1 
ATOM   46   O O   . PHE A 1 8   ? 5.96319   8.57686   1.99419   1.000 30.69294 ?  5   PHE A O   1 
ATOM   47   C CB  . PHE A 1 8   ? 4.32966   11.29767  0.89993   1.000 39.61154 ?  5   PHE A CB  1 
ATOM   48   C CG  . PHE A 1 8   ? 2.85199   11.61325  0.97943   1.000 42.47866 ?  5   PHE A CG  1 
ATOM   49   C CD1 . PHE A 1 8   ? 1.95512   10.70589  1.51641   1.000 41.04210 ?  5   PHE A CD1 1 
ATOM   50   C CD2 . PHE A 1 8   ? 2.36082   12.81735  0.48176   1.000 46.63870 ?  5   PHE A CD2 1 
ATOM   51   C CE1 . PHE A 1 8   ? 0.59474   10.99831  1.56952   1.000 34.17071 ?  5   PHE A CE1 1 
ATOM   52   C CE2 . PHE A 1 8   ? 1.00530   13.11679  0.53124   1.000 43.90434 ?  5   PHE A CE2 1 
ATOM   53   C CZ  . PHE A 1 8   ? 0.12389   12.20719  1.07605   1.000 40.14696 ?  5   PHE A CZ  1 
ATOM   54   N N   . ARG A 1 9   ? 7.22891   10.35421  1.44038   1.000 35.95516 ?  6   ARG A N   1 
ATOM   55   C CA  . ARG A 1 9   ? 8.31572   9.50699   0.94983   1.000 30.84435 ?  6   ARG A CA  1 
ATOM   56   C C   . ARG A 1 9   ? 8.97403   8.72770   2.07907   1.000 30.69400 ?  6   ARG A C   1 
ATOM   57   O O   . ARG A 1 9   ? 9.34020   7.56073   1.89990   1.000 30.13052 ?  6   ARG A O   1 
ATOM   58   C CB  . ARG A 1 9   ? 9.35667   10.34725  0.21241   1.000 37.73497 ?  6   ARG A CB  1 
ATOM   59   C CG  . ARG A 1 9   ? 8.78688   11.14358  -0.92909  1.000 44.47075 ?  6   ARG A CG  1 
ATOM   60   C CD  . ARG A 1 9   ? 9.85839   11.68049  -1.86195  1.000 52.90820 ?  6   ARG A CD  1 
ATOM   61   N NE  . ARG A 1 9   ? 9.23415   12.49462  -2.89458  1.000 55.81923 ?  6   ARG A NE  1 
ATOM   62   C CZ  . ARG A 1 9   ? 8.63212   12.00422  -3.96998  1.000 56.12449 ?  6   ARG A CZ  1 
ATOM   63   N NH1 . ARG A 1 9   ? 8.65612   10.70815  -4.24677  1.000 58.86209 ?  6   ARG A NH1 1 
ATOM   64   N NH2 . ARG A 1 9   ? 7.97941   12.83247  -4.78051  1.000 55.13370 ?  6   ARG A NH2 1 
ATOM   65   N N   . ALA A 1 10  ? 9.14983   9.35901   3.24303   1.000 30.48273 ?  7   ALA A N   1 
ATOM   66   C CA  . ALA A 1 10  ? 9.72152   8.64799   4.37979   1.000 30.29225 ?  7   ALA A CA  1 
ATOM   67   C C   . ALA A 1 10  ? 8.79508   7.54080   4.86460   1.000 28.37168 ?  7   ALA A C   1 
ATOM   68   O O   . ALA A 1 10  ? 9.26236   6.49852   5.31967   1.000 23.55642 ?  7   ALA A O   1 
ATOM   69   C CB  . ALA A 1 10  ? 10.02473  9.62550   5.51391   1.000 33.05454 ?  7   ALA A CB  1 
ATOM   70   N N   . TYR A 1 11  ? 7.48278   7.74546   4.78165   1.000 27.78454 ?  8   TYR A N   1 
ATOM   71   C CA  A TYR A 1 11  ? 6.59498   6.66165   5.17276   0.415 29.14470 ?  8   TYR A CA  1 
ATOM   72   C CA  B TYR A 1 11  ? 6.52091   6.69959   5.12692   0.585 29.20560 ?  8   TYR A CA  1 
ATOM   73   C C   . TYR A 1 11  ? 6.60412   5.52996   4.14966   1.000 28.23894 ?  8   TYR A C   1 
ATOM   74   O O   . TYR A 1 11  ? 6.49163   4.36197   4.54344   1.000 27.65848 ?  8   TYR A O   1 
ATOM   75   C CB  A TYR A 1 11  ? 5.18101   7.19123   5.41819   0.415 30.75653 ?  8   TYR A CB  1 
ATOM   76   C CB  B TYR A 1 11  ? 5.10260   7.29749   5.14831   0.585 30.70759 ?  8   TYR A CB  1 
ATOM   77   C CG  A TYR A 1 11  ? 4.96481   7.56541   6.86910   0.415 28.70481 ?  8   TYR A CG  1 
ATOM   78   C CG  B TYR A 1 11  ? 4.00004   6.39051   4.61623   0.585 30.55305 ?  8   TYR A CG  1 
ATOM   79   C CD1 A TYR A 1 11  ? 4.56975   6.61223   7.80077   0.415 29.66232 ?  8   TYR A CD1 1 
ATOM   80   C CD1 B TYR A 1 11  ? 3.64325   6.40517   3.27221   0.585 32.46997 ?  8   TYR A CD1 1 
ATOM   81   C CD2 A TYR A 1 11  ? 5.19842   8.85823   7.31637   0.415 31.30471 ?  8   TYR A CD2 1 
ATOM   82   C CD2 B TYR A 1 11  ? 3.30213   5.54114   5.46323   0.585 30.30720 ?  8   TYR A CD2 1 
ATOM   83   C CE1 A TYR A 1 11  ? 4.38547   6.94325   9.13224   0.415 29.11271 ?  8   TYR A CE1 1 
ATOM   84   C CE1 B TYR A 1 11  ? 2.64322   5.58893   2.79094   0.585 29.81872 ?  8   TYR A CE1 1 
ATOM   85   C CE2 A TYR A 1 11  ? 5.01581   9.19957   8.64248   0.415 30.55183 ?  8   TYR A CE2 1 
ATOM   86   C CE2 B TYR A 1 11  ? 2.29800   4.71884   4.98488   0.585 29.90991 ?  8   TYR A CE2 1 
ATOM   87   C CZ  A TYR A 1 11  ? 4.61117   8.24209   9.54533   0.415 30.00054 ?  8   TYR A CZ  1 
ATOM   88   C CZ  B TYR A 1 11  ? 1.97966   4.74542   3.64729   0.585 24.88796 ?  8   TYR A CZ  1 
ATOM   89   O OH  A TYR A 1 11  ? 4.43207   8.58963   10.86526  0.415 31.38199 ?  8   TYR A OH  1 
ATOM   90   O OH  B TYR A 1 11  ? 0.98322   3.93180   3.16211   0.585 37.85718 ?  8   TYR A OH  1 
ATOM   91   N N   . TYR A 1 12  ? 6.78368   5.82600   2.86013   1.000 24.57481 ?  9   TYR A N   1 
ATOM   92   C CA  . TYR A 1 12  ? 6.86348   4.72568   1.90014   1.000 27.17079 ?  9   TYR A CA  1 
ATOM   93   C C   . TYR A 1 12  ? 8.16820   3.93926   2.03778   1.000 23.69676 ?  9   TYR A C   1 
ATOM   94   O O   . TYR A 1 12  ? 8.17579   2.72269   1.81361   1.000 25.61200 ?  9   TYR A O   1 
ATOM   95   C CB  . TYR A 1 12  ? 6.70541   5.22616   0.46045   1.000 26.45109 ?  9   TYR A CB  1 
ATOM   96   C CG  . TYR A 1 12  ? 6.68805   4.07998   -0.53579  1.000 26.07362 ?  9   TYR A CG  1 
ATOM   97   C CD1 . TYR A 1 12  ? 5.52902   3.33849   -0.75711  1.000 30.73264 ?  9   TYR A CD1 1 
ATOM   98   C CD2 . TYR A 1 12  ? 7.84116   3.71429   -1.22695  1.000 28.09232 ?  9   TYR A CD2 1 
ATOM   99   C CE1 . TYR A 1 12  ? 5.52269   2.26852   -1.66600  1.000 29.84203 ?  9   TYR A CE1 1 
ATOM   100  C CE2 . TYR A 1 12  ? 7.84494   2.65458   -2.12095  1.000 25.60694 ?  9   TYR A CE2 1 
ATOM   101  C CZ  . TYR A 1 12  ? 6.69038   1.93656   -2.33804  1.000 24.56072 ?  9   TYR A CZ  1 
ATOM   102  O OH  . TYR A 1 12  ? 6.71746   0.88485   -3.24573  1.000 28.55062 ?  9   TYR A OH  1 
ATOM   103  N N   . GLU A 1 13  ? 9.27183   4.59787   2.40653   1.000 23.91021 ?  10  GLU A N   1 
ATOM   104  C CA  . GLU A 1 13  ? 10.50340  3.85578   2.68619   1.000 25.06565 ?  10  GLU A CA  1 
ATOM   105  C C   . GLU A 1 13  ? 10.27448  2.83318   3.78848   1.000 27.54043 ?  10  GLU A C   1 
ATOM   106  O O   . GLU A 1 13  ? 10.62866  1.66088   3.64437   1.000 26.06803 ?  10  GLU A O   1 
ATOM   107  C CB  . GLU A 1 13  ? 11.63992  4.80692   3.06870   1.000 25.50032 ?  10  GLU A CB  1 
ATOM   108  C CG  . GLU A 1 13  ? 12.16472  5.57294   1.89202   1.000 23.95505 ?  10  GLU A CG  1 
ATOM   109  C CD  . GLU A 1 13  ? 13.33479  6.47604   2.21808   1.000 31.43573 ?  10  GLU A CD  1 
ATOM   110  O OE1 . GLU A 1 13  ? 13.80344  6.48914   3.38011   1.000 31.73593 ?  10  GLU A OE1 1 
ATOM   111  O OE2 . GLU A 1 13  ? 13.77488  7.18716   1.29175   1.000 33.03282 -1 10  GLU A OE2 1 
ATOM   112  N N   . ARG A 1 14  ? 9.65874   3.25901   4.89691   1.000 26.57484 ?  11  ARG A N   1 
ATOM   113  C CA  . ARG A 1 14  ? 9.34711   2.31348   5.96069   1.000 25.07752 ?  11  ARG A CA  1 
ATOM   114  C C   . ARG A 1 14  ? 8.38815   1.23558   5.47079   1.000 20.73555 ?  11  ARG A C   1 
ATOM   115  O O   . ARG A 1 14  ? 8.55595   0.05029   5.79132   1.000 19.47360 ?  11  ARG A O   1 
ATOM   116  C CB  . ARG A 1 14  ? 8.77070   3.05751   7.17000   1.000 24.69630 ?  11  ARG A CB  1 
ATOM   117  C CG  . ARG A 1 14  ? 9.78852   3.95217   7.86480   1.000 24.24531 ?  11  ARG A CG  1 
ATOM   118  C CD  . ARG A 1 14  ? 9.12642   4.83018   8.94026   1.000 25.02009 ?  11  ARG A CD  1 
ATOM   119  N NE  . ARG A 1 14  ? 8.53623   4.03513   10.01033  1.000 28.33136 ?  11  ARG A NE  1 
ATOM   120  C CZ  . ARG A 1 14  ? 7.70932   4.51452   10.93353  1.000 21.37733 ?  11  ARG A CZ  1 
ATOM   121  N NH1 . ARG A 1 14  ? 7.31286   5.77567   10.91880  1.000 25.45520 ?  11  ARG A NH1 1 
ATOM   122  N NH2 . ARG A 1 14  ? 7.26591   3.70386   11.88753  1.000 33.03512 ?  11  ARG A NH2 1 
ATOM   123  N N   . TYR A 1 15  ? 7.39020   1.62530   4.67369   1.000 22.29482 ?  12  TYR A N   1 
ATOM   124  C CA  . TYR A 1 15  ? 6.40652   0.67454   4.16093   1.000 25.84773 ?  12  TYR A CA  1 
ATOM   125  C C   . TYR A 1 15  ? 7.05111   -0.40702  3.29139   1.000 20.37135 ?  12  TYR A C   1 
ATOM   126  O O   . TYR A 1 15  ? 6.91934   -1.60539  3.56520   1.000 20.03167 ?  12  TYR A O   1 
ATOM   127  C CB  . TYR A 1 15  ? 5.33751   1.43661   3.38233   1.000 19.14215 ?  12  TYR A CB  1 
ATOM   128  C CG  . TYR A 1 15  ? 4.44462   0.57139   2.53453   1.000 25.71487 ?  12  TYR A CG  1 
ATOM   129  C CD1 . TYR A 1 15  ? 3.28272   0.02407   3.04836   1.000 27.86085 ?  12  TYR A CD1 1 
ATOM   130  C CD2 . TYR A 1 15  ? 4.76198   0.31463   1.20891   1.000 28.25072 ?  12  TYR A CD2 1 
ATOM   131  C CE1 . TYR A 1 15  ? 2.45848   -0.76418  2.26428   1.000 22.66255 ?  12  TYR A CE1 1 
ATOM   132  C CE2 . TYR A 1 15  ? 3.95542   -0.47360  0.41547   1.000 34.77079 ?  12  TYR A CE2 1 
ATOM   133  C CZ  . TYR A 1 15  ? 2.80402   -1.01410  0.94274   1.000 39.68009 ?  12  TYR A CZ  1 
ATOM   134  O OH  . TYR A 1 15  ? 2.00350   -1.79318  0.12438   1.000 32.51929 ?  12  TYR A OH  1 
ATOM   135  N N   . PHE A 1 16  ? 7.73268   -0.00909  2.21762   1.000 23.15682 ?  13  PHE A N   1 
ATOM   136  C CA  . PHE A 1 16  ? 8.22370   -1.03025  1.28888   1.000 21.48583 ?  13  PHE A CA  1 
ATOM   137  C C   . PHE A 1 16  ? 9.33012   -1.87399  1.91984   1.000 23.65675 ?  13  PHE A C   1 
ATOM   138  O O   . PHE A 1 16  ? 9.44764   -3.07416  1.62763   1.000 23.19940 ?  13  PHE A O   1 
ATOM   139  C CB  . PHE A 1 16  ? 8.68115   -0.37831  -0.02614  1.000 25.59716 ?  13  PHE A CB  1 
ATOM   140  C CG  . PHE A 1 16  ? 10.16464  -0.06854  -0.08869  1.000 18.17889 ?  13  PHE A CG  1 
ATOM   141  C CD1 . PHE A 1 16  ? 11.09454  -1.07434  -0.33519  1.000 23.31703 ?  13  PHE A CD1 1 
ATOM   142  C CD2 . PHE A 1 16  ? 10.61198  1.23416   0.04620   1.000 24.34479 ?  13  PHE A CD2 1 
ATOM   143  C CE1 . PHE A 1 16  ? 12.45344  -0.79314  -0.38742  1.000 26.70634 ?  13  PHE A CE1 1 
ATOM   144  C CE2 . PHE A 1 16  ? 11.96230  1.52169   -0.00940  1.000 27.54762 ?  13  PHE A CE2 1 
ATOM   145  C CZ  . PHE A 1 16  ? 12.88194  0.50993   -0.23681  1.000 22.32145 ?  13  PHE A CZ  1 
ATOM   146  N N   . ALA A 1 17  ? 10.14089  -1.27516  2.78918   1.000 19.68719 ?  14  ALA A N   1 
ATOM   147  C CA  . ALA A 1 17  ? 11.17294  -2.04677  3.46578   1.000 23.31254 ?  14  ALA A CA  1 
ATOM   148  C C   . ALA A 1 17  ? 10.56186  -3.08436  4.39519   1.000 21.11721 ?  14  ALA A C   1 
ATOM   149  O O   . ALA A 1 17  ? 11.07268  -4.20067  4.50889   1.000 22.12557 ?  14  ALA A O   1 
ATOM   150  C CB  . ALA A 1 17  ? 12.11002  -1.11221  4.23047   1.000 23.77785 ?  14  ALA A CB  1 
ATOM   151  N N   . ALA A 1 18  ? 9.46694   -2.73569  5.07867   1.000 22.10142 ?  15  ALA A N   1 
ATOM   152  C CA  . ALA A 1 18  ? 8.78908   -3.73348  5.89902   1.000 18.50225 ?  15  ALA A CA  1 
ATOM   153  C C   . ALA A 1 18  ? 8.18565   -4.83528  5.03965   1.000 21.59522 ?  15  ALA A C   1 
ATOM   154  O O   . ALA A 1 18  ? 8.20629   -6.01125  5.42204   1.000 25.07478 ?  15  ALA A O   1 
ATOM   155  C CB  . ALA A 1 18  ? 7.70793   -3.06780  6.75485   1.000 21.89677 ?  15  ALA A CB  1 
ATOM   156  N N   . LEU A 1 19  ? 7.62806   -4.47682  3.88584   1.000 21.87817 ?  16  LEU A N   1 
ATOM   157  C CA  . LEU A 1 19  ? 7.06855   -5.50016  3.01345   1.000 23.74494 ?  16  LEU A CA  1 
ATOM   158  C C   . LEU A 1 19  ? 8.17156   -6.35054  2.39312   1.000 24.09005 ?  16  LEU A C   1 
ATOM   159  O O   . LEU A 1 19  ? 7.98088   -7.54991  2.18126   1.000 28.01650 ?  16  LEU A O   1 
ATOM   160  C CB  . LEU A 1 19  ? 6.19314   -4.85546  1.93968   1.000 27.70828 ?  16  LEU A CB  1 
ATOM   161  C CG  . LEU A 1 19  ? 5.38397   -5.81219  1.05101   1.000 24.30960 ?  16  LEU A CG  1 
ATOM   162  C CD1 . LEU A 1 19  ? 4.52758   -6.76546  1.88685   1.000 23.77620 ?  16  LEU A CD1 1 
ATOM   163  C CD2 . LEU A 1 19  ? 4.51783   -5.03501  0.08281   1.000 24.81857 ?  16  LEU A CD2 1 
ATOM   164  N N   . ALA A 1 20  ? 9.34536   -5.76537  2.15002   1.000 27.40799 ?  17  ALA A N   1 
ATOM   165  C CA  . ALA A 1 20  ? 10.48497  -6.56646  1.70381   1.000 27.03574 ?  17  ALA A CA  1 
ATOM   166  C C   . ALA A 1 20  ? 10.90949  -7.57786  2.76043   1.000 28.61609 ?  17  ALA A C   1 
ATOM   167  O O   . ALA A 1 20  ? 11.44379  -8.64353  2.42244   1.000 28.07003 ?  17  ALA A O   1 
ATOM   168  C CB  . ALA A 1 20  ? 11.65882  -5.65918  1.33546   1.000 25.25584 ?  17  ALA A CB  1 
ATOM   169  N N   . ALA A 1 21  ? 10.70591  -7.26274  4.04254   1.000 25.32425 ?  18  ALA A N   1 
ATOM   170  C CA  . ALA A 1 21  ? 10.96844  -8.21411  5.11387   1.000 20.48828 ?  18  ALA A CA  1 
ATOM   171  C C   . ALA A 1 21  ? 9.77521   -9.11628  5.39211   1.000 26.49818 ?  18  ALA A C   1 
ATOM   172  O O   . ALA A 1 21  ? 9.84972   -9.95867  6.29645   1.000 26.03596 ?  18  ALA A O   1 
ATOM   173  C CB  . ALA A 1 21  ? 11.36915  -7.47887  6.39962   1.000 25.75875 ?  18  ALA A CB  1 
ATOM   174  N N   . ARG A 1 22  ? 8.68680   -8.95565  4.63725   1.000 27.71631 ?  19  ARG A N   1 
ATOM   175  C CA  . ARG A 1 22  ? 7.41778   -9.64031  4.89897   1.000 26.41924 ?  19  ARG A CA  1 
ATOM   176  C C   . ARG A 1 22  ? 6.97617   -9.41177  6.34040   1.000 24.75533 ?  19  ARG A C   1 
ATOM   177  O O   . ARG A 1 22  ? 6.43960   -10.29497 7.01539   1.000 26.40924 ?  19  ARG A O   1 
ATOM   178  C CB  . ARG A 1 22  ? 7.52258   -11.12339 4.54990   1.000 28.90217 ?  19  ARG A CB  1 
ATOM   179  C CG  . ARG A 1 22  ? 7.93017   -11.28233 3.08070   1.000 32.27430 ?  19  ARG A CG  1 
ATOM   180  C CD  . ARG A 1 22  ? 7.67689   -12.66132 2.52327   1.000 35.04511 ?  19  ARG A CD  1 
ATOM   181  N NE  . ARG A 1 22  ? 6.33017   -13.12615 2.82048   1.000 33.09448 ?  19  ARG A NE  1 
ATOM   182  C CZ  . ARG A 1 22  ? 5.85932   -14.30955 2.45539   1.000 35.88550 ?  19  ARG A CZ  1 
ATOM   183  N NH1 . ARG A 1 22  ? 6.55399   -15.11502 1.66628   1.000 41.38170 ?  19  ARG A NH1 1 
ATOM   184  N NH2 . ARG A 1 22  ? 4.67351   -14.70144 2.90517   1.000 31.73559 ?  19  ARG A NH2 1 
ATOM   185  N N   . ASP A 1 23  ? 7.22271   -8.20311  6.81830   1.000 19.81901 ?  20  ASP A N   1 
ATOM   186  C CA  . ASP A 1 23  ? 6.91851   -7.84200  8.20118   1.000 17.48183 ?  20  ASP A CA  1 
ATOM   187  C C   . ASP A 1 23  ? 5.54761   -7.16727  8.20119   1.000 17.63180 ?  20  ASP A C   1 
ATOM   188  O O   . ASP A 1 23  ? 5.43764   -5.94569  8.12058   1.000 22.23629 ?  20  ASP A O   1 
ATOM   189  C CB  . ASP A 1 23  ? 8.01339   -6.94514  8.75936   1.000 19.49150 ?  20  ASP A CB  1 
ATOM   190  C CG  . ASP A 1 23  ? 7.75061   -6.53214  10.19075  1.000 21.17440 ?  20  ASP A CG  1 
ATOM   191  O OD1 . ASP A 1 23  ? 6.75104   -7.00156  10.76786  1.000 20.18404 ?  20  ASP A OD1 1 
ATOM   192  O OD2 . ASP A 1 23  ? 8.55083   -5.74198  10.72836  1.000 25.33357 -1 20  ASP A OD2 1 
ATOM   193  N N   . TYR A 1 24  ? 4.48851   -7.97071  8.30766   1.000 19.58183 ?  21  TYR A N   1 
ATOM   194  C CA  . TYR A 1 24  ? 3.15023   -7.41395  8.12949   1.000 20.52783 ?  21  TYR A CA  1 
ATOM   195  C C   . TYR A 1 24  ? 2.71050   -6.58477  9.33222   1.000 18.89963 ?  21  TYR A C   1 
ATOM   196  O O   . TYR A 1 24  ? 1.96692   -5.60886  9.16306   1.000 18.11893 ?  21  TYR A O   1 
ATOM   197  C CB  . TYR A 1 24  ? 2.14679   -8.53474  7.82488   1.000 16.07857 ?  21  TYR A CB  1 
ATOM   198  C CG  . TYR A 1 24  ? 2.54712   -9.35141  6.62253   1.000 18.34268 ?  21  TYR A CG  1 
ATOM   199  C CD1 . TYR A 1 24  ? 2.76580   -8.74278  5.38641   1.000 19.88538 ?  21  TYR A CD1 1 
ATOM   200  C CD2 . TYR A 1 24  ? 2.70211   -10.72248 6.71300   1.000 20.21780 ?  21  TYR A CD2 1 
ATOM   201  C CE1 . TYR A 1 24  ? 3.15032   -9.49609  4.25914   1.000 19.44402 ?  21  TYR A CE1 1 
ATOM   202  C CE2 . TYR A 1 24  ? 3.09702   -11.48678 5.58610   1.000 15.68791 ?  21  TYR A CE2 1 
ATOM   203  C CZ  . TYR A 1 24  ? 3.31740   -10.85516 4.37465   1.000 19.99730 ?  21  TYR A CZ  1 
ATOM   204  O OH  . TYR A 1 24  ? 3.69663   -11.59535 3.26949   1.000 22.24864 ?  21  TYR A OH  1 
ATOM   205  N N   . GLU A 1 25  ? 3.18133   -6.91427  10.54025  1.000 18.20889 ?  22  GLU A N   1 
ATOM   206  C CA  . GLU A 1 25  ? 2.80526   -6.11304  11.71355  1.000 21.82727 ?  22  GLU A CA  1 
ATOM   207  C C   . GLU A 1 25  ? 3.36372   -4.69528  11.64603  1.000 20.99950 ?  22  GLU A C   1 
ATOM   208  O O   . GLU A 1 25  ? 2.70932   -3.74326  12.09672  1.000 20.19137 ?  22  GLU A O   1 
ATOM   209  C CB  . GLU A 1 25  ? 3.27523   -6.79348  13.00242  1.000 18.51129 ?  22  GLU A CB  1 
ATOM   210  C CG  . GLU A 1 25  ? 2.79312   -6.10527  14.30431  1.000 22.57329 ?  22  GLU A CG  1 
ATOM   211  C CD  . GLU A 1 25  ? 3.67114   -4.92369  14.76978  1.000 24.61361 ?  22  GLU A CD  1 
ATOM   212  O OE1 . GLU A 1 25  ? 4.80705   -4.77910  14.25495  1.000 21.89055 ?  22  GLU A OE1 1 
ATOM   213  O OE2 . GLU A 1 25  ? 3.23212   -4.14641  15.66786  1.000 22.24141 -1 22  GLU A OE2 1 
ATOM   214  N N   . THR A 1 26  ? 4.59126   -4.52852  11.14621  1.000 19.08651 ?  23  THR A N   1 
ATOM   215  C CA  . THR A 1 26  ? 5.13019   -3.17408  11.03518  1.000 19.28665 ?  23  THR A CA  1 
ATOM   216  C C   . THR A 1 26  ? 4.34321   -2.36487  10.01139  1.000 21.64836 ?  23  THR A C   1 
ATOM   217  O O   . THR A 1 26  ? 4.08392   -1.17387  10.22160  1.000 17.70165 ?  23  THR A O   1 
ATOM   218  C CB  . THR A 1 26  ? 6.62608   -3.20437  10.70214  1.000 27.33005 ?  23  THR A CB  1 
ATOM   219  O OG1 . THR A 1 26  ? 7.34833   -3.75560  11.81171  1.000 25.42324 ?  23  THR A OG1 1 
ATOM   220  C CG2 . THR A 1 26  ? 7.15868   -1.79173  10.43600  1.000 21.71050 ?  23  THR A CG2 1 
ATOM   221  N N   . LEU A 1 27  ? 3.92675   -3.00070  8.90788   1.000 21.52097 ?  24  LEU A N   1 
ATOM   222  C CA  . LEU A 1 27  ? 2.99866   -2.34414  7.99332   1.000 19.48823 ?  24  LEU A CA  1 
ATOM   223  C C   . LEU A 1 27  ? 1.78785   -1.79866  8.73628   1.000 18.70689 ?  24  LEU A C   1 
ATOM   224  O O   . LEU A 1 27  ? 1.36880   -0.66248  8.50310   1.000 19.37229 ?  24  LEU A O   1 
ATOM   225  C CB  . LEU A 1 27  ? 2.53316   -3.32244  6.90525   1.000 22.32893 ?  24  LEU A CB  1 
ATOM   226  C CG  . LEU A 1 27  ? 3.57366   -3.90513  5.96211   1.000 24.24723 ?  24  LEU A CG  1 
ATOM   227  C CD1 . LEU A 1 27  ? 2.80457   -4.67391  4.88880   1.000 20.60184 ?  24  LEU A CD1 1 
ATOM   228  C CD2 . LEU A 1 27  ? 4.40813   -2.79718  5.33762   1.000 25.98842 ?  24  LEU A CD2 1 
ATOM   229  N N   . LEU A 1 28  ? 1.21791   -2.59828  9.64785   1.000 15.65129 ?  25  LEU A N   1 
ATOM   230  C CA  . LEU A 1 28  ? 0.06842   -2.13686  10.42523  1.000 15.24735 ?  25  LEU A CA  1 
ATOM   231  C C   . LEU A 1 28  ? 0.41347   -0.90300  11.25202  1.000 17.38566 ?  25  LEU A C   1 
ATOM   232  O O   . LEU A 1 28  ? -0.31805  0.09344   11.22978  1.000 15.57163 ?  25  LEU A O   1 
ATOM   233  C CB  . LEU A 1 28  ? -0.44989  -3.26420  11.32018  1.000 14.22020 ?  25  LEU A CB  1 
ATOM   234  C CG  . LEU A 1 28  ? -1.70282  -3.00558  12.16881  1.000 18.54694 ?  25  LEU A CG  1 
ATOM   235  C CD1 . LEU A 1 28  ? -2.94001  -2.76371  11.32323  1.000 20.07465 ?  25  LEU A CD1 1 
ATOM   236  C CD2 . LEU A 1 28  ? -1.91738  -4.16976  13.12892  1.000 21.06236 ?  25  LEU A CD2 1 
ATOM   237  N N   . GLU A 1 29  ? 1.53063   -0.93238  11.98031  1.000 19.02162 ?  26  GLU A N   1 
ATOM   238  C CA  . GLU A 1 29  ? 1.84704   0.22786   12.81051  1.000 16.29497 ?  26  GLU A CA  1 
ATOM   239  C C   . GLU A 1 29  ? 2.02846   1.48384   11.96552  1.000 17.80162 ?  26  GLU A C   1 
ATOM   240  O O   . GLU A 1 29  ? 1.65042   2.58232   12.38087  1.000 15.21684 ?  26  GLU A O   1 
ATOM   241  C CB  . GLU A 1 29  ? 3.10944   -0.01946  13.63745  1.000 14.55364 ?  26  GLU A CB  1 
ATOM   242  C CG  . GLU A 1 29  ? 3.06116   -1.21071  14.54183  1.000 22.48933 ?  26  GLU A CG  1 
ATOM   243  C CD  . GLU A 1 29  ? 4.24797   -1.22483  15.51522  1.000 27.08868 ?  26  GLU A CD  1 
ATOM   244  O OE1 . GLU A 1 29  ? 4.86133   -0.15631  15.75590  1.000 26.78701 ?  26  GLU A OE1 1 
ATOM   245  O OE2 . GLU A 1 29  ? 4.55230   -2.30290  16.05138  1.000 27.32804 -1 26  GLU A OE2 1 
ATOM   246  N N   . ILE A 1 30  ? 2.63212   1.33791   10.78580  1.000 18.43744 ?  27  ILE A N   1 
ATOM   247  C CA  . ILE A 1 30  ? 2.89823   2.47651   9.91240   1.000 18.90177 ?  27  ILE A CA  1 
ATOM   248  C C   . ILE A 1 30  ? 1.59392   3.06737   9.38572   1.000 20.06828 ?  27  ILE A C   1 
ATOM   249  O O   . ILE A 1 30  ? 1.40739   4.29017   9.35928   1.000 21.11423 ?  27  ILE A O   1 
ATOM   250  C CB  . ILE A 1 30  ? 3.81428   2.02877   8.75570   1.000 23.43903 ?  27  ILE A CB  1 
ATOM   251  C CG1 . ILE A 1 30  ? 5.23859   1.74018   9.24700   1.000 21.90413 ?  27  ILE A CG1 1 
ATOM   252  C CG2 . ILE A 1 30  ? 3.81946   3.04250   7.65813   1.000 25.89914 ?  27  ILE A CG2 1 
ATOM   253  C CD1 . ILE A 1 30  ? 6.03653   0.91640   8.20819   1.000 22.82089 ?  27  ILE A CD1 1 
ATOM   254  N N   . LEU A 1 31  ? 0.68192   2.20570   8.92532   1.000 19.48469 ?  28  LEU A N   1 
ATOM   255  C CA  . LEU A 1 31  ? -0.62888  2.67318   8.49084   1.000 16.25215 ?  28  LEU A CA  1 
ATOM   256  C C   . LEU A 1 31  ? -1.33618  3.42951   9.60672   1.000 18.36521 ?  28  LEU A C   1 
ATOM   257  O O   . LEU A 1 31  ? -1.90205  4.50418   9.38027   1.000 17.36178 ?  28  LEU A O   1 
ATOM   258  C CB  . LEU A 1 31  ? -1.48855  1.49375   8.04083   1.000 14.73900 ?  28  LEU A CB  1 
ATOM   259  C CG  . LEU A 1 31  ? -1.04675  0.85238   6.74411   1.000 17.81651 ?  28  LEU A CG  1 
ATOM   260  C CD1 . LEU A 1 31  ? -1.85489  -0.43280  6.53455   1.000 22.65139 ?  28  LEU A CD1 1 
ATOM   261  C CD2 . LEU A 1 31  ? -1.28100  1.85034   5.61944   1.000 22.43660 ?  28  LEU A CD2 1 
ATOM   262  N N   . ARG A 1 32  ? -1.32224  2.86870   10.81864  1.000 18.71454 ?  29  ARG A N   1 
ATOM   263  C CA  . ARG A 1 32  ? -1.98473  3.51494   11.94836  1.000 19.42069 ?  29  ARG A CA  1 
ATOM   264  C C   . ARG A 1 32  ? -1.34377  4.85666   12.27405  1.000 25.35265 ?  29  ARG A C   1 
ATOM   265  O O   . ARG A 1 32  ? -2.04226  5.83920   12.55377  1.000 21.58375 ?  29  ARG A O   1 
ATOM   266  C CB  . ARG A 1 32  ? -1.93015  2.60556   13.17846  1.000 20.71110 ?  29  ARG A CB  1 
ATOM   267  C CG  . ARG A 1 32  ? -2.78771  1.34190   13.11507  1.000 20.72056 ?  29  ARG A CG  1 
ATOM   268  C CD  . ARG A 1 32  ? -4.28392  1.63141   13.19153  1.000 24.51069 ?  29  ARG A CD  1 
ATOM   269  N NE  . ARG A 1 32  ? -5.07196  0.41209   13.38163  1.000 19.86662 ?  29  ARG A NE  1 
ATOM   270  C CZ  . ARG A 1 32  ? -6.39639  0.36218   13.31356  1.000 21.74984 ?  29  ARG A CZ  1 
ATOM   271  N NH1 . ARG A 1 32  ? -7.11446  1.43561   13.01750  1.000 20.57323 ?  29  ARG A NH1 1 
ATOM   272  N NH2 . ARG A 1 32  ? -7.01601  -0.78977  13.55062  1.000 20.96742 ?  29  ARG A NH2 1 
ATOM   273  N N   . GLU A 1 33  ? -0.01119  4.90635   12.28265  1.000 19.82485 ?  30  GLU A N   1 
ATOM   274  C CA  . GLU A 1 33  ? 0.68406   6.13804   12.64653  1.000 23.64958 ?  30  GLU A CA  1 
ATOM   275  C C   . GLU A 1 33  ? 0.43390   7.23528   11.61608  1.000 23.31690 ?  30  GLU A C   1 
ATOM   276  O O   . GLU A 1 33  ? 0.23245   8.40740   11.96983  1.000 20.70575 ?  30  GLU A O   1 
ATOM   277  C CB  . GLU A 1 33  ? 2.18191   5.84986   12.79561  1.000 21.14740 ?  30  GLU A CB  1 
ATOM   278  C CG  . GLU A 1 33  ? 2.99243   6.98643   13.37930  1.000 26.13819 ?  30  GLU A CG  1 
ATOM   279  C CD  . GLU A 1 33  ? 4.48213   6.70386   13.36753  1.000 35.11759 ?  30  GLU A CD  1 
ATOM   280  O OE1 . GLU A 1 33  ? 4.97287   6.02677   14.29999  1.000 34.63199 ?  30  GLU A OE1 1 
ATOM   281  O OE2 . GLU A 1 33  ? 5.15700   7.14535   12.41384  1.000 37.04479 -1 30  GLU A OE2 1 
ATOM   282  N N   . PHE A 1 34  ? 0.41006   6.86957   10.33163  1.000 20.59509 ?  31  PHE A N   1 
ATOM   283  C CA  . PHE A 1 34  ? 0.18364   7.85340   9.28374   1.000 21.75279 ?  31  PHE A CA  1 
ATOM   284  C C   . PHE A 1 34  ? -1.27227  8.30987   9.20799   1.000 20.23689 ?  31  PHE A C   1 
ATOM   285  O O   . PHE A 1 34  ? -1.53960  9.40540   8.70547   1.000 25.20737 ?  31  PHE A O   1 
ATOM   286  C CB  . PHE A 1 34  ? 0.60424   7.28336   7.93429   1.000 19.01559 ?  31  PHE A CB  1 
ATOM   287  C CG  . PHE A 1 34  ? 0.77279   8.32039   6.88046   1.000 27.29129 ?  31  PHE A CG  1 
ATOM   288  C CD1 . PHE A 1 34  ? 1.82418   9.21338   6.94573   1.000 27.08867 ?  31  PHE A CD1 1 
ATOM   289  C CD2 . PHE A 1 34  ? -0.11205  8.39804   5.81299   1.000 27.53765 ?  31  PHE A CD2 1 
ATOM   290  C CE1 . PHE A 1 34  ? 1.99256   10.17694  5.96834   1.000 34.17823 ?  31  PHE A CE1 1 
ATOM   291  C CE2 . PHE A 1 34  ? 0.05065   9.35874   4.83129   1.000 32.66905 ?  31  PHE A CE2 1 
ATOM   292  C CZ  . PHE A 1 34  ? 1.10577   10.25195  4.91216   1.000 29.60435 ?  31  PHE A CZ  1 
ATOM   293  N N   . GLY A 1 35  ? -2.21193  7.50724   9.68359   1.000 20.79947 ?  32  GLY A N   1 
ATOM   294  C CA  . GLY A 1 35  ? -3.60644  7.89935   9.70879   1.000 21.14228 ?  32  GLY A CA  1 
ATOM   295  C C   . GLY A 1 35  ? -4.46380  7.30114   8.61235   1.000 22.06573 ?  32  GLY A C   1 
ATOM   296  O O   . GLY A 1 35  ? -5.52848  7.85658   8.30765   1.000 21.66778 ?  32  GLY A O   1 
ATOM   297  N N   . VAL A 1 36  ? -4.04941  6.18575   8.03040   1.000 19.34365 ?  33  VAL A N   1 
ATOM   298  C CA  . VAL A 1 36  ? -4.85017  5.54448   6.98951   1.000 18.46402 ?  33  VAL A CA  1 
ATOM   299  C C   . VAL A 1 36  ? -5.98858  4.81045   7.67986   1.000 21.83318 ?  33  VAL A C   1 
ATOM   300  O O   . VAL A 1 36  ? -5.75634  3.92226   8.50373   1.000 23.52635 ?  33  VAL A O   1 
ATOM   301  C CB  . VAL A 1 36  ? -4.00231  4.59289   6.13675   1.000 19.58842 ?  33  VAL A CB  1 
ATOM   302  C CG1 . VAL A 1 36  ? -4.82188  4.06757   4.96650   1.000 20.03035 ?  33  VAL A CG1 1 
ATOM   303  C CG2 . VAL A 1 36  ? -2.75915  5.30343   5.64653   1.000 22.50129 ?  33  VAL A CG2 1 
ATOM   304  N N   . ALA A 1 37  ? -7.21995  5.21934   7.38900   1.000 18.05054 ?  34  ALA A N   1 
ATOM   305  C CA  . ALA A 1 37  ? -8.37335  4.64104   8.04928   1.000 25.39389 ?  34  ALA A CA  1 
ATOM   306  C C   . ALA A 1 37  ? -9.04315  3.53301   7.25047   1.000 25.07336 ?  34  ALA A C   1 
ATOM   307  O O   . ALA A 1 37  ? -9.76201  2.72842   7.84625   1.000 21.12445 ?  34  ALA A O   1 
ATOM   308  C CB  . ALA A 1 37  ? -9.40887  5.73279   8.35939   1.000 25.00018 ?  34  ALA A CB  1 
ATOM   309  N N   . LYS A 1 38  ? -8.81178  3.46085   5.93600   1.000 21.15735 ?  35  LYS A N   1 
ATOM   310  C CA  . LYS A 1 38  ? -9.60039  2.59955   5.05653   1.000 23.75295 ?  35  LYS A CA  1 
ATOM   311  C C   . LYS A 1 38  ? -8.80130  2.27624   3.79025   1.000 20.64693 ?  35  LYS A C   1 
ATOM   312  O O   . LYS A 1 38  ? -8.01797  3.09951   3.31427   1.000 23.01493 ?  35  LYS A O   1 
ATOM   313  C CB  . LYS A 1 38  ? -10.91767 3.29713   4.70239   1.000 29.36529 ?  35  LYS A CB  1 
ATOM   314  C CG  . LYS A 1 38  ? -11.99747 2.40047   4.16204   1.000 34.93505 ?  35  LYS A CG  1 
ATOM   315  C CD  . LYS A 1 38  ? -13.26880 3.19203   3.92284   1.000 36.62019 ?  35  LYS A CD  1 
ATOM   316  C CE  . LYS A 1 38  ? -13.17975 4.01209   2.64537   1.000 37.58479 ?  35  LYS A CE  1 
ATOM   317  N NZ  . LYS A 1 38  ? -14.45942 3.96523   1.88980   1.000 38.82723 ?  35  LYS A NZ  1 
ATOM   318  N N   . LEU A 1 39  ? -9.00611  1.06543   3.25219   1.000 18.69577 ?  36  LEU A N   1 
ATOM   319  C CA  . LEU A 1 39  ? -8.41800  0.63780   1.98029   1.000 16.60125 ?  36  LEU A CA  1 
ATOM   320  C C   . LEU A 1 39  ? -9.53377  0.13452   1.07354   1.000 20.04230 ?  36  LEU A C   1 
ATOM   321  O O   . LEU A 1 39  ? -10.41320 -0.60499  1.52417   1.000 19.88082 ?  36  LEU A O   1 
ATOM   322  C CB  . LEU A 1 39  ? -7.35823  -0.47450  2.15873   1.000 19.49110 ?  36  LEU A CB  1 
ATOM   323  C CG  . LEU A 1 39  ? -6.92774  -1.27663  0.91934   1.000 26.14955 ?  36  LEU A CG  1 
ATOM   324  C CD1 . LEU A 1 39  ? -6.00791  -0.47043  -0.01939  1.000 22.75742 ?  36  LEU A CD1 1 
ATOM   325  C CD2 . LEU A 1 39  ? -6.30381  -2.65244  1.27829   1.000 23.42577 ?  36  LEU A CD2 1 
ATOM   326  N N   . VAL A 1 40  ? -9.51104  0.56129   -0.19134  1.000 16.77393 ?  37  VAL A N   1 
ATOM   327  C CA  . VAL A 1 40  ? -10.42466 0.06840   -1.22704  1.000 14.69191 ?  37  VAL A CA  1 
ATOM   328  C C   . VAL A 1 40  ? -9.54125  -0.53765  -2.32181  1.000 18.50069 ?  37  VAL A C   1 
ATOM   329  O O   . VAL A 1 40  ? -8.78384  0.18910   -2.97538  1.000 16.07784 ?  37  VAL A O   1 
ATOM   330  C CB  . VAL A 1 40  ? -11.32554 1.18312   -1.78522  1.000 13.88056 ?  37  VAL A CB  1 
ATOM   331  C CG1 . VAL A 1 40  ? -12.32743 0.62955   -2.82542  1.000 18.62721 ?  37  VAL A CG1 1 
ATOM   332  C CG2 . VAL A 1 40  ? -12.09052 1.87309   -0.65880  1.000 15.79334 ?  37  VAL A CG2 1 
ATOM   333  N N   . LEU A 1 41  ? -9.62523  -1.86445  -2.51409  1.000 13.78114 ?  38  LEU A N   1 
ATOM   334  C CA  . LEU A 1 41  ? -8.71536  -2.60896  -3.39879  1.000 14.02097 ?  38  LEU A CA  1 
ATOM   335  C C   . LEU A 1 41  ? -9.52036  -3.20922  -4.54810  1.000 17.71559 ?  38  LEU A C   1 
ATOM   336  O O   . LEU A 1 41  ? -10.32270 -4.12284  -4.33291  1.000 17.95603 ?  38  LEU A O   1 
ATOM   337  C CB  . LEU A 1 41  ? -7.98858  -3.71170  -2.62433  1.000 17.30602 ?  38  LEU A CB  1 
ATOM   338  C CG  . LEU A 1 41  ? -6.89629  -4.48492  -3.35885  1.000 25.16485 ?  38  LEU A CG  1 
ATOM   339  C CD1 . LEU A 1 41  ? -5.76738  -4.79022  -2.38878  1.000 25.61849 ?  38  LEU A CD1 1 
ATOM   340  C CD2 . LEU A 1 41  ? -7.44731  -5.76517  -3.96560  1.000 25.31557 ?  38  LEU A CD2 1 
ATOM   341  N N   . ASN A 1 42  ? -9.29847  -2.71191  -5.76563  1.000 16.25433 ?  39  ASN A N   1 
ATOM   342  C CA  . ASN A 1 42  ? -10.11361 -3.10970  -6.91432  1.000 17.86679 ?  39  ASN A CA  1 
ATOM   343  C C   . ASN A 1 42  ? -11.60310 -2.98211  -6.59458  1.000 18.36831 ?  39  ASN A C   1 
ATOM   344  O O   . ASN A 1 42  ? -12.41777 -3.82206  -6.98641  1.000 17.95478 ?  39  ASN A O   1 
ATOM   345  C CB  . ASN A 1 42  ? -9.78758  -4.53292  -7.35828  1.000 18.65993 ?  39  ASN A CB  1 
ATOM   346  C CG  . ASN A 1 42  ? -8.43522  -4.64203  -8.02281  1.000 20.77964 ?  39  ASN A CG  1 
ATOM   347  O OD1 . ASN A 1 42  ? -7.85876  -3.64263  -8.44455  1.000 16.45320 ?  39  ASN A OD1 1 
ATOM   348  N ND2 . ASN A 1 42  ? -7.94303  -5.86659  -8.15851  1.000 20.51671 ?  39  ASN A ND2 1 
ATOM   349  N N   . GLY A 1 43  ? -11.95733 -1.93295  -5.84345  1.000 17.46698 ?  40  GLY A N   1 
ATOM   350  C CA  . GLY A 1 43  ? -13.33723 -1.66430  -5.49153  1.000 18.55042 ?  40  GLY A CA  1 
ATOM   351  C C   . GLY A 1 43  ? -13.87310 -2.37786  -4.26935  1.000 18.46582 ?  40  GLY A C   1 
ATOM   352  O O   . GLY A 1 43  ? -15.01011 -2.08545  -3.85593  1.000 21.59922 ?  40  GLY A O   1 
ATOM   353  N N   . ARG A 1 44  ? -13.10639 -3.29377  -3.67558  1.000 19.85168 ?  41  ARG A N   1 
ATOM   354  C CA  . ARG A 1 44  ? -13.52754 -4.01907  -2.48676  1.000 22.22139 ?  41  ARG A CA  1 
ATOM   355  C C   . ARG A 1 44  ? -13.15179 -3.24005  -1.22884  1.000 22.42011 ?  41  ARG A C   1 
ATOM   356  O O   . ARG A 1 44  ? -12.03038 -2.74137  -1.10281  1.000 18.26631 ?  41  ARG A O   1 
ATOM   357  C CB  . ARG A 1 44  ? -12.88826 -5.41429  -2.45175  1.000 21.49739 ?  41  ARG A CB  1 
ATOM   358  C CG  . ARG A 1 44  ? -13.30429 -6.36161  -3.60876  1.000 19.82271 ?  41  ARG A CG  1 
ATOM   359  C CD  . ARG A 1 44  ? -12.73919 -7.78047  -3.39537  1.000 21.53069 ?  41  ARG A CD  1 
ATOM   360  N NE  . ARG A 1 44  ? -11.39095 -7.95683  -3.94808  1.000 24.41932 ?  41  ARG A NE  1 
ATOM   361  C CZ  . ARG A 1 44  ? -10.42011 -8.64832  -3.36346  1.000 26.30122 ?  41  ARG A CZ  1 
ATOM   362  N NH1 . ARG A 1 44  ? -10.55584 -9.13086  -2.13271  1.000 22.88191 ?  41  ARG A NH1 1 
ATOM   363  N NH2 . ARG A 1 44  ? -9.27510  -8.85120  -4.02243  1.000 23.88883 ?  41  ARG A NH2 1 
ATOM   364  N N   . GLU A 1 45  ? -14.08016 -3.17157  -0.27825  1.000 20.94464 ?  42  GLU A N   1 
ATOM   365  C CA  . GLU A 1 45  ? -13.84527 -2.40504  0.94645   1.000 19.67857 ?  42  GLU A CA  1 
ATOM   366  C C   . GLU A 1 45  ? -13.08877 -3.21447  1.99817   1.000 22.20006 ?  42  GLU A C   1 
ATOM   367  O O   . GLU A 1 45  ? -13.44489 -4.36054  2.30567   1.000 21.55862 ?  42  GLU A O   1 
ATOM   368  C CB  . GLU A 1 45  ? -15.17794 -1.91103  1.51875   1.000 23.80772 ?  42  GLU A CB  1 
ATOM   369  C CG  . GLU A 1 45  ? -15.00219 -1.00751  2.73681   1.000 33.74485 ?  42  GLU A CG  1 
ATOM   370  C CD  . GLU A 1 45  ? -16.29831 -0.76780  3.49091   1.000 41.98543 ?  42  GLU A CD  1 
ATOM   371  O OE1 . GLU A 1 45  ? -17.07800 0.11075   3.06284   1.000 61.32479 ?  42  GLU A OE1 1 
ATOM   372  O OE2 . GLU A 1 45  ? -16.53966 -1.46142  4.50642   1.000 45.04982 -1 42  GLU A OE2 1 
ATOM   373  N N   . PHE A 1 46  ? -12.04027 -2.60138  2.55987   1.000 18.65827 ?  43  PHE A N   1 
ATOM   374  C CA  . PHE A 1 46  ? -11.31573 -3.12446  3.71447   1.000 20.36248 ?  43  PHE A CA  1 
ATOM   375  C C   . PHE A 1 46  ? -11.47076 -2.07361  4.81229   1.000 23.76715 ?  43  PHE A C   1 
ATOM   376  O O   . PHE A 1 46  ? -10.89752 -0.98203  4.72479   1.000 24.63205 ?  43  PHE A O   1 
ATOM   377  C CB  . PHE A 1 46  ? -9.84618  -3.41682  3.37799   1.000 21.52191 ?  43  PHE A CB  1 
ATOM   378  C CG  . PHE A 1 46  ? -9.66136  -4.57347  2.41106   1.000 22.41890 ?  43  PHE A CG  1 
ATOM   379  C CD1 . PHE A 1 46  ? -9.89857  -4.40742  1.05186   1.000 23.74160 ?  43  PHE A CD1 1 
ATOM   380  C CD2 . PHE A 1 46  ? -9.30235  -5.83221  2.87261   1.000 21.50888 ?  43  PHE A CD2 1 
ATOM   381  C CE1 . PHE A 1 46  ? -9.75191  -5.47698  0.17130   1.000 27.13296 ?  43  PHE A CE1 1 
ATOM   382  C CE2 . PHE A 1 46  ? -9.14239  -6.90839  2.00007   1.000 22.74224 ?  43  PHE A CE2 1 
ATOM   383  C CZ  . PHE A 1 46  ? -9.37418  -6.73028  0.64473   1.000 23.00995 ?  43  PHE A CZ  1 
ATOM   384  N N   . ALA A 1 47  ? -12.28165 -2.39367  5.82139   1.000 20.14728 ?  44  ALA A N   1 
ATOM   385  C CA  . ALA A 1 47  ? -12.87657 -1.36081  6.66496   1.000 22.27856 ?  44  ALA A CA  1 
ATOM   386  C C   . ALA A 1 47  ? -11.86298 -0.62357  7.53100   1.000 22.26985 ?  44  ALA A C   1 
ATOM   387  O O   . ALA A 1 47  ? -12.16461 0.48714   7.97964   1.000 23.41518 ?  44  ALA A O   1 
ATOM   388  C CB  . ALA A 1 47  ? -13.96425 -1.96995  7.55422   1.000 23.50437 ?  44  ALA A CB  1 
ATOM   389  N N   . SER A 1 48  ? -10.69833 -1.21202  7.79577   1.000 19.78465 ?  45  SER A N   1 
ATOM   390  C CA  . SER A 1 48  ? -9.67374  -0.56582  8.60750   1.000 20.72087 ?  45  SER A CA  1 
ATOM   391  C C   . SER A 1 48  ? -8.32628  -1.16213  8.23401   1.000 20.67943 ?  45  SER A C   1 
ATOM   392  O O   . SER A 1 48  ? -8.25751  -2.12073  7.45672   1.000 15.30520 ?  45  SER A O   1 
ATOM   393  C CB  . SER A 1 48  ? -9.95351  -0.72806  10.11645  1.000 17.36891 ?  45  SER A CB  1 
ATOM   394  O OG  . SER A 1 48  ? -9.56955  -2.00300  10.61230  1.000 21.92905 ?  45  SER A OG  1 
ATOM   395  N N   . PRO A 1 49  ? -7.23264  -0.61036  8.76323   1.000 20.57537 ?  46  PRO A N   1 
ATOM   396  C CA  . PRO A 1 49  ? -5.91764  -1.23686  8.55288   1.000 17.25652 ?  46  PRO A CA  1 
ATOM   397  C C   . PRO A 1 49  ? -5.83707  -2.70532  8.94297   1.000 19.07525 ?  46  PRO A C   1 
ATOM   398  O O   . PRO A 1 49  ? -5.03400  -3.43493  8.34619   1.000 19.58955 ?  46  PRO A O   1 
ATOM   399  C CB  . PRO A 1 49  ? -4.99790  -0.36651  9.42363   1.000 20.42204 ?  46  PRO A CB  1 
ATOM   400  C CG  . PRO A 1 49  ? -5.60320  0.96287   9.35644   1.000 20.18155 ?  46  PRO A CG  1 
ATOM   401  C CD  . PRO A 1 49  ? -7.09305  0.73781   9.34946   1.000 23.22458 ?  46  PRO A CD  1 
ATOM   402  N N   . GLU A 1 50  ? -6.60386  -3.15997  9.93886   1.000 16.57590 ?  47  GLU A N   1 
ATOM   403  C CA  . GLU A 1 50  ? -6.59323  -4.57650  10.29526  1.000 15.46397 ?  47  GLU A CA  1 
ATOM   404  C C   . GLU A 1 50  ? -6.88502  -5.44375  9.08462   1.000 17.17433 ?  47  GLU A C   1 
ATOM   405  O O   . GLU A 1 50  ? -6.22333  -6.46339  8.85500   1.000 18.23482 ?  47  GLU A O   1 
ATOM   406  C CB  . GLU A 1 50  ? -7.63240  -4.87393  11.37546  1.000 17.74384 ?  47  GLU A CB  1 
ATOM   407  C CG  . GLU A 1 50  ? -7.40037  -4.13827  12.67382  1.000 20.32398 ?  47  GLU A CG  1 
ATOM   408  C CD  . GLU A 1 50  ? -5.97802  -4.30934  13.18738  1.000 24.80659 ?  47  GLU A CD  1 
ATOM   409  O OE1 . GLU A 1 50  ? -5.43623  -5.43657  13.10720  1.000 25.34878 ?  47  GLU A OE1 1 
ATOM   410  O OE2 . GLU A 1 50  ? -5.40357  -3.30505  13.66658  1.000 24.31495 -1 47  GLU A OE2 1 
ATOM   411  N N   . GLU A 1 51  ? -7.92997  -5.08522  8.33760   1.000 19.06414 ?  48  GLU A N   1 
ATOM   412  C CA  . GLU A 1 51  ? -8.35234  -5.92941  7.23091   1.000 16.71657 ?  48  GLU A CA  1 
ATOM   413  C C   . GLU A 1 51  ? -7.33815  -5.87328  6.09643   1.000 16.95624 ?  48  GLU A C   1 
ATOM   414  O O   . GLU A 1 51  ? -7.07949  -6.88809  5.43419   1.000 18.81494 ?  48  GLU A O   1 
ATOM   415  C CB  . GLU A 1 51  ? -9.75245  -5.51976  6.76219   1.000 17.07295 ?  48  GLU A CB  1 
ATOM   416  C CG  . GLU A 1 51  ? -10.87580 -5.91979  7.72573   1.000 17.00692 ?  48  GLU A CG  1 
ATOM   417  C CD  . GLU A 1 51  ? -10.82436 -5.13834  9.02497   1.000 22.37385 ?  48  GLU A CD  1 
ATOM   418  O OE1 . GLU A 1 51  ? -10.61826 -3.90336  8.97520   1.000 18.25382 ?  48  GLU A OE1 1 
ATOM   419  O OE2 . GLU A 1 51  ? -10.97034 -5.76731  10.09049  1.000 22.98429 -1 48  GLU A OE2 1 
ATOM   420  N N   . ALA A 1 52  ? -6.72792  -4.69972  5.88445   1.000 16.38267 ?  49  ALA A N   1 
ATOM   421  C CA  . ALA A 1 52  ? -5.70440  -4.54435  4.85555   1.000 16.09735 ?  49  ALA A CA  1 
ATOM   422  C C   . ALA A 1 52  ? -4.50168  -5.44764  5.12086   1.000 16.56195 ?  49  ALA A C   1 
ATOM   423  O O   . ALA A 1 52  ? -4.01214  -6.14197  4.22013   1.000 15.20916 ?  49  ALA A O   1 
ATOM   424  C CB  . ALA A 1 52  ? -5.26334  -3.07613  4.78223   1.000 16.12092 ?  49  ALA A CB  1 
ATOM   425  N N   . VAL A 1 53  ? -4.00431  -5.44304  6.35858   1.000 16.44588 ?  50  VAL A N   1 
ATOM   426  C CA  . VAL A 1 53  ? -2.84410  -6.25510  6.70418   1.000 14.17312 ?  50  VAL A CA  1 
ATOM   427  C C   . VAL A 1 53  ? -3.21314  -7.73329  6.83665   1.000 15.87408 ?  50  VAL A C   1 
ATOM   428  O O   . VAL A 1 53  ? -2.39137  -8.61330  6.52720   1.000 15.74571 ?  50  VAL A O   1 
ATOM   429  C CB  . VAL A 1 53  ? -2.20892  -5.68503  7.98578   1.000 17.75656 ?  50  VAL A CB  1 
ATOM   430  C CG1 . VAL A 1 53  ? -1.10098  -6.58787  8.49966   1.000 20.50756 ?  50  VAL A CG1 1 
ATOM   431  C CG2 . VAL A 1 53  ? -1.67486  -4.27264  7.70955   1.000 14.30485 ?  50  VAL A CG2 1 
ATOM   432  N N   . GLN A 1 54  ? -4.44900  -8.03962  7.25618   1.000 15.02750 ?  51  GLN A N   1 
ATOM   433  C CA  . GLN A 1 54  ? -4.90369  -9.42435  7.17135   1.000 15.86970 ?  51  GLN A CA  1 
ATOM   434  C C   . GLN A 1 54  ? -4.84066  -9.91842  5.72568   1.000 18.46720 ?  51  GLN A C   1 
ATOM   435  O O   . GLN A 1 54  ? -4.43587  -11.05726 5.46775   1.000 16.89021 ?  51  GLN A O   1 
ATOM   436  C CB  . GLN A 1 54  ? -6.33105  -9.57362  7.71476   1.000 18.07942 ?  51  GLN A CB  1 
ATOM   437  C CG  . GLN A 1 54  ? -6.77096  -11.03648 7.87156   1.000 15.12476 ?  51  GLN A CG  1 
ATOM   438  C CD  . GLN A 1 54  ? -5.96495  -11.76971 8.93154   1.000 19.16049 ?  51  GLN A CD  1 
ATOM   439  O OE1 . GLN A 1 54  ? -5.78627  -11.25869 10.04073  1.000 18.70065 ?  51  GLN A OE1 1 
ATOM   440  N NE2 . GLN A 1 54  ? -5.47880  -12.96891 8.60054   1.000 21.27951 ?  51  GLN A NE2 1 
ATOM   441  N N   . TRP A 1 55  ? -5.24301  -9.06479  4.77474   1.000 17.49208 ?  52  TRP A N   1 
ATOM   442  C CA  . TRP A 1 55  ? -5.14025  -9.39273  3.34903   1.000 16.56667 ?  52  TRP A CA  1 
ATOM   443  C C   . TRP A 1 55  ? -3.69805  -9.68295  2.95227   1.000 17.99467 ?  52  TRP A C   1 
ATOM   444  O O   . TRP A 1 55  ? -3.40870  -10.69867 2.31171   1.000 17.25441 ?  52  TRP A O   1 
ATOM   445  C CB  . TRP A 1 55  ? -5.70080  -8.23186  2.51046   1.000 20.61390 ?  52  TRP A CB  1 
ATOM   446  C CG  . TRP A 1 55  ? -5.64898  -8.45726  1.02720   1.000 19.86341 ?  52  TRP A CG  1 
ATOM   447  C CD1 . TRP A 1 55  ? -6.58086  -9.09652  0.26886   1.000 20.76045 ?  52  TRP A CD1 1 
ATOM   448  C CD2 . TRP A 1 55  ? -4.61696  -8.02937  0.12419   1.000 20.81616 ?  52  TRP A CD2 1 
ATOM   449  N NE1 . TRP A 1 55  ? -6.19271  -9.10333  -1.05061  1.000 25.01393 ?  52  TRP A NE1 1 
ATOM   450  C CE2 . TRP A 1 55  ? -4.99297  -8.45210  -1.16750  1.000 21.14596 ?  52  TRP A CE2 1 
ATOM   451  C CE3 . TRP A 1 55  ? -3.42290  -7.32106  0.28119   1.000 19.92060 ?  52  TRP A CE3 1 
ATOM   452  C CZ2 . TRP A 1 55  ? -4.20177  -8.21048  -2.29745  1.000 24.22545 ?  52  TRP A CZ2 1 
ATOM   453  C CZ3 . TRP A 1 55  ? -2.63647  -7.07547  -0.84281  1.000 27.11116 ?  52  TRP A CZ3 1 
ATOM   454  C CH2 . TRP A 1 55  ? -3.02516  -7.52848  -2.11577  1.000 21.64241 ?  52  TRP A CH2 1 
ATOM   455  N N   . ALA A 1 56  ? -2.77398  -8.79230  3.32651   1.000 18.75552 ?  53  ALA A N   1 
ATOM   456  C CA  . ALA A 1 56  ? -1.36482  -9.00293  2.99583   1.000 15.51553 ?  53  ALA A CA  1 
ATOM   457  C C   . ALA A 1 56  ? -0.84458  -10.33247 3.54171   1.000 19.89250 ?  53  ALA A C   1 
ATOM   458  O O   . ALA A 1 56  ? -0.17889  -11.09848 2.83053   1.000 19.23228 ?  53  ALA A O   1 
ATOM   459  C CB  . ALA A 1 56  ? -0.52557  -7.84133  3.52696   1.000 19.34423 ?  53  ALA A CB  1 
ATOM   460  N N   . ARG A 1 57  ? -1.10357  -10.61017 4.81800   1.000 19.02023 ?  54  ARG A N   1 
ATOM   461  C CA  . ARG A 1 57  ? -0.67298  -11.87772 5.40203   1.000 17.81147 ?  54  ARG A CA  1 
ATOM   462  C C   . ARG A 1 57  ? -1.31766  -13.07065 4.69112   1.000 15.18521 ?  54  ARG A C   1 
ATOM   463  O O   . ARG A 1 57  ? -0.63170  -14.03724 4.32360   1.000 18.42454 ?  54  ARG A O   1 
ATOM   464  C CB  . ARG A 1 57  ? -1.00318  -11.88798 6.89731   1.000 20.94382 ?  54  ARG A CB  1 
ATOM   465  C CG  . ARG A 1 57  ? -0.50960  -13.12412 7.61548   1.000 19.38174 ?  54  ARG A CG  1 
ATOM   466  C CD  . ARG A 1 57  ? -1.58521  -14.15967 7.75428   1.000 19.81379 ?  54  ARG A CD  1 
ATOM   467  N NE  . ARG A 1 57  ? -1.05720  -15.49750 7.97903   1.000 25.96349 ?  54  ARG A NE  1 
ATOM   468  C CZ  . ARG A 1 57  ? -1.73218  -16.60434 7.70088   1.000 34.45542 ?  54  ARG A CZ  1 
ATOM   469  N NH1 . ARG A 1 57  ? -2.96883  -16.55791 7.23009   1.000 28.59181 ?  54  ARG A NH1 1 
ATOM   470  N NH2 . ARG A 1 57  ? -1.14719  -17.78492 7.88406   1.000 36.58091 ?  54  ARG A NH2 1 
ATOM   471  N N   . ASP A 1 58  ? -2.63555  -13.01875 4.48598   1.000 17.49619 ?  55  ASP A N   1 
ATOM   472  C CA  . ASP A 1 58  ? -3.35657  -14.16701 3.94100   1.000 19.51633 ?  55  ASP A CA  1 
ATOM   473  C C   . ASP A 1 58  ? -2.93537  -14.47100 2.51213   1.000 18.31157 ?  55  ASP A C   1 
ATOM   474  O O   . ASP A 1 58  ? -2.92894  -15.64152 2.11049   1.000 19.92116 ?  55  ASP A O   1 
ATOM   475  C CB  . ASP A 1 58  ? -4.87559  -13.93646 3.98488   1.000 15.82227 ?  55  ASP A CB  1 
ATOM   476  C CG  . ASP A 1 58  ? -5.46800  -14.13135 5.38388   1.000 21.81870 ?  55  ASP A CG  1 
ATOM   477  O OD1 . ASP A 1 58  ? -4.75114  -14.60963 6.28025   1.000 18.58686 ?  55  ASP A OD1 1 
ATOM   478  O OD2 . ASP A 1 58  ? -6.66270  -13.82092 5.58345   1.000 20.66736 -1 55  ASP A OD2 1 
ATOM   479  N N   . THR A 1 59  ? -2.56891  -13.44593 1.73832   1.000 14.71977 ?  56  THR A N   1 
ATOM   480  C CA  . THR A 1 59  ? -2.11056  -13.67662 0.36278   1.000 16.33142 ?  56  THR A CA  1 
ATOM   481  C C   . THR A 1 59  ? -0.62847  -14.00775 0.28944   1.000 19.62556 ?  56  THR A C   1 
ATOM   482  O O   . THR A 1 59  ? -0.15735  -14.46589 -0.75457  1.000 18.97256 ?  56  THR A O   1 
ATOM   483  C CB  . THR A 1 59  ? -2.35492  -12.44760 -0.51303  1.000 19.17719 ?  56  THR A CB  1 
ATOM   484  O OG1 . THR A 1 59  ? -1.63442  -11.33189 0.03087   1.000 22.37857 ?  56  THR A OG1 1 
ATOM   485  C CG2 . THR A 1 59  ? -3.82353  -12.10778 -0.57888  1.000 23.82094 ?  56  THR A CG2 1 
ATOM   486  N N   . GLY A 1 60  ? 0.12050   -13.76461 1.35326   1.000 16.01793 ?  57  GLY A N   1 
ATOM   487  C CA  . GLY A 1 60  ? 1.56111   -13.91083 1.27686   1.000 17.41090 ?  57  GLY A CA  1 
ATOM   488  C C   . GLY A 1 60  ? 2.18884   -12.85007 0.39825   1.000 19.73992 ?  57  GLY A C   1 
ATOM   489  O O   . GLY A 1 60  ? 3.11429   -13.14895 -0.37025  1.000 21.14518 ?  57  GLY A O   1 
ATOM   490  N N   . LEU A 1 61  ? 1.70256   -11.61441 0.50024   1.000 15.59113 ?  58  LEU A N   1 
ATOM   491  C CA  . LEU A 1 61  ? 2.19546   -10.50423 -0.31233  1.000 17.98123 ?  58  LEU A CA  1 
ATOM   492  C C   . LEU A 1 61  ? 3.70883   -10.31543 -0.18396  1.000 24.90719 ?  58  LEU A C   1 
ATOM   493  O O   . LEU A 1 61  ? 4.25405   -10.31029 0.92604   1.000 22.15809 ?  58  LEU A O   1 
ATOM   494  C CB  . LEU A 1 61  ? 1.47414   -9.22404  0.09827   1.000 14.67462 ?  58  LEU A CB  1 
ATOM   495  C CG  . LEU A 1 61  ? 1.76527   -7.96950  -0.73606  1.000 17.72394 ?  58  LEU A CG  1 
ATOM   496  C CD1 . LEU A 1 61  ? 1.15768   -8.12042  -2.12266  1.000 19.41093 ?  58  LEU A CD1 1 
ATOM   497  C CD2 . LEU A 1 61  ? 1.24357   -6.73013  0.00050   1.000 21.15482 ?  58  LEU A CD2 1 
ATOM   498  N N   . ARG A 1 62  ? 4.38015   -10.13565 -1.33542  1.000 20.96879 ?  59  ARG A N   1 
ATOM   499  C CA  . ARG A 1 62  ? 5.81387   -9.84201  -1.41940  1.000 16.53686 ?  59  ARG A CA  1 
ATOM   500  C C   . ARG A 1 62  ? 6.04450   -8.62053  -2.30406  1.000 21.76669 ?  59  ARG A C   1 
ATOM   501  O O   . ARG A 1 62  ? 5.29401   -8.37462  -3.25180  1.000 18.93262 ?  59  ARG A O   1 
ATOM   502  C CB  . ARG A 1 62  ? 6.60674   -11.03449 -1.98751  1.000 20.16418 ?  59  ARG A CB  1 
ATOM   503  C CG  . ARG A 1 62  ? 6.56295   -12.28359 -1.11756  1.000 30.53730 ?  59  ARG A CG  1 
ATOM   504  C CD  . ARG A 1 62  ? 7.11879   -13.50680 -1.84088  1.000 33.05690 ?  59  ARG A CD  1 
ATOM   505  N NE  . ARG A 1 62  ? 8.40187   -13.23673 -2.47710  1.000 35.63565 ?  59  ARG A NE  1 
ATOM   506  C CZ  . ARG A 1 62  ? 8.65823   -13.41557 -3.76599  1.000 37.03462 ?  59  ARG A CZ  1 
ATOM   507  N NH1 . ARG A 1 62  ? 7.73671   -13.87396 -4.60052  1.000 38.71342 ?  59  ARG A NH1 1 
ATOM   508  N NH2 . ARG A 1 62  ? 9.87504   -13.14316 -4.22807  1.000 34.84522 ?  59  ARG A NH2 1 
ATOM   509  N N   . PHE A 1 63  ? 7.10093   -7.86292  -2.00075  1.000 20.63454 ?  60  PHE A N   1 
ATOM   510  C CA  . PHE A 1 63  ? 7.47840   -6.66377  -2.74901  1.000 17.19753 ?  60  PHE A CA  1 
ATOM   511  C C   . PHE A 1 63  ? 8.58059   -7.00277  -3.74383  1.000 20.49484 ?  60  PHE A C   1 
ATOM   512  O O   . PHE A 1 63  ? 9.58270   -7.62450  -3.36725  1.000 20.99521 ?  60  PHE A O   1 
ATOM   513  C CB  . PHE A 1 63  ? 7.97167   -5.56277  -1.80061  1.000 17.59516 ?  60  PHE A CB  1 
ATOM   514  C CG  . PHE A 1 63  ? 8.36241   -4.27436  -2.50213  1.000 14.66842 ?  60  PHE A CG  1 
ATOM   515  C CD1 . PHE A 1 63  ? 7.40312   -3.34522  -2.83970  1.000 19.80921 ?  60  PHE A CD1 1 
ATOM   516  C CD2 . PHE A 1 63  ? 9.68767   -4.00005  -2.79765  1.000 20.24937 ?  60  PHE A CD2 1 
ATOM   517  C CE1 . PHE A 1 63  ? 7.74101   -2.16621  -3.47247  1.000 23.51379 ?  60  PHE A CE1 1 
ATOM   518  C CE2 . PHE A 1 63  ? 10.04310  -2.81332  -3.44215  1.000 19.45833 ?  60  PHE A CE2 1 
ATOM   519  C CZ  . PHE A 1 63  ? 9.06097   -1.89820  -3.77375  1.000 20.45193 ?  60  PHE A CZ  1 
ATOM   520  N N   . LEU A 1 64  ? 8.40119   -6.60902  -5.01239  1.000 16.90206 ?  61  LEU A N   1 
ATOM   521  C CA  . LEU A 1 64  ? 9.41645   -6.87702  -6.03448  1.000 13.09820 ?  61  LEU A CA  1 
ATOM   522  C C   . LEU A 1 64  ? 10.14349  -5.62804  -6.51093  1.000 18.94350 ?  61  LEU A C   1 
ATOM   523  O O   . LEU A 1 64  ? 11.37472  -5.63829  -6.64705  1.000 21.29125 ?  61  LEU A O   1 
ATOM   524  C CB  . LEU A 1 64  ? 8.80435   -7.56306  -7.26420  1.000 15.85581 ?  61  LEU A CB  1 
ATOM   525  C CG  . LEU A 1 64  ? 8.00229   -8.85706  -7.12863  1.000 23.48268 ?  61  LEU A CG  1 
ATOM   526  C CD1 . LEU A 1 64  ? 7.98961   -9.57207  -8.46136  1.000 21.55803 ?  61  LEU A CD1 1 
ATOM   527  C CD2 . LEU A 1 64  ? 8.47551   -9.75711  -6.01814  1.000 22.02917 ?  61  LEU A CD2 1 
ATOM   528  N N   . ARG A 1 65  ? 9.42144   -4.56118  -6.81454  1.000 14.84497 ?  62  ARG A N   1 
ATOM   529  C CA  . ARG A 1 65  ? 10.03514  -3.39490  -7.44560  1.000 18.32557 ?  62  ARG A CA  1 
ATOM   530  C C   . ARG A 1 65  ? 9.15820   -2.15709  -7.29299  1.000 22.87678 ?  62  ARG A C   1 
ATOM   531  O O   . ARG A 1 65  ? 7.94407   -2.23034  -7.50122  1.000 19.63455 ?  62  ARG A O   1 
ATOM   532  C CB  . ARG A 1 65  ? 10.26682  -3.66553  -8.93542  1.000 14.93455 ?  62  ARG A CB  1 
ATOM   533  C CG  . ARG A 1 65  ? 10.57997  -2.42535  -9.74742  1.000 25.83652 ?  62  ARG A CG  1 
ATOM   534  C CD  . ARG A 1 65  ? 11.99834  -2.44590  -10.23770 1.000 25.81193 ?  62  ARG A CD  1 
ATOM   535  N NE  . ARG A 1 65  ? 12.40627  -1.14875  -10.75483 1.000 30.22130 ?  62  ARG A NE  1 
ATOM   536  C CZ  . ARG A 1 65  ? 13.43632  -0.98297  -11.56602 1.000 18.53542 ?  62  ARG A CZ  1 
ATOM   537  N NH1 . ARG A 1 65  ? 14.18134  -2.00298  -11.94181 1.000 23.16135 ?  62  ARG A NH1 1 
ATOM   538  N NH2 . ARG A 1 65  ? 13.71993  0.23570   -12.01471 1.000 27.03306 ?  62  ARG A NH2 1 
ATOM   539  N N   . LEU A 1 66  ? 9.78626   -1.01033  -6.99222  1.000 16.26167 ?  63  LEU A N   1 
ATOM   540  C CA  . LEU A 1 66  ? 9.12450   0.29859   -7.05713  1.000 19.38202 ?  63  LEU A CA  1 
ATOM   541  C C   . LEU A 1 66  ? 9.34403   0.92554   -8.43706  1.000 26.61219 ?  63  LEU A C   1 
ATOM   542  O O   . LEU A 1 66  ? 10.47178  0.95154   -8.93555  1.000 22.08570 ?  63  LEU A O   1 
ATOM   543  C CB  . LEU A 1 66  ? 9.66082   1.23468   -5.96362  1.000 21.66385 ?  63  LEU A CB  1 
ATOM   544  C CG  . LEU A 1 66  ? 9.26252   2.71762   -6.08818  1.000 19.11903 ?  63  LEU A CG  1 
ATOM   545  C CD1 . LEU A 1 66  ? 7.77930   2.89645   -5.81634  1.000 19.46334 ?  63  LEU A CD1 1 
ATOM   546  C CD2 . LEU A 1 66  ? 10.07554  3.61249   -5.14536  1.000 21.71744 ?  63  LEU A CD2 1 
ATOM   547  N N   . ILE A 1 67  ? 8.27326   1.42240   -9.05714  1.000 17.09187 ?  64  ILE A N   1 
ATOM   548  C CA  . ILE A 1 67  ? 8.35321   2.01367   -10.39305 1.000 21.45706 ?  64  ILE A CA  1 
ATOM   549  C C   . ILE A 1 67  ? 8.33732   3.53922   -10.35486 1.000 25.39875 ?  64  ILE A C   1 
ATOM   550  O O   . ILE A 1 67  ? 9.14840   4.18754   -11.01410 1.000 25.60091 ?  64  ILE A O   1 
ATOM   551  C CB  . ILE A 1 67  ? 7.21668   1.47477   -11.28568 1.000 20.69200 ?  64  ILE A CB  1 
ATOM   552  C CG1 . ILE A 1 67  ? 7.37639   -0.02538  -11.50318 1.000 24.26294 ?  64  ILE A CG1 1 
ATOM   553  C CG2 . ILE A 1 67  ? 7.21060   2.19816   -12.60423 1.000 26.51247 ?  64  ILE A CG2 1 
ATOM   554  C CD1 . ILE A 1 67  ? 6.29476   -0.59294  -12.37336 1.000 23.42968 ?  64  ILE A CD1 1 
ATOM   555  N N   . ARG A 1 68  ? 7.39416   4.14292   -9.62973  1.000 22.80064 ?  65  ARG A N   1 
ATOM   556  C CA  . ARG A 1 68  ? 7.33355   5.59712   -9.61211  1.000 29.29257 ?  65  ARG A CA  1 
ATOM   557  C C   . ARG A 1 68  ? 6.54802   6.08256   -8.39891  1.000 30.39986 ?  65  ARG A C   1 
ATOM   558  O O   . ARG A 1 68  ? 5.71483   5.35863   -7.84370  1.000 22.72894 ?  65  ARG A O   1 
ATOM   559  C CB  . ARG A 1 68  ? 6.70195   6.13492   -10.90751 1.000 28.90211 ?  65  ARG A CB  1 
ATOM   560  C CG  . ARG A 1 68  ? 5.24403   5.80370   -11.04906 1.000 33.42882 ?  65  ARG A CG  1 
ATOM   561  C CD  . ARG A 1 68  ? 4.65075   6.44253   -12.28885 1.000 45.29979 ?  65  ARG A CD  1 
ATOM   562  N NE  . ARG A 1 68  ? 4.81254   5.60624   -13.47170 1.000 52.62885 ?  65  ARG A NE  1 
ATOM   563  C CZ  . ARG A 1 68  ? 5.72535   5.80571   -14.41035 1.000 52.07773 ?  65  ARG A CZ  1 
ATOM   564  N NH1 . ARG A 1 68  ? 6.58596   6.80766   -14.33548 1.000 54.26433 ?  65  ARG A NH1 1 
ATOM   565  N NH2 . ARG A 1 68  ? 5.77030   4.98315   -15.45475 1.000 50.48593 ?  65  ARG A NH2 1 
ATOM   566  N N   . GLU A 1 69  ? 6.84413   7.31242   -7.98335  1.000 23.87228 ?  66  GLU A N   1 
ATOM   567  C CA  . GLU A 1 69  ? 6.08347   8.01369   -6.95567  1.000 27.28374 ?  66  GLU A CA  1 
ATOM   568  C C   . GLU A 1 69  ? 5.73510   9.39478   -7.48661  1.000 30.68640 ?  66  GLU A C   1 
ATOM   569  O O   . GLU A 1 69  ? 6.57625   10.04656  -8.11465  1.000 30.81075 ?  66  GLU A O   1 
ATOM   570  C CB  . GLU A 1 69  ? 6.88056   8.16468   -5.64926  1.000 34.01848 ?  66  GLU A CB  1 
ATOM   571  C CG  . GLU A 1 69  ? 7.19588   6.88440   -4.90036  1.000 30.07880 ?  66  GLU A CG  1 
ATOM   572  C CD  . GLU A 1 69  ? 8.12462   7.12211   -3.70414  1.000 35.07200 ?  66  GLU A CD  1 
ATOM   573  O OE1 . GLU A 1 69  ? 8.98427   8.02060   -3.78964  1.000 37.22293 ?  66  GLU A OE1 1 
ATOM   574  O OE2 . GLU A 1 69  ? 7.98439   6.42511   -2.67283  1.000 34.72546 -1 66  GLU A OE2 1 
ATOM   575  N N   . ARG A 1 70  ? 4.49978   9.84204   -7.24583  1.000 26.96477 ?  67  ARG A N   1 
ATOM   576  C CA  . ARG A 1 70  ? 4.07871   11.18191  -7.64056  1.000 31.32582 ?  67  ARG A CA  1 
ATOM   577  C C   . ARG A 1 70  ? 3.34124   11.84417  -6.48573  1.000 34.01293 ?  67  ARG A C   1 
ATOM   578  O O   . ARG A 1 70  ? 2.50031   11.21553  -5.83582  1.000 27.20601 ?  67  ARG A O   1 
ATOM   579  C CB  . ARG A 1 70  ? 3.18069   11.14507  -8.89366  1.000 36.13434 ?  67  ARG A CB  1 
ATOM   580  C CG  . ARG A 1 70  ? 3.73625   10.27535  -10.01654 1.000 47.96353 ?  67  ARG A CG  1 
ATOM   581  C CD  . ARG A 1 70  ? 3.22288   10.69661  -11.39243 1.000 71.74479 ?  67  ARG A CD  1 
ATOM   582  N NE  . ARG A 1 70  ? 1.79604   10.46099  -11.57977 1.000 78.13479 ?  67  ARG A NE  1 
ATOM   583  C CZ  . ARG A 1 70  ? 1.27745   9.32264   -12.02216 1.000 81.26479 ?  67  ARG A CZ  1 
ATOM   584  N NH1 . ARG A 1 70  ? 2.03464   8.26494   -12.25953 1.000 74.01479 ?  67  ARG A NH1 1 
ATOM   585  N NH2 . ARG A 1 70  ? -0.03337  9.24558   -12.23567 1.000 83.80479 ?  67  ARG A NH2 1 
ATOM   586  N N   . TYR A 1 71  ? 3.66847   13.11023  -6.22513  1.000 34.59443 ?  68  TYR A N   1 
ATOM   587  C CA  . TYR A 1 71  ? 3.08911   13.86436  -5.11974  1.000 39.80435 ?  68  TYR A CA  1 
ATOM   588  C C   . TYR A 1 71  ? 2.18461   14.96568  -5.65057  1.000 37.77362 ?  68  TYR A C   1 
ATOM   589  O O   . TYR A 1 71  ? 2.56541   15.70411  -6.56486  1.000 38.02508 ?  68  TYR A O   1 
ATOM   590  C CB  . TYR A 1 71  ? 4.16996   14.48514  -4.22737  1.000 42.15967 ?  68  TYR A CB  1 
ATOM   591  C CG  . TYR A 1 71  ? 3.61075   15.47517  -3.22444  1.000 48.18912 ?  68  TYR A CG  1 
ATOM   592  C CD1 . TYR A 1 71  ? 3.02719   15.03566  -2.04462  1.000 48.25085 ?  68  TYR A CD1 1 
ATOM   593  C CD2 . TYR A 1 71  ? 3.65587   16.84543  -3.46271  1.000 49.52895 ?  68  TYR A CD2 1 
ATOM   594  C CE1 . TYR A 1 71  ? 2.50260   15.93131  -1.12621  1.000 54.05843 ?  68  TYR A CE1 1 
ATOM   595  C CE2 . TYR A 1 71  ? 3.13332   17.74797  -2.55111  1.000 49.11260 ?  68  TYR A CE2 1 
ATOM   596  C CZ  . TYR A 1 71  ? 2.55955   17.28350  -1.38495  1.000 53.20727 ?  68  TYR A CZ  1 
ATOM   597  O OH  . TYR A 1 71  ? 2.03643   18.16444  -0.46379  1.000 55.58490 ?  68  TYR A OH  1 
ATOM   598  N N   . GLU A 1 72  ? 0.99315   15.06827  -5.06899  1.000 35.72246 ?  69  GLU A N   1 
ATOM   599  C CA  . GLU A 1 72  ? 0.12314   16.22087  -5.23717  1.000 38.64844 ?  69  GLU A CA  1 
ATOM   600  C C   . GLU A 1 72  ? -0.44837  16.57209  -3.87206  1.000 37.75451 ?  69  GLU A C   1 
ATOM   601  O O   . GLU A 1 72  ? -0.42261  15.75917  -2.94431  1.000 37.37010 ?  69  GLU A O   1 
ATOM   602  C CB  . GLU A 1 72  ? -1.01570  15.95965  -6.23609  1.000 35.80843 ?  69  GLU A CB  1 
ATOM   603  C CG  . GLU A 1 72  ? -0.55847  15.69368  -7.66090  1.000 46.26758 ?  69  GLU A CG  1 
ATOM   604  C CD  . GLU A 1 72  ? -1.62483  14.99615  -8.48117  1.000 53.70790 ?  69  GLU A CD  1 
ATOM   605  O OE1 . GLU A 1 72  ? -2.10867  13.93016  -8.03421  1.000 44.03955 ?  69  GLU A OE1 1 
ATOM   606  O OE2 . GLU A 1 72  ? -1.98066  15.51366  -9.56323  1.000 58.80503 -1 69  GLU A OE2 1 
ATOM   607  N N   . ASP A 1 73  ? -0.95466  17.80167  -3.75872  1.000 37.18496 ?  70  ASP A N   1 
ATOM   608  C CA  . ASP A 1 73  ? -1.57110  18.28245  -2.52526  1.000 36.59771 ?  70  ASP A CA  1 
ATOM   609  C C   . ASP A 1 73  ? -2.63069  17.29854  -2.04590  1.000 24.93966 ?  70  ASP A C   1 
ATOM   610  O O   . ASP A 1 73  ? -3.70607  17.19645  -2.64850  1.000 34.34288 ?  70  ASP A O   1 
ATOM   611  C CB  . ASP A 1 73  ? -2.18286  19.67100  -2.74781  1.000 39.83908 ?  70  ASP A CB  1 
ATOM   612  C CG  . ASP A 1 73  ? -2.54813  20.37594  -1.44954  1.000 42.17630 ?  70  ASP A CG  1 
ATOM   613  O OD1 . ASP A 1 73  ? -2.79311  19.69893  -0.42801  1.000 41.59705 ?  70  ASP A OD1 1 
ATOM   614  O OD2 . ASP A 1 73  ? -2.59739  21.62459  -1.45806  1.000 47.75453 -1 70  ASP A OD2 1 
ATOM   615  N N   . GLY A 1 74  ? -2.32024  16.55542  -0.98180  1.000 31.48778 ?  71  GLY A N   1 
ATOM   616  C CA  . GLY A 1 74  ? -3.25595  15.62491  -0.37929  1.000 31.90865 ?  71  GLY A CA  1 
ATOM   617  C C   . GLY A 1 74  ? -3.49438  14.34233  -1.14579  1.000 31.35624 ?  71  GLY A C   1 
ATOM   618  O O   . GLY A 1 74  ? -4.42335  13.59879  -0.80167  1.000 27.28232 ?  71  GLY A O   1 
ATOM   619  N N   . VAL A 1 75  ? -2.69814  14.05933  -2.17780  1.000 24.96569 ?  72  VAL A N   1 
ATOM   620  C CA  . VAL A 1 75  ? -2.86738  12.86263  -3.00360  1.000 23.59861 ?  72  VAL A CA  1 
ATOM   621  C C   . VAL A 1 75  ? -1.47856  12.33104  -3.34793  1.000 30.57554 ?  72  VAL A C   1 
ATOM   622  O O   . VAL A 1 75  ? -0.70910  13.00229  -4.04303  1.000 24.82155 ?  72  VAL A O   1 
ATOM   623  C CB  . VAL A 1 75  ? -3.66243  13.13149  -4.29007  1.000 25.97385 ?  72  VAL A CB  1 
ATOM   624  C CG1 . VAL A 1 75  ? -3.69931  11.87589  -5.13527  1.000 23.60612 ?  72  VAL A CG1 1 
ATOM   625  C CG2 . VAL A 1 75  ? -5.10196  13.61720  -3.98186  1.000 24.80663 ?  72  VAL A CG2 1 
ATOM   626  N N   . TYR A 1 76  ? -1.15977  11.13066  -2.87671  1.000 23.95426 ?  73  TYR A N   1 
ATOM   627  C CA  . TYR A 1 76  ? 0.13482   10.51156  -3.12566  1.000 25.50080 ?  73  TYR A CA  1 
ATOM   628  C C   . TYR A 1 76  ? -0.08259  9.23553   -3.92299  1.000 25.25591 ?  73  TYR A C   1 
ATOM   629  O O   . TYR A 1 76  ? -0.80289  8.33772   -3.46709  1.000 21.23428 ?  73  TYR A O   1 
ATOM   630  C CB  . TYR A 1 76  ? 0.85412   10.20679  -1.81354  1.000 28.78666 ?  73  TYR A CB  1 
ATOM   631  C CG  . TYR A 1 76  ? 2.32155   9.90474   -2.00007  1.000 38.38307 ?  73  TYR A CG  1 
ATOM   632  C CD1 . TYR A 1 76  ? 3.14725   10.79870  -2.67380  1.000 40.11625 ?  73  TYR A CD1 1 
ATOM   633  C CD2 . TYR A 1 76  ? 2.88682   8.73262   -1.50124  1.000 41.02928 ?  73  TYR A CD2 1 
ATOM   634  C CE1 . TYR A 1 76  ? 4.49472   10.53582  -2.85176  1.000 42.44385 ?  73  TYR A CE1 1 
ATOM   635  C CE2 . TYR A 1 76  ? 4.23446   8.46312   -1.67247  1.000 33.70479 ?  73  TYR A CE2 1 
ATOM   636  C CZ  . TYR A 1 76  ? 5.03371   9.36946   -2.34912  1.000 38.08417 ?  73  TYR A CZ  1 
ATOM   637  O OH  . TYR A 1 76  ? 6.38019   9.12263   -2.52463  1.000 49.82416 ?  73  TYR A OH  1 
ATOM   638  N N   . THR A 1 77  ? 0.55886   9.14794   -5.09312  1.000 22.43705 ?  74  THR A N   1 
ATOM   639  C CA  . THR A 1 77  ? 0.39566   8.03166   -6.02067  1.000 22.17730 ?  74  THR A CA  1 
ATOM   640  C C   . THR A 1 77  ? 1.71004   7.25871   -6.14278  1.000 27.61781 ?  74  THR A C   1 
ATOM   641  O O   . THR A 1 77  ? 2.75864   7.85321   -6.41083  1.000 21.62726 ?  74  THR A O   1 
ATOM   642  C CB  . THR A 1 77  ? -0.05856  8.53216   -7.39788  1.000 26.24119 ?  74  THR A CB  1 
ATOM   643  O OG1 . THR A 1 77  ? -1.24955  9.32273   -7.25846  1.000 25.53561 ?  74  THR A OG1 1 
ATOM   644  C CG2 . THR A 1 77  ? -0.35969  7.35700   -8.32541  1.000 28.30148 ?  74  THR A CG2 1 
ATOM   645  N N   . VAL A 1 78  ? 1.65502   5.94018   -5.92520  1.000 21.78396 ?  75  VAL A N   1 
ATOM   646  C CA  . VAL A 1 78  ? 2.81865   5.06537   -6.05028  1.000 23.26285 ?  75  VAL A CA  1 
ATOM   647  C C   . VAL A 1 78  ? 2.45285   3.92252   -6.98451  1.000 21.76565 ?  75  VAL A C   1 
ATOM   648  O O   . VAL A 1 78  ? 1.32819   3.41517   -6.93916  1.000 22.36190 ?  75  VAL A O   1 
ATOM   649  C CB  . VAL A 1 78  ? 3.27853   4.51776   -4.67746  1.000 23.05389 ?  75  VAL A CB  1 
ATOM   650  C CG1 . VAL A 1 78  ? 4.45611   3.55791   -4.84269  1.000 27.69657 ?  75  VAL A CG1 1 
ATOM   651  C CG2 . VAL A 1 78  ? 3.65263   5.65367   -3.72543  1.000 21.53072 ?  75  VAL A CG2 1 
ATOM   652  N N   . GLU A 1 79  ? 3.40158   3.50753   -7.82694  1.000 20.70535 ?  76  GLU A N   1 
ATOM   653  C CA  . GLU A 1 79  ? 3.24029   2.32585   -8.66761  1.000 21.87134 ?  76  GLU A CA  1 
ATOM   654  C C   . GLU A 1 79  ? 4.38751   1.36168   -8.38761  1.000 19.55707 ?  76  GLU A C   1 
ATOM   655  O O   . GLU A 1 79  ? 5.55152   1.73419   -8.53644  1.000 18.09971 ?  76  GLU A O   1 
ATOM   656  C CB  . GLU A 1 79  ? 3.21798   2.71213   -10.14609 1.000 24.98243 ?  76  GLU A CB  1 
ATOM   657  C CG  . GLU A 1 79  ? 3.07358   1.53041   -11.10027 1.000 27.23332 ?  76  GLU A CG  1 
ATOM   658  C CD  . GLU A 1 79  ? 3.18392   1.94609   -12.55246 1.000 28.04163 ?  76  GLU A CD  1 
ATOM   659  O OE1 . GLU A 1 79  ? 3.15979   3.16484   -12.82797 1.000 37.87828 ?  76  GLU A OE1 1 
ATOM   660  O OE2 . GLU A 1 79  ? 3.31595   1.05356   -13.41956 1.000 32.56466 -1 76  GLU A OE2 1 
ATOM   661  N N   . ASP A 1 80  ? 4.06386   0.12358   -7.99971  1.000 15.99121 ?  77  ASP A N   1 
ATOM   662  C CA  . ASP A 1 80  ? 5.09291   -0.87216  -7.71651  1.000 20.09421 ?  77  ASP A CA  1 
ATOM   663  C C   . ASP A 1 80  ? 4.62414   -2.23462  -8.23000  1.000 18.78822 ?  77  ASP A C   1 
ATOM   664  O O   . ASP A 1 80  ? 3.51913   -2.37055  -8.77322  1.000 19.66204 ?  77  ASP A O   1 
ATOM   665  C CB  . ASP A 1 80  ? 5.47092   -0.88733  -6.21901  1.000 19.22976 ?  77  ASP A CB  1 
ATOM   666  C CG  . ASP A 1 80  ? 4.26502   -1.00374  -5.28247  1.000 27.33220 ?  77  ASP A CG  1 
ATOM   667  O OD1 . ASP A 1 80  ? 3.23870   -1.61803  -5.64394  1.000 19.65202 ?  77  ASP A OD1 1 
ATOM   668  O OD2 . ASP A 1 80  ? 4.35148   -0.46046  -4.15718  1.000 24.23910 -1 77  ASP A OD2 1 
ATOM   669  N N   . ILE A 1 81  ? 5.51363   -3.22900  -8.13793  1.000 16.30079 ?  78  ILE A N   1 
ATOM   670  C CA  . ILE A 1 81  ? 5.25528   -4.59214  -8.58727  1.000 17.21070 ?  78  ILE A CA  1 
ATOM   671  C C   . ILE A 1 81  ? 5.30231   -5.48104  -7.35855  1.000 13.49547 ?  78  ILE A C   1 
ATOM   672  O O   . ILE A 1 81  ? 6.26203   -5.41162  -6.58331  1.000 13.92307 ?  78  ILE A O   1 
ATOM   673  C CB  . ILE A 1 81  ? 6.29602   -5.06091  -9.62804  1.000 16.07632 ?  78  ILE A CB  1 
ATOM   674  C CG1 . ILE A 1 81  ? 6.43875   -4.05173  -10.77569 1.000 20.87876 ?  78  ILE A CG1 1 
ATOM   675  C CG2 . ILE A 1 81  ? 5.97106   -6.44416  -10.13918 1.000 16.07776 ?  78  ILE A CG2 1 
ATOM   676  C CD1 . ILE A 1 81  ? 5.13617   -3.78469  -11.53951 1.000 23.54783 ?  78  ILE A CD1 1 
ATOM   677  N N   . VAL A 1 82  ? 4.26409   -6.30277  -7.16560  1.000 15.76339 ?  79  VAL A N   1 
ATOM   678  C CA  . VAL A 1 82  ? 4.17736   -7.18563  -6.00797  1.000 13.76132 ?  79  VAL A CA  1 
ATOM   679  C C   . VAL A 1 82  ? 3.84016   -8.59358  -6.48243  1.000 17.31660 ?  79  VAL A C   1 
ATOM   680  O O   . VAL A 1 82  ? 3.48691   -8.81797  -7.64500  1.000 17.90455 ?  79  VAL A O   1 
ATOM   681  C CB  . VAL A 1 82  ? 3.13799   -6.69995  -4.97098  1.000 17.35995 ?  79  VAL A CB  1 
ATOM   682  C CG1 . VAL A 1 82  ? 3.49580   -5.29865  -4.43830  1.000 16.71068 ?  79  VAL A CG1 1 
ATOM   683  C CG2 . VAL A 1 82  ? 1.72113   -6.71181  -5.57944  1.000 17.88990 ?  79  VAL A CG2 1 
ATOM   684  N N   . SER A 1 83  ? 3.94778   -9.54880  -5.56071  1.000 16.39125 ?  80  SER A N   1 
ATOM   685  C CA  A SER A 1 83  ? 3.61565   -10.93451 -5.86513  0.584 18.28070 ?  80  SER A CA  1 
ATOM   686  C CA  B SER A 1 83  ? 3.64075   -10.94087 -5.85403  0.416 18.39192 ?  80  SER A CA  1 
ATOM   687  C C   . SER A 1 83  ? 2.85017   -11.54176 -4.70248  1.000 21.78500 ?  80  SER A C   1 
ATOM   688  O O   . SER A 1 83  ? 2.79139   -10.98805 -3.60367  1.000 15.15739 ?  80  SER A O   1 
ATOM   689  C CB  A SER A 1 83  ? 4.87373   -11.76643 -6.17723  0.584 17.03200 ?  80  SER A CB  1 
ATOM   690  C CB  B SER A 1 83  ? 4.92116   -11.74674 -6.11104  0.416 16.98069 ?  80  SER A CB  1 
ATOM   691  O OG  A SER A 1 83  ? 5.53981   -12.17323 -4.99597  0.584 21.25074 ?  80  SER A OG  1 
ATOM   692  O OG  B SER A 1 83  ? 4.60702   -13.05750 -6.52882  0.416 19.53112 ?  80  SER A OG  1 
ATOM   693  N N   . ARG A 1 84  ? 2.23630   -12.69801 -4.95718  1.000 21.30930 ?  81  ARG A N   1 
ATOM   694  C CA  . ARG A 1 84  ? 1.52131   -13.44726 -3.93686  1.000 20.96295 ?  81  ARG A CA  1 
ATOM   695  C C   . ARG A 1 84  ? 2.18175   -14.80642 -3.71417  1.000 30.12737 ?  81  ARG A C   1 
ATOM   696  O O   . ARG A 1 84  ? 3.07838   -15.22570 -4.45836  1.000 29.61799 ?  81  ARG A O   1 
ATOM   697  C CB  . ARG A 1 84  ? 0.04549   -13.63718 -4.31507  1.000 30.24112 ?  81  ARG A CB  1 
ATOM   698  C CG  . ARG A 1 84  ? -0.66895  -12.33842 -4.67210  1.000 29.12370 ?  81  ARG A CG  1 
ATOM   699  C CD  . ARG A 1 84  ? -2.17219  -12.50439 -4.68500  1.000 31.13066 ?  81  ARG A CD  1 
ATOM   700  N NE  . ARG A 1 84  ? -2.63498  -13.62755 -5.49669  1.000 38.05691 ?  81  ARG A NE  1 
ATOM   701  C CZ  . ARG A 1 84  ? -3.84202  -13.68937 -6.05081  1.000 31.83292 ?  81  ARG A CZ  1 
ATOM   702  N NH1 . ARG A 1 84  ? -4.67772  -12.66689 -6.00046  1.000 30.62324 ?  81  ARG A NH1 1 
ATOM   703  N NH2 . ARG A 1 84  ? -4.21525  -14.79887 -6.68031  1.000 34.48405 ?  81  ARG A NH2 1 
ATOM   704  N N   . ASP A 1 85  ? 1.73127   -15.49064 -2.65344  1.000 29.64348 ?  82  ASP A N   1 
ATOM   705  C CA  . ASP A 1 85  ? 2.22513   -16.83843 -2.36281  1.000 32.32207 ?  82  ASP A CA  1 
ATOM   706  C C   . ASP A 1 85  ? 2.05380   -17.75794 -3.56400  1.000 32.50117 ?  82  ASP A C   1 
ATOM   707  O O   . ASP A 1 85  ? 2.92277   -18.58757 -3.86748  1.000 34.06790 ?  82  ASP A O   1 
ATOM   708  C CB  . ASP A 1 85  ? 1.48312   -17.43414 -1.16218  1.000 32.49819 ?  82  ASP A CB  1 
ATOM   709  C CG  . ASP A 1 85  ? 2.19547   -17.19553 0.15749   1.000 38.77312 ?  82  ASP A CG  1 
ATOM   710  O OD1 . ASP A 1 85  ? 3.42238   -16.94756 0.15507   1.000 43.99092 ?  82  ASP A OD1 1 
ATOM   711  O OD2 . ASP A 1 85  ? 1.52171   -17.29007 1.20190   1.000 39.03292 -1 82  ASP A OD2 1 
ATOM   712  N N   . ASP A 1 86  ? 0.93658   -17.62702 -4.26005  1.000 26.16431 ?  83  ASP A N   1 
ATOM   713  C CA  . ASP A 1 86  ? 0.59459   -18.59307 -5.28567  1.000 28.92707 ?  83  ASP A CA  1 
ATOM   714  C C   . ASP A 1 86  ? 1.31258   -18.33777 -6.60109  1.000 36.03959 ?  83  ASP A C   1 
ATOM   715  O O   . ASP A 1 86  ? 0.94399   -18.94205 -7.61187  1.000 33.60325 ?  83  ASP A O   1 
ATOM   716  C CB  . ASP A 1 86  ? -0.92375  -18.62400 -5.47007  1.000 26.01010 ?  83  ASP A CB  1 
ATOM   717  C CG  . ASP A 1 86  ? -1.49415  -17.28064 -5.86692  1.000 36.39592 ?  83  ASP A CG  1 
ATOM   718  O OD1 . ASP A 1 86  ? -0.71052  -16.37480 -6.22018  1.000 35.36479 ?  83  ASP A OD1 1 
ATOM   719  O OD2 . ASP A 1 86  ? -2.73920  -17.14310 -5.84644  1.000 42.28820 -1 83  ASP A OD2 1 
ATOM   720  N N   . GLY A 1 87  ? 2.34434   -17.49005 -6.59443  1.000 29.14513 ?  84  GLY A N   1 
ATOM   721  C CA  . GLY A 1 87  ? 3.14769   -17.20613 -7.76548  1.000 29.40670 ?  84  GLY A CA  1 
ATOM   722  C C   . GLY A 1 87  ? 2.60832   -16.15345 -8.70760  1.000 26.57139 ?  84  GLY A C   1 
ATOM   723  O O   . GLY A 1 87  ? 3.14990   -15.99152 -9.80711  1.000 24.04346 ?  84  GLY A O   1 
ATOM   724  N N   . ARG A 1 88  ? 1.55733   -15.43235 -8.33790  1.000 21.31446 ?  85  ARG A N   1 
ATOM   725  C CA  . ARG A 1 88  ? 0.97052   -14.46587 -9.25444  1.000 20.14446 ?  85  ARG A CA  1 
ATOM   726  C C   . ARG A 1 88  ? 1.56276   -13.07993 -9.04642  1.000 22.35383 ?  85  ARG A C   1 
ATOM   727  O O   . ARG A 1 88  ? 1.79744   -12.65253 -7.91072  1.000 18.65197 ?  85  ARG A O   1 
ATOM   728  C CB  . ARG A 1 88  ? -0.54451  -14.44740 -9.08380  1.000 26.86412 ?  85  ARG A CB  1 
ATOM   729  C CG  . ARG A 1 88  ? -1.11149  -15.81433 -9.39587  1.000 31.16890 ?  85  ARG A CG  1 
ATOM   730  C CD  . ARG A 1 88  ? -2.50854  -15.95819 -8.86786  1.000 37.74318 ?  85  ARG A CD  1 
ATOM   731  N NE  . ARG A 1 88  ? -3.48990  -15.27497 -9.69697  1.000 24.66872 ?  85  ARG A NE  1 
ATOM   732  C CZ  . ARG A 1 88  ? -3.97627  -15.78806 -10.81685 1.000 37.65335 ?  85  ARG A CZ  1 
ATOM   733  N NH1 . ARG A 1 88  ? -3.51708  -16.92879 -11.29919 1.000 31.10464 ?  85  ARG A NH1 1 
ATOM   734  N NH2 . ARG A 1 88  ? -4.95258  -15.14955 -11.45688 1.000 27.03502 ?  85  ARG A NH2 1 
ATOM   735  N N   . TYR A 1 89  ? 1.81670   -12.38931 -10.15577 1.000 14.67069 ?  86  TYR A N   1 
ATOM   736  C CA  . TYR A 1 89  ? 2.48961   -11.09929 -10.15483 1.000 17.67554 ?  86  TYR A CA  1 
ATOM   737  C C   . TYR A 1 89  ? 1.50467   -10.00105 -10.53404 1.000 15.66164 ?  86  TYR A C   1 
ATOM   738  O O   . TYR A 1 89  ? 0.66448   -10.20094 -11.41303 1.000 16.36945 ?  86  TYR A O   1 
ATOM   739  C CB  . TYR A 1 89  ? 3.66757   -11.11200 -11.13173 1.000 18.91121 ?  86  TYR A CB  1 
ATOM   740  C CG  . TYR A 1 89  ? 4.69408   -12.18968 -10.82573 1.000 19.08060 ?  86  TYR A CG  1 
ATOM   741  C CD1 . TYR A 1 89  ? 5.44094   -12.16024 -9.64669  1.000 18.09566 ?  86  TYR A CD1 1 
ATOM   742  C CD2 . TYR A 1 89  ? 4.92071   -13.23477 -11.71758 1.000 21.78796 ?  86  TYR A CD2 1 
ATOM   743  C CE1 . TYR A 1 89  ? 6.38837   -13.14456 -9.36163  1.000 20.14099 ?  86  TYR A CE1 1 
ATOM   744  C CE2 . TYR A 1 89  ? 5.87842   -14.23487 -11.43878 1.000 25.43476 ?  86  TYR A CE2 1 
ATOM   745  C CZ  . TYR A 1 89  ? 6.60713   -14.17769 -10.25549 1.000 25.24355 ?  86  TYR A CZ  1 
ATOM   746  O OH  . TYR A 1 89  ? 7.55272   -15.15745 -9.98031  1.000 25.54679 ?  86  TYR A OH  1 
ATOM   747  N N   . TYR A 1 90  ? 1.62003   -8.83373  -9.88076  1.000 16.13992 ?  87  TYR A N   1 
ATOM   748  C CA  . TYR A 1 90  ? 0.68474   -7.72721  -10.06554 1.000 16.51049 ?  87  TYR A CA  1 
ATOM   749  C C   . TYR A 1 90  ? 1.40241   -6.39657  -10.22582 1.000 18.01942 ?  87  TYR A C   1 
ATOM   750  O O   . TYR A 1 90  ? 2.39106   -6.11712  -9.53649  1.000 20.31902 ?  87  TYR A O   1 
ATOM   751  C CB  . TYR A 1 90  ? -0.30401  -7.62651  -8.87826  1.000 13.72699 ?  87  TYR A CB  1 
ATOM   752  C CG  . TYR A 1 90  ? -1.18956  -8.82607  -8.84039  1.000 14.04937 ?  87  TYR A CG  1 
ATOM   753  C CD1 . TYR A 1 90  ? -0.79356  -9.98944  -8.18674  1.000 17.37475 ?  87  TYR A CD1 1 
ATOM   754  C CD2 . TYR A 1 90  ? -2.40592  -8.82816  -9.51678  1.000 16.61445 ?  87  TYR A CD2 1 
ATOM   755  C CE1 . TYR A 1 90  ? -1.59207  -11.11268 -8.18516  1.000 19.62870 ?  87  TYR A CE1 1 
ATOM   756  C CE2 . TYR A 1 90  ? -3.19270  -9.94557  -9.53150  1.000 17.56456 ?  87  TYR A CE2 1 
ATOM   757  C CZ  . TYR A 1 90  ? -2.78258  -11.08385 -8.86394  1.000 20.40558 ?  87  TYR A CZ  1 
ATOM   758  O OH  . TYR A 1 90  ? -3.57534  -12.19953 -8.86429  1.000 19.97833 ?  87  TYR A OH  1 
ATOM   759  N N   . ARG A 1 91  ? 0.87486   -5.56902  -11.12695 1.000 18.37898 ?  88  ARG A N   1 
ATOM   760  C CA  . ARG A 1 91  ? 1.18725   -4.14359  -11.16562 1.000 12.14378 ?  88  ARG A CA  1 
ATOM   761  C C   . ARG A 1 91  ? 0.23083   -3.43872  -10.21075 1.000 20.54851 ?  88  ARG A C   1 
ATOM   762  O O   . ARG A 1 91  ? -0.99253  -3.53480  -10.36803 1.000 16.46297 ?  88  ARG A O   1 
ATOM   763  C CB  . ARG A 1 91  ? 1.04247   -3.57317  -12.57356 1.000 17.59573 ?  88  ARG A CB  1 
ATOM   764  C CG  . ARG A 1 91  ? 1.38413   -2.08962  -12.66154 1.000 21.15048 ?  88  ARG A CG  1 
ATOM   765  C CD  . ARG A 1 91  ? 1.15339   -1.54147  -14.05455 1.000 25.78695 ?  88  ARG A CD  1 
ATOM   766  N NE  . ARG A 1 91  ? 2.41945   -1.36242  -14.74672 1.000 36.97219 ?  88  ARG A NE  1 
ATOM   767  C CZ  . ARG A 1 91  ? 2.88213   -2.16910  -15.68786 1.000 38.74858 ?  88  ARG A CZ  1 
ATOM   768  N NH1 . ARG A 1 91  ? 2.15057   -3.16152  -16.16893 1.000 36.83492 ?  88  ARG A NH1 1 
ATOM   769  N NH2 . ARG A 1 91  ? 4.10788   -1.96945  -16.16316 1.000 34.18365 ?  88  ARG A NH2 1 
ATOM   770  N N   . HIS A 1 92  ? 0.78433   -2.73179  -9.23294  1.000 16.08405 ?  89  HIS A N   1 
ATOM   771  C CA  . HIS A 1 92  ? 0.00778   -2.13424  -8.15432  1.000 17.39100 ?  89  HIS A CA  1 
ATOM   772  C C   . HIS A 1 92  ? 0.11405   -0.61702  -8.22740  1.000 22.97759 ?  89  HIS A C   1 
ATOM   773  O O   . HIS A 1 92  ? 1.21789   -0.06316  -8.17082  1.000 17.47953 ?  89  HIS A O   1 
ATOM   774  C CB  . HIS A 1 92  ? 0.50273   -2.65238  -6.80709  1.000 18.50039 ?  89  HIS A CB  1 
ATOM   775  C CG  . HIS A 1 92  ? -0.15424  -2.00726  -5.63058  1.000 22.87709 ?  89  HIS A CG  1 
ATOM   776  N ND1 . HIS A 1 92  ? 0.55205   -1.60714  -4.51443  1.000 20.61467 ?  89  HIS A ND1 1 
ATOM   777  C CD2 . HIS A 1 92  ? -1.45094  -1.69101  -5.39072  1.000 18.80201 ?  89  HIS A CD2 1 
ATOM   778  C CE1 . HIS A 1 92  ? -0.28553  -1.08338  -3.63267  1.000 23.96912 ?  89  HIS A CE1 1 
ATOM   779  N NE2 . HIS A 1 92  ? -1.50935  -1.12626  -4.13931  1.000 17.07144 ?  89  HIS A NE2 1 
ATOM   780  N N   . THR A 1 93  ? -1.03544  0.05524   -8.33067  1.000 18.10899 ?  90  THR A N   1 
ATOM   781  C CA  . THR A 1 93  ? -1.10562  1.51297   -8.33968  1.000 22.11296 ?  90  THR A CA  1 
ATOM   782  C C   . THR A 1 93  ? -1.90670  1.92170   -7.10904  1.000 20.37495 ?  90  THR A C   1 
ATOM   783  O O   . THR A 1 93  ? -3.11006  1.64296   -7.02579  1.000 19.88209 ?  90  THR A O   1 
ATOM   784  C CB  . THR A 1 93  ? -1.74039  2.04634   -9.62611  1.000 22.43842 ?  90  THR A CB  1 
ATOM   785  O OG1 . THR A 1 93  ? -0.96007  1.64458   -10.76340 1.000 22.26062 ?  90  THR A OG1 1 
ATOM   786  C CG2 . THR A 1 93  ? -1.77770  3.57011   -9.58780  1.000 25.12730 ?  90  THR A CG2 1 
ATOM   787  N N   . SER A 1 94  ? -1.24835  2.56589   -6.15131  1.000 14.62630 ?  91  SER A N   1 
ATOM   788  C CA  A SER A 1 94  ? -1.90513  3.00813   -4.93006  0.539 17.53681 ?  91  SER A CA  1 
ATOM   789  C CA  B SER A 1 94  ? -1.85769  3.00993   -4.89811  0.461 17.61016 ?  91  SER A CA  1 
ATOM   790  C C   . SER A 1 94  ? -2.00772  4.52267   -4.91893  1.000 17.79800 ?  91  SER A C   1 
ATOM   791  O O   . SER A 1 94  ? -1.07081  5.23225   -5.29519  1.000 20.43808 ?  91  SER A O   1 
ATOM   792  C CB  A SER A 1 94  ? -1.15971  2.52447   -3.69095  0.539 21.32149 ?  91  SER A CB  1 
ATOM   793  C CB  B SER A 1 94  ? -1.00358  2.58007   -3.69719  0.461 21.25741 ?  91  SER A CB  1 
ATOM   794  O OG  A SER A 1 94  ? 0.15085   3.04417   -3.66925  0.539 18.57894 ?  91  SER A OG  1 
ATOM   795  O OG  B SER A 1 94  ? -1.37801  3.22759   -2.48270  0.461 17.82529 ?  91  SER A OG  1 
ATOM   796  N N   . THR A 1 95  ? -3.17351  5.01526   -4.51664  1.000 17.82768 ?  92  THR A N   1 
ATOM   797  C CA  . THR A 1 95  ? -3.48108  6.44173   -4.47837  1.000 20.65203 ?  92  THR A CA  1 
ATOM   798  C C   . THR A 1 95  ? -4.00379  6.73842   -3.07461  1.000 19.99206 ?  92  THR A C   1 
ATOM   799  O O   . THR A 1 95  ? -5.12335  6.34356   -2.73058  1.000 18.46030 ?  92  THR A O   1 
ATOM   800  C CB  . THR A 1 95  ? -4.51938  6.82355   -5.54427  1.000 19.10779 ?  92  THR A CB  1 
ATOM   801  O OG1 . THR A 1 95  ? -4.06057  6.44431   -6.85733  1.000 17.22065 ?  92  THR A OG1 1 
ATOM   802  C CG2 . THR A 1 95  ? -4.79379  8.31675   -5.54366  1.000 17.98319 ?  92  THR A CG2 1 
ATOM   803  N N   . LEU A 1 96  ? -3.17868  7.39428   -2.25928  1.000 17.80247 ?  93  LEU A N   1 
ATOM   804  C CA  . LEU A 1 96  ? -3.53489  7.77332   -0.89342  1.000 16.61895 ?  93  LEU A CA  1 
ATOM   805  C C   . LEU A 1 96  ? -4.16260  9.16255   -0.90443  1.000 17.99708 ?  93  LEU A C   1 
ATOM   806  O O   . LEU A 1 96  ? -3.49918  10.13473  -1.28586  1.000 20.07854 ?  93  LEU A O   1 
ATOM   807  C CB  . LEU A 1 96  ? -2.28743  7.78321   -0.00207  1.000 22.20296 ?  93  LEU A CB  1 
ATOM   808  C CG  . LEU A 1 96  ? -1.99082  6.62825   0.94706   1.000 29.63247 ?  93  LEU A CG  1 
ATOM   809  C CD1 . LEU A 1 96  ? -0.80953  7.01958   1.84907   1.000 32.75435 ?  93  LEU A CD1 1 
ATOM   810  C CD2 . LEU A 1 96  ? -3.21565  6.29721   1.77881   1.000 23.52919 ?  93  LEU A CD2 1 
ATOM   811  N N   . ARG A 1 97  ? -5.42697  9.26936   -0.47137  1.000 18.55585 ?  94  ARG A N   1 
ATOM   812  C CA  . ARG A 1 97  ? -6.16493  10.52952  -0.52862  1.000 17.73543 ?  94  ARG A CA  1 
ATOM   813  C C   . ARG A 1 97  ? -6.46695  11.03711  0.87801   1.000 17.29244 ?  94  ARG A C   1 
ATOM   814  O O   . ARG A 1 97  ? -7.16388  10.36562  1.64181   1.000 19.57144 ?  94  ARG A O   1 
ATOM   815  C CB  . ARG A 1 97  ? -7.47254  10.36667  -1.30523  1.000 16.63240 ?  94  ARG A CB  1 
ATOM   816  C CG  . ARG A 1 97  ? -7.25718  9.87970   -2.75375  1.000 15.51187 ?  94  ARG A CG  1 
ATOM   817  C CD  . ARG A 1 97  ? -8.56377  9.83128   -3.53456  1.000 18.93289 ?  94  ARG A CD  1 
ATOM   818  N NE  . ARG A 1 97  ? -8.30863  9.57607   -4.95002  1.000 18.04317 ?  94  ARG A NE  1 
ATOM   819  C CZ  . ARG A 1 97  ? -7.99551  10.50690  -5.84418  1.000 22.76452 ?  94  ARG A CZ  1 
ATOM   820  N NH1 . ARG A 1 97  ? -7.94479  11.78879  -5.52242  1.000 25.11822 ?  94  ARG A NH1 1 
ATOM   821  N NH2 . ARG A 1 97  ? -7.71436  10.13865  -7.09742  1.000 23.12897 ?  94  ARG A NH2 1 
ATOM   822  N N   . ARG A 1 98  ? -5.95634  12.22201  1.20280   1.000 17.32581 ?  95  ARG A N   1 
ATOM   823  C CA  . ARG A 1 98  ? -6.27681  12.86342  2.47653   1.000 19.76030 ?  95  ARG A CA  1 
ATOM   824  C C   . ARG A 1 98  ? -7.72982  13.30915  2.48965   1.000 18.84556 ?  95  ARG A C   1 
ATOM   825  O O   . ARG A 1 98  ? -8.24855  13.82836  1.49314   1.000 22.51128 ?  95  ARG A O   1 
ATOM   826  C CB  . ARG A 1 98  ? -5.36288  14.06178  2.71904   1.000 20.40271 ?  95  ARG A CB  1 
ATOM   827  C CG  . ARG A 1 98  ? -5.39152  14.60063  4.15926   1.000 23.18878 ?  95  ARG A CG  1 
ATOM   828  C CD  . ARG A 1 98  ? -4.44644  15.78874  4.29809   1.000 25.52339 ?  95  ARG A CD  1 
ATOM   829  N NE  . ARG A 1 98  ? -4.92887  16.88840  3.47658   1.000 31.10708 ?  95  ARG A NE  1 
ATOM   830  C CZ  . ARG A 1 98  ? -4.15522  17.77009  2.86483   1.000 37.00814 ?  95  ARG A CZ  1 
ATOM   831  N NH1 . ARG A 1 98  ? -2.83738  17.72537  2.97367   1.000 37.11976 ?  95  ARG A NH1 1 
ATOM   832  N NH2 . ARG A 1 98  ? -4.71739  18.70801  2.11245   1.000 31.29250 ?  95  ARG A NH2 1 
ATOM   833  N N   . GLN A 1 99  ? -8.39052  13.08194  3.61186   1.000 17.89188 ?  96  GLN A N   1 
ATOM   834  C CA  . GLN A 1 99  ? -9.79118  13.41590  3.81990   1.000 19.34279 ?  96  GLN A CA  1 
ATOM   835  C C   . GLN A 1 99  ? -9.91282  14.71391  4.60721   1.000 17.40793 ?  96  GLN A C   1 
ATOM   836  O O   . GLN A 1 99  ? -8.95293  15.16317  5.24691   1.000 18.10005 ?  96  GLN A O   1 
ATOM   837  C CB  . GLN A 1 99  ? -10.49766 12.27386  4.56865   1.000 19.09634 ?  96  GLN A CB  1 
ATOM   838  C CG  . GLN A 1 99  ? -10.32287 10.88805  3.90941   1.000 21.08588 ?  96  GLN A CG  1 
ATOM   839  C CD  . GLN A 1 99  ? -10.97875 10.81155  2.53866   1.000 19.75108 ?  96  GLN A CD  1 
ATOM   840  O OE1 . GLN A 1 99  ? -10.32683 10.52262  1.52252   1.000 23.93478 ?  96  GLN A OE1 1 
ATOM   841  N NE2 . GLN A 1 99  ? -12.27247 11.06908  2.49953   1.000 16.89262 ?  96  GLN A NE2 1 
ATOM   842  N N   . PRO A 1 100 ? -11.09738 15.34358  4.59366   1.000 21.20781 ?  97  PRO A N   1 
ATOM   843  C CA  . PRO A 1 100 ? -11.27764 16.58132  5.37478   1.000 21.64712 ?  97  PRO A CA  1 
ATOM   844  C C   . PRO A 1 100 ? -10.84464 16.48305  6.82630   1.000 20.87211 ?  97  PRO A C   1 
ATOM   845  O O   . PRO A 1 100 ? -10.30959 17.46741  7.35502   1.000 22.20974 ?  97  PRO A O   1 
ATOM   846  C CB  . PRO A 1 100 ? -12.78745 16.83712  5.25647   1.000 26.27486 ?  97  PRO A CB  1 
ATOM   847  C CG  . PRO A 1 100 ? -13.11917 16.29414  3.89635   1.000 21.71552 ?  97  PRO A CG  1 
ATOM   848  C CD  . PRO A 1 100 ? -12.25327 15.06628  3.72288   1.000 21.68251 ?  97  PRO A CD  1 
ATOM   849  N N   . ASP A 1 101 ? -11.05876 15.34691  7.48573   1.000 18.89716 ?  98  ASP A N   1 
ATOM   850  C CA  . ASP A 1 101 ? -10.70311 15.22022  8.89788   1.000 18.62357 ?  98  ASP A CA  1 
ATOM   851  C C   . ASP A 1 101 ? -9.25019  14.79873  9.11564   1.000 20.44829 ?  98  ASP A C   1 
ATOM   852  O O   . ASP A 1 101 ? -8.86158  14.51468  10.25388  1.000 19.12210 ?  98  ASP A O   1 
ATOM   853  C CB  . ASP A 1 101 ? -11.64566 14.24059  9.61137   1.000 22.56064 ?  98  ASP A CB  1 
ATOM   854  C CG  . ASP A 1 101 ? -11.49385 12.78780  9.15021   1.000 25.27294 ?  98  ASP A CG  1 
ATOM   855  O OD1 . ASP A 1 101 ? -10.61483 12.45946  8.32164   1.000 25.27648 ?  98  ASP A OD1 1 
ATOM   856  O OD2 . ASP A 1 101 ? -12.27976 11.95168  9.64693   1.000 29.97224 -1 98  ASP A OD2 1 
ATOM   857  N N   . GLY A 1 102 ? -8.44830  14.73572  8.05855   1.000 14.68578 ?  99  GLY A N   1 
ATOM   858  C CA  . GLY A 1 102 ? -7.04594  14.40857  8.20237   1.000 16.01539 ?  99  GLY A CA  1 
ATOM   859  C C   . GLY A 1 102 ? -6.69828  12.93486  8.19913   1.000 22.63064 ?  99  GLY A C   1 
ATOM   860  O O   . GLY A 1 102 ? -5.49814  12.60353  8.21727   1.000 18.36186 ?  99  GLY A O   1 
ATOM   861  N N   . SER A 1 103 ? -7.68496  12.03436  8.19844   1.000 19.50551 ?  100 SER A N   1 
ATOM   862  C CA  . SER A 1 103 ? -7.36411  10.64836  7.88165   1.000 20.02595 ?  100 SER A CA  1 
ATOM   863  C C   . SER A 1 103 ? -7.08755  10.50357  6.38080   1.000 18.52548 ?  100 SER A C   1 
ATOM   864  O O   . SER A 1 103 ? -7.30401  11.42420  5.59112   1.000 18.84539 ?  100 SER A O   1 
ATOM   865  C CB  . SER A 1 103 ? -8.49767  9.70816   8.31326   1.000 17.81939 ?  100 SER A CB  1 
ATOM   866  O OG  . SER A 1 103 ? -9.70385  9.96771   7.60549   1.000 21.28792 ?  100 SER A OG  1 
ATOM   867  N N   . TYR A 1 104 ? -6.56077  9.34163   5.99410   1.000 17.22699 ?  101 TYR A N   1 
ATOM   868  C CA  . TYR A 1 104 ? -6.32026  8.99777   4.59352   1.000 16.40290 ?  101 TYR A CA  1 
ATOM   869  C C   . TYR A 1 104 ? -7.12021  7.75481   4.20278   1.000 18.11969 ?  101 TYR A C   1 
ATOM   870  O O   . TYR A 1 104 ? -7.35092  6.86511   5.02614   1.000 19.74593 ?  101 TYR A O   1 
ATOM   871  C CB  . TYR A 1 104 ? -4.80865  8.75052   4.32384   1.000 16.91919 ?  101 TYR A CB  1 
ATOM   872  C CG  . TYR A 1 104 ? -3.94010  9.99333   4.41864   1.000 19.58592 ?  101 TYR A CG  1 
ATOM   873  C CD1 . TYR A 1 104 ? -3.47199  10.44013  5.64926   1.000 23.57835 ?  101 TYR A CD1 1 
ATOM   874  C CD2 . TYR A 1 104 ? -3.59427  10.72316  3.27993   1.000 22.91437 ?  101 TYR A CD2 1 
ATOM   875  C CE1 . TYR A 1 104 ? -2.69237  11.57415  5.75530   1.000 22.73333 ?  101 TYR A CE1 1 
ATOM   876  C CE2 . TYR A 1 104 ? -2.79606  11.86557  3.38051   1.000 22.81511 ?  101 TYR A CE2 1 
ATOM   877  C CZ  . TYR A 1 104 ? -2.36082  12.28308  4.62376   1.000 25.94010 ?  101 TYR A CZ  1 
ATOM   878  O OH  . TYR A 1 104 ? -1.56635  13.40477  4.75997   1.000 30.67036 ?  101 TYR A OH  1 
ATOM   879  N N   . VAL A 1 105 ? -7.53469  7.68944   2.93127   1.000 17.81735 ?  102 VAL A N   1 
ATOM   880  C CA  . VAL A 1 105 ? -8.11712  6.48732   2.33378   1.000 19.78086 ?  102 VAL A CA  1 
ATOM   881  C C   . VAL A 1 105 ? -7.19026  6.04619   1.21038   1.000 16.28212 ?  102 VAL A C   1 
ATOM   882  O O   . VAL A 1 105 ? -6.82417  6.85998   0.35618   1.000 17.92398 ?  102 VAL A O   1 
ATOM   883  C CB  . VAL A 1 105 ? -9.54236  6.72098   1.79353   1.000 20.27693 ?  102 VAL A CB  1 
ATOM   884  C CG1 . VAL A 1 105 ? -10.06340 5.45945   1.08738   1.000 21.36195 ?  102 VAL A CG1 1 
ATOM   885  C CG2 . VAL A 1 105 ? -10.50347 7.11061   2.91622   1.000 19.43107 ?  102 VAL A CG2 1 
ATOM   886  N N   . GLN A 1 106 ? -6.78084  4.78392   1.23037   1.000 14.86604 ?  103 GLN A N   1 
ATOM   887  C CA  . GLN A 1 106 ? -5.91905  4.24122   0.17616   1.000 15.01603 ?  103 GLN A CA  1 
ATOM   888  C C   . GLN A 1 106 ? -6.76987  3.53281   -0.86973  1.000 17.94128 ?  103 GLN A C   1 
ATOM   889  O O   . GLN A 1 106 ? -7.51690  2.60903   -0.53714  1.000 17.56811 ?  103 GLN A O   1 
ATOM   890  C CB  . GLN A 1 106 ? -4.88797  3.26818   0.74132   1.000 15.79858 ?  103 GLN A CB  1 
ATOM   891  C CG  . GLN A 1 106 ? -4.01956  2.62878   -0.35837  1.000 18.65019 ?  103 GLN A CG  1 
ATOM   892  C CD  . GLN A 1 106 ? -2.91085  1.74489   0.20194   1.000 27.59819 ?  103 GLN A CD  1 
ATOM   893  O OE1 . GLN A 1 106 ? -2.40509  1.98388   1.29570   1.000 27.86974 ?  103 GLN A OE1 1 
ATOM   894  N NE2 . GLN A 1 106 ? -2.55232  0.70352   -0.54103  1.000 23.47923 ?  103 GLN A NE2 1 
ATOM   895  N N   . TYR A 1 107 ? -6.64060  3.94114   -2.13212  1.000 14.29808 ?  104 TYR A N   1 
ATOM   896  C CA  . TYR A 1 107 ? -7.25513  3.22728   -3.25529  1.000 15.00718 ?  104 TYR A CA  1 
ATOM   897  C C   . TYR A 1 107 ? -6.16207  2.47157   -4.00756  1.000 15.94887 ?  104 TYR A C   1 
ATOM   898  O O   . TYR A 1 107 ? -5.26008  3.09276   -4.56983  1.000 18.82771 ?  104 TYR A O   1 
ATOM   899  C CB  . TYR A 1 107 ? -7.98969  4.18248   -4.19241  1.000 15.91309 ?  104 TYR A CB  1 
ATOM   900  C CG  . TYR A 1 107 ? -9.15844  4.85601   -3.50435  1.000 18.20573 ?  104 TYR A CG  1 
ATOM   901  C CD1 . TYR A 1 107 ? -8.96035  5.99822   -2.73750  1.000 18.72901 ?  104 TYR A CD1 1 
ATOM   902  C CD2 . TYR A 1 107 ? -10.44116 4.30992   -3.56760  1.000 17.19933 ?  104 TYR A CD2 1 
ATOM   903  C CE1 . TYR A 1 107 ? -10.02772 6.62043   -2.07605  1.000 21.89050 ?  104 TYR A CE1 1 
ATOM   904  C CE2 . TYR A 1 107 ? -11.51642 4.92072   -2.90185  1.000 22.50702 ?  104 TYR A CE2 1 
ATOM   905  C CZ  . TYR A 1 107 ? -11.29097 6.06862   -2.15598  1.000 22.28135 ?  104 TYR A CZ  1 
ATOM   906  O OH  . TYR A 1 107 ? -12.33473 6.68451   -1.49910  1.000 27.36968 ?  104 TYR A OH  1 
ATOM   907  N N   . SER A 1 108 ? -6.24521  1.14017   -4.01430  1.000 14.23874 ?  105 SER A N   1 
ATOM   908  C CA  . SER A 1 108 ? -5.26418  0.29457   -4.69628  1.000 11.80233 ?  105 SER A CA  1 
ATOM   909  C C   . SER A 1 108 ? -5.91126  -0.38910  -5.88946  1.000 19.37681 ?  105 SER A C   1 
ATOM   910  O O   . SER A 1 108 ? -6.98931  -0.96815  -5.76474  1.000 18.07086 ?  105 SER A O   1 
ATOM   911  C CB  . SER A 1 108 ? -4.69276  -0.76979  -3.75561  1.000 18.58857 ?  105 SER A CB  1 
ATOM   912  O OG  . SER A 1 108 ? -3.72795  -0.21114  -2.87961  1.000 22.05559 ?  105 SER A OG  1 
ATOM   913  N N   . GLN A 1 109 ? -5.23001  -0.34426  -7.02891  1.000 17.36036 ?  106 GLN A N   1 
ATOM   914  C CA  . GLN A 1 109 ? -5.62610  -1.06327  -8.23531  1.000 14.93245 ?  106 GLN A CA  1 
ATOM   915  C C   . GLN A 1 109 ? -4.53868  -2.09487  -8.50274  1.000 18.85696 ?  106 GLN A C   1 
ATOM   916  O O   . GLN A 1 109 ? -3.35418  -1.74944  -8.52094  1.000 21.06180 ?  106 GLN A O   1 
ATOM   917  C CB  . GLN A 1 109 ? -5.77554  -0.10852  -9.42861  1.000 15.40898 ?  106 GLN A CB  1 
ATOM   918  C CG  . GLN A 1 109 ? -6.05113  -0.82766  -10.77504 1.000 21.21592 ?  106 GLN A CG  1 
ATOM   919  C CD  . GLN A 1 109 ? -6.22604  0.11459   -11.96734 1.000 26.50996 ?  106 GLN A CD  1 
ATOM   920  O OE1 . GLN A 1 109 ? -5.68391  1.22290   -12.00025 1.000 25.43340 ?  106 GLN A OE1 1 
ATOM   921  N NE2 . GLN A 1 109 ? -6.98532  -0.34221  -12.96567 1.000 24.56259 ?  106 GLN A NE2 1 
ATOM   922  N N   . LEU A 1 110 ? -4.92938  -3.36333  -8.61387  1.000 17.80188 ?  107 LEU A N   1 
ATOM   923  C CA  . LEU A 1 110 ? -3.99127  -4.45930  -8.84295  1.000 14.30574 ?  107 LEU A CA  1 
ATOM   924  C C   . LEU A 1 110 ? -4.33513  -5.10030  -10.17709 1.000 17.60260 ?  107 LEU A C   1 
ATOM   925  O O   . LEU A 1 110 ? -5.46416  -5.56954  -10.36021 1.000 19.15799 ?  107 LEU A O   1 
ATOM   926  C CB  . LEU A 1 110 ? -4.06727  -5.49723  -7.72960  1.000 16.58114 ?  107 LEU A CB  1 
ATOM   927  C CG  . LEU A 1 110 ? -3.42403  -5.10616  -6.40331  1.000 22.40291 ?  107 LEU A CG  1 
ATOM   928  C CD1 . LEU A 1 110 ? -4.00879  -5.94872  -5.29743  1.000 32.13246 ?  107 LEU A CD1 1 
ATOM   929  C CD2 . LEU A 1 110 ? -1.92253  -5.28808  -6.48873  1.000 22.38954 ?  107 LEU A CD2 1 
ATOM   930  N N   . GLU A 1 111 ? -3.37834  -5.10086  -11.10798 1.000 16.65891 ?  108 GLU A N   1 
ATOM   931  C CA  . GLU A 1 111 ? -3.58003  -5.61767  -12.46174 1.000 14.68124 ?  108 GLU A CA  1 
ATOM   932  C C   . GLU A 1 111 ? -2.68245  -6.83248  -12.63731 1.000 14.17085 ?  108 GLU A C   1 
ATOM   933  O O   . GLU A 1 111 ? -1.46707  -6.71709  -12.46083 1.000 15.70283 ?  108 GLU A O   1 
ATOM   934  C CB  . GLU A 1 111 ? -3.21304  -4.57587  -13.52324 1.000 17.70704 ?  108 GLU A CB  1 
ATOM   935  C CG  . GLU A 1 111 ? -3.83380  -3.20562  -13.40139 1.000 25.96512 ?  108 GLU A CG  1 
ATOM   936  C CD  . GLU A 1 111 ? -3.17117  -2.22552  -14.35966 1.000 27.38562 ?  108 GLU A CD  1 
ATOM   937  O OE1 . GLU A 1 111 ? -2.71640  -2.66499  -15.44096 1.000 38.51101 ?  108 GLU A OE1 1 
ATOM   938  O OE2 . GLU A 1 111 ? -3.07611  -1.03323  -14.02918 1.000 35.68955 -1 108 GLU A OE2 1 
ATOM   939  N N   . LEU A 1 112 ? -3.27013  -7.97294  -13.01784 1.000 17.62931 ?  109 LEU A N   1 
ATOM   940  C CA  . LEU A 1 112 ? -2.51912  -9.22413  -13.09845 1.000 21.07864 ?  109 LEU A CA  1 
ATOM   941  C C   . LEU A 1 112 ? -1.45642  -9.18683  -14.19261 1.000 20.89539 ?  109 LEU A C   1 
ATOM   942  O O   . LEU A 1 112 ? -1.75320  -8.93746  -15.36478 1.000 16.96565 ?  109 LEU A O   1 
ATOM   943  C CB  . LEU A 1 112 ? -3.46734  -10.39662 -13.35226 1.000 23.41455 ?  109 LEU A CB  1 
ATOM   944  C CG  . LEU A 1 112 ? -2.78156  -11.76102 -13.54795 1.000 18.07486 ?  109 LEU A CG  1 
ATOM   945  C CD1 . LEU A 1 112 ? -2.02843  -12.19521 -12.27701 1.000 20.21320 ?  109 LEU A CD1 1 
ATOM   946  C CD2 . LEU A 1 112 ? -3.80422  -12.81691 -13.95716 1.000 23.89007 ?  109 LEU A CD2 1 
ATOM   947  N N   . LEU A 1 113 ? -0.21475  -9.48927  -13.81781 1.000 16.69914 ?  110 LEU A N   1 
ATOM   948  C CA  . LEU A 1 113 ? 0.85814   -9.59808  -14.79898 1.000 20.87674 ?  110 LEU A CA  1 
ATOM   949  C C   . LEU A 1 113 ? 1.14883   -11.03681 -15.20286 1.000 18.67335 ?  110 LEU A C   1 
ATOM   950  O O   . LEU A 1 113 ? 1.92744   -11.25378 -16.13970 1.000 25.60931 ?  110 LEU A O   1 
ATOM   951  C CB  . LEU A 1 113 ? 2.13933   -8.93304  -14.26989 1.000 17.74917 ?  110 LEU A CB  1 
ATOM   952  C CG  . LEU A 1 113 ? 2.03456   -7.40555  -14.22649 1.000 22.66364 ?  110 LEU A CG  1 
ATOM   953  C CD1 . LEU A 1 113 ? 3.30608   -6.79219  -13.64524 1.000 22.45466 ?  110 LEU A CD1 1 
ATOM   954  C CD2 . LEU A 1 113 ? 1.73963   -6.82615  -15.59321 1.000 24.42188 ?  110 LEU A CD2 1 
ATOM   955  N N   . GLY A 1 114 ? 0.55392   -12.01752 -14.52935 1.000 19.61142 ?  111 GLY A N   1 
ATOM   956  C CA  . GLY A 1 114 ? 0.63824   -13.41879 -14.90196 1.000 17.73454 ?  111 GLY A CA  1 
ATOM   957  C C   . GLY A 1 114 ? 1.27115   -14.26799 -13.81453 1.000 25.18558 ?  111 GLY A C   1 
ATOM   958  O O   . GLY A 1 114 ? 1.45514   -13.83937 -12.66771 1.000 22.11223 ?  111 GLY A O   1 
ATOM   959  N N   . SER A 1 115 ? 1.61314   -15.50201 -14.19574 1.000 21.94427 ?  112 SER A N   1 
ATOM   960  C CA  . SER A 1 115 ? 2.19047   -16.48455 -13.28433 1.000 25.66950 ?  112 SER A CA  1 
ATOM   961  C C   . SER A 1 115 ? 2.88014   -17.57386 -14.09648 1.000 29.52434 ?  112 SER A C   1 
ATOM   962  O O   . SER A 1 115 ? 2.61573   -17.74214 -15.28984 1.000 29.02395 ?  112 SER A O   1 
ATOM   963  C CB  . SER A 1 115 ? 1.12582   -17.11432 -12.39008 1.000 27.89929 ?  112 SER A CB  1 
ATOM   964  O OG  . SER A 1 115 ? 0.09303   -17.64321 -13.20204 1.000 35.05183 ?  112 SER A OG  1 
ATOM   965  N N   . GLY A 1 116 ? 3.74427   -18.33483 -13.42504 1.000 32.85822 ?  113 GLY A N   1 
ATOM   966  C CA  . GLY A 1 116 ? 4.46661   -19.42195 -14.07062 1.000 33.06167 ?  113 GLY A CA  1 
ATOM   967  C C   . GLY A 1 116 ? 3.65983   -20.68537 -14.33957 1.000 34.99122 ?  113 GLY A C   1 
ATOM   968  O O   . GLY A 1 116 ? 2.58588   -20.91200 -13.77839 1.000 31.59972 ?  113 GLY A O   1 
ATOM   969  O OXT . GLY A 1 116 ? 4.05685   -21.53480 -15.14187 1.000 32.56302 ?  113 GLY A OXT 1 
HETATM 970  O O   . HOH B 2 .   ? -12.73690 9.87704   10.30209  1.000 41.37030 ?  201 HOH A O   1 
HETATM 971  O O   . HOH B 2 .   ? 1.17048   20.19295  0.55871   1.000 42.66268 ?  202 HOH A O   1 
HETATM 972  O O   . HOH B 2 .   ? -1.60870  -16.25946 -14.29619 1.000 35.45375 ?  203 HOH A O   1 
HETATM 973  O O   . HOH B 2 .   ? 7.01856   4.66940   14.59867  1.000 33.09086 ?  204 HOH A O   1 
HETATM 974  O O   . HOH B 2 .   ? 11.13600  -12.13427 -2.31610  1.000 42.71854 ?  205 HOH A O   1 
HETATM 975  O O   . HOH B 2 .   ? 2.98257   -2.17770  -2.14711  1.000 35.01829 ?  206 HOH A O   1 
HETATM 976  O O   . HOH B 2 .   ? -3.45538  8.26679   -8.59144  1.000 29.74551 ?  207 HOH A O   1 
HETATM 977  O O   . HOH B 2 .   ? -5.79414  -12.28823 -10.26199 1.000 24.33926 ?  208 HOH A O   1 
HETATM 978  O O   . HOH B 2 .   ? -0.58873  -3.97898  -16.23842 1.000 36.19468 ?  209 HOH A O   1 
HETATM 979  O O   . HOH B 2 .   ? 5.25164   -9.11822  11.22329  1.000 27.13800 ?  210 HOH A O   1 
HETATM 980  O O   . HOH B 2 .   ? 4.78990   6.78298   16.83712  1.000 31.49669 ?  211 HOH A O   1 
HETATM 981  O O   . HOH B 2 .   ? -3.44237  -17.64293 3.77806   1.000 33.21572 ?  212 HOH A O   1 
HETATM 982  O O   . HOH B 2 .   ? 5.52729   -2.26539  18.52586  1.000 29.31988 ?  213 HOH A O   1 
HETATM 983  O O   . HOH B 2 .   ? 0.06961   5.47142   -2.46247  1.000 27.23750 ?  214 HOH A O   1 
HETATM 984  O O   . HOH B 2 .   ? -0.61242  11.91495  -6.96236  1.000 28.68440 ?  215 HOH A O   1 
HETATM 985  O O   . HOH B 2 .   ? -3.73429  -1.65581  14.99837  1.000 21.93585 ?  216 HOH A O   1 
HETATM 986  O O   . HOH B 2 .   ? 8.64413   -9.10793  0.07309   1.000 23.73180 ?  217 HOH A O   1 
HETATM 987  O O   . HOH B 2 .   ? 0.71276   -3.72326  16.56081  1.000 23.13978 ?  218 HOH A O   1 
HETATM 988  O O   . HOH B 2 .   ? 7.05591   -2.70123  14.29028  1.000 18.32165 ?  219 HOH A O   1 
HETATM 989  O O   . HOH B 2 .   ? 9.32049   -16.26338 -11.74001 1.000 35.34272 ?  220 HOH A O   1 
HETATM 990  O O   . HOH B 2 .   ? -4.75581  5.70501   12.89411  1.000 27.29021 ?  221 HOH A O   1 
HETATM 991  O O   . HOH B 2 .   ? 6.86365   -6.43630  13.53182  1.000 29.64058 ?  222 HOH A O   1 
HETATM 992  O O   . HOH B 2 .   ? -4.83519  3.91867   -7.58861  1.000 20.01441 ?  223 HOH A O   1 
HETATM 993  O O   . HOH B 2 .   ? -6.93210  17.39187  1.17051   1.000 39.55170 ?  224 HOH A O   1 
HETATM 994  O O   . HOH B 2 .   ? -8.30793  -15.16658 7.32231   1.000 21.09129 ?  225 HOH A O   1 
HETATM 995  O O   . HOH B 2 .   ? -7.90864  -12.06389 3.83772   1.000 19.10026 ?  226 HOH A O   1 
HETATM 996  O O   . HOH B 2 .   ? 4.69908   -18.05736 -10.81910 1.000 28.12150 ?  227 HOH A O   1 
HETATM 997  O O   . HOH B 2 .   ? -1.50945  -17.20682 0.31137   1.000 31.66312 ?  228 HOH A O   1 
HETATM 998  O O   . HOH B 2 .   ? -5.08600  3.33122   -10.27598 1.000 27.23221 ?  229 HOH A O   1 
HETATM 999  O O   . HOH B 2 .   ? -6.80979  13.34130  -7.54313  1.000 39.44411 ?  230 HOH A O   1 
HETATM 1000 O O   . HOH B 2 .   ? 1.80856   0.81891   -5.13310  1.000 33.17239 ?  231 HOH A O   1 
HETATM 1001 O O   . HOH B 2 .   ? 2.04323   -14.76726 4.72283   1.000 21.62787 ?  232 HOH A O   1 
HETATM 1002 O O   . HOH B 2 .   ? -7.65595  17.58654  4.68763   1.000 28.05544 ?  233 HOH A O   1 
HETATM 1003 O O   . HOH B 2 .   ? -2.01559  -0.95044  -11.42280 1.000 22.30507 ?  234 HOH A O   1 
HETATM 1004 O O   . HOH B 2 .   ? -10.37680 15.56309  0.85545   1.000 34.60724 ?  235 HOH A O   1 
HETATM 1005 O O   . HOH B 2 .   ? -8.48574  13.41499  -3.27266  1.000 29.13774 ?  236 HOH A O   1 
HETATM 1006 O O   . HOH B 2 .   ? -14.47941 -6.27660  0.46864   1.000 29.00011 ?  237 HOH A O   1 
HETATM 1007 O O   . HOH B 2 .   ? -13.95420 -4.65650  5.37371   1.000 22.96687 ?  238 HOH A O   1 
HETATM 1008 O O   . HOH B 2 .   ? -11.91779 8.41312   6.70288   1.000 33.95140 ?  239 HOH A O   1 
HETATM 1009 O O   . HOH B 2 .   ? -2.51252  -20.17771 7.07579   1.000 33.07591 ?  240 HOH A O   1 
HETATM 1010 O O   . HOH B 2 .   ? -8.83526  -8.55597  -6.85608  1.000 21.35140 ?  241 HOH A O   1 
HETATM 1011 O O   . HOH B 2 .   ? -3.34981  11.60806  9.86810   1.000 33.36810 ?  242 HOH A O   1 
HETATM 1012 O O   . HOH B 2 .   ? 1.07580   11.17260  11.89485  1.000 40.34464 ?  243 HOH A O   1 
HETATM 1013 O O   . HOH B 2 .   ? 10.21326  -0.97328  7.93391   1.000 29.07813 ?  244 HOH A O   1 
HETATM 1014 O O   . HOH B 2 .   ? -7.17640  14.48545  -1.16852  1.000 24.83232 ?  245 HOH A O   1 
HETATM 1015 O O   . HOH B 2 .   ? -6.16243  -8.39006  -12.87932 1.000 27.40167 ?  246 HOH A O   1 
HETATM 1016 O O   . HOH B 2 .   ? -10.12496 0.55780   -5.55069  1.000 19.81179 ?  247 HOH A O   1 
HETATM 1017 O O   . HOH B 2 .   ? 7.52157   -0.09100  17.04063  1.000 30.81839 ?  248 HOH A O   1 
HETATM 1018 O O   . HOH B 2 .   ? -6.33558  4.06268   11.41290  1.000 32.04015 ?  249 HOH A O   1 
HETATM 1019 O O   . HOH B 2 .   ? -12.24711 -8.30835  0.18366   1.000 28.39477 ?  250 HOH A O   1 
HETATM 1020 O O   . HOH B 2 .   ? 3.27182   11.32952  11.20488  1.000 38.40874 ?  251 HOH A O   1 
HETATM 1021 O O   . HOH B 2 .   ? -1.67232  -6.17343  -16.52203 1.000 35.07299 ?  252 HOH A O   1 
HETATM 1022 O O   . HOH B 2 .   ? 13.32297  -5.37034  -8.92809  1.000 30.74470 ?  253 HOH A O   1 
HETATM 1023 O O   . HOH B 2 .   ? -11.47991 10.75350  -1.26444  1.000 40.06097 ?  254 HOH A O   1 
HETATM 1024 O O   . HOH B 2 .   ? -6.87024  8.28700   10.98650  1.000 31.54426 ?  255 HOH A O   1 
HETATM 1025 O O   . HOH B 2 .   ? -16.72880 -4.64216  -0.82401  1.000 21.39878 ?  256 HOH A O   1 
HETATM 1026 O O   . HOH B 2 .   ? 5.64762   -13.23740 7.47362   1.000 37.18361 ?  257 HOH A O   1 
HETATM 1027 O O   . HOH B 2 .   ? -14.49825 1.91640   6.55495   1.000 38.56479 ?  258 HOH A O   1 
HETATM 1028 O O   . HOH B 2 .   ? 3.82601   2.75933   16.14612  1.000 21.59674 ?  259 HOH A O   1 
HETATM 1029 O O   . HOH B 2 .   ? -13.53627 13.63096  6.68111   1.000 30.98988 ?  260 HOH A O   1 
HETATM 1030 O O   . HOH B 2 .   ? 6.28709   2.39489   14.61057  1.000 32.53304 ?  261 HOH A O   1 
HETATM 1031 O O   . HOH B 2 .   ? -4.50677  -7.74318  -16.38201 1.000 27.13305 ?  262 HOH A O   1 
HETATM 1032 O O   . HOH B 2 .   ? -12.02121 -2.03088  -9.58988  1.000 31.15216 ?  263 HOH A O   1 
HETATM 1033 O O   . HOH B 2 .   ? 4.72154   -10.79619 9.78877   1.000 35.25105 ?  264 HOH A O   1 
HETATM 1034 O O   . HOH B 2 .   ? -1.67655  -19.26538 4.93928   1.000 35.53767 ?  265 HOH A O   1 
HETATM 1035 O O   . HOH B 2 .   ? -6.15177  -16.95195 8.53027   1.000 33.17020 ?  266 HOH A O   1 
HETATM 1036 O O   . HOH B 2 .   ? -6.11200  -8.72671  -7.24518  1.000 26.72694 ?  267 HOH A O   1 
HETATM 1037 O O   . HOH B 2 .   ? -4.29647  11.61871  -9.57387  1.000 41.94598 ?  268 HOH A O   1 
HETATM 1038 O O   . HOH B 2 .   ? 10.45950  -11.23063 -0.25398  1.000 32.23045 ?  269 HOH A O   1 
HETATM 1039 O O   . HOH B 2 .   ? -13.16865 0.29013   -8.68601  1.000 36.22512 ?  270 HOH A O   1 
HETATM 1040 O O   . HOH B 2 .   ? -8.84107  4.78686   12.07191  1.000 37.01204 ?  271 HOH A O   1 
HETATM 1041 O O   . HOH B 2 .   ? -8.63646  13.62703  -9.18657  1.000 35.68636 ?  272 HOH A O   1 
# 
